data_9BH7
#
_entry.id   9BH7
#
_cell.length_a   1.00
_cell.length_b   1.00
_cell.length_c   1.00
_cell.angle_alpha   90.00
_cell.angle_beta   90.00
_cell.angle_gamma   90.00
#
_symmetry.space_group_name_H-M   'P 1'
#
_entity_poly.entity_id   1
_entity_poly.type   'polypeptide(L)'
_entity_poly.pdbx_seq_one_letter_code
;NLLRRSGKRRRSESGSDSFSGSGGDSSASPQFLSGSVLSPPPGLGRCLKAAAAGECKPTVPDYERDKLLLANWGLPKAVL
EKYHSFGVKKMFEWQAECLLLGQVLEGKNLVYSAPTSAGKTLVAELLILKRVLEMRKKALFILPFVSVAKEKKYYLQSLF
QEVGIKVDGYMGSTSPSRHFSSLDIAVCTIERANGLINRLIEENKMDLLGMVVVDELHMLGDSHRGYLLELLLTKICYIT
RKSASCQADLASSLSNAVQIVGMSATLPNLELVASWLNAELYHTDFRPVPLLESVKVGNSIYDSSMKLVREFEPMLQVKG
DEDHVVSLCYETICDNHSVLLFCPSKKWCEKLADIIAREFYNLHHQAEGLVKPSECPPVILEQKELLEVMDQLRRLPSGL
DSVLQKTVPWGVAFHHAGLTFEERDIIEGAFRQGLIRVLAATSTLSSGVNLPARRVIIRTPIFGGRPLDILTYKQMVGRA
GRKGVDTVGESILICKNSEKSKGIALLQGSLKPVRSCLQRREGEEVTGSMIRAILEIIVGGVASTSQDMHTYAACTFLAA
SMKEGKQGIQRNQESVQLGAIEACVMWLLENEFIQSTEASDGTEGKVYHPTHLGSATLSSSLSPADTLDIFADLQRAMKG
FVLENDLHILYLVTPMFEDWTTIDWYRFFCLWEKLPTSMKRVAELVGVEEGFLARCVKGKVVARTERQHRQMAIHKRFFT
SLVLLDLISEVPLREINQKYGCNRGQIQSLQQSAAVYAGMITVFSNRLGWHNMELLLSQFQKRLTFGIQRELCDLVRVSL
LNAQRARVLYASGFHTVADLARANIVEVEVILKNAVPFKSARKAVDEEEEAVEERRNMRTIWVTGRKGLTEREAAALIVE
EARMILQQDLVEM
;
_entity_poly.pdbx_strand_id   A,B
#
# COMPACT_ATOMS: atom_id res chain seq x y z
N ASP A 66 -52.12 -17.54 -27.88
CA ASP A 66 -51.45 -17.14 -29.11
C ASP A 66 -49.97 -17.51 -29.11
N LYS A 67 -49.44 -17.80 -27.92
CA LYS A 67 -48.02 -18.09 -27.69
C LYS A 67 -47.12 -16.90 -28.08
N LEU A 68 -47.68 -15.71 -28.21
CA LEU A 68 -46.91 -14.52 -28.48
C LEU A 68 -46.97 -13.49 -27.36
N LEU A 69 -48.05 -13.46 -26.59
CA LEU A 69 -48.04 -12.73 -25.33
C LEU A 69 -47.17 -13.49 -24.32
N LEU A 70 -46.20 -12.78 -23.73
CA LEU A 70 -45.14 -13.44 -22.97
C LEU A 70 -45.69 -14.25 -21.80
N ALA A 71 -46.86 -13.87 -21.28
CA ALA A 71 -47.49 -14.65 -20.22
C ALA A 71 -47.70 -16.11 -20.63
N ASN A 72 -47.92 -16.38 -21.91
CA ASN A 72 -48.03 -17.77 -22.35
C ASN A 72 -46.72 -18.53 -22.16
N TRP A 73 -45.57 -17.85 -22.27
CA TRP A 73 -44.30 -18.54 -22.10
C TRP A 73 -44.02 -18.89 -20.65
N GLY A 74 -44.50 -18.08 -19.71
CA GLY A 74 -44.35 -18.37 -18.30
C GLY A 74 -43.06 -17.83 -17.70
N LEU A 75 -42.66 -16.63 -18.13
CA LEU A 75 -41.50 -15.99 -17.54
C LEU A 75 -41.74 -15.64 -16.07
N PRO A 76 -40.68 -15.45 -15.31
CA PRO A 76 -40.82 -14.83 -13.98
C PRO A 76 -41.56 -13.51 -14.05
N LYS A 77 -42.56 -13.35 -13.17
CA LYS A 77 -43.42 -12.18 -13.17
C LYS A 77 -42.63 -10.87 -13.08
N ALA A 78 -41.52 -10.88 -12.33
CA ALA A 78 -40.67 -9.70 -12.22
C ALA A 78 -40.19 -9.19 -13.58
N VAL A 79 -39.69 -10.07 -14.45
CA VAL A 79 -39.22 -9.62 -15.76
C VAL A 79 -40.40 -9.28 -16.65
N LEU A 80 -41.50 -10.02 -16.54
CA LEU A 80 -42.70 -9.74 -17.32
C LEU A 80 -43.22 -8.32 -17.10
N GLU A 81 -43.38 -7.92 -15.85
CA GLU A 81 -43.84 -6.57 -15.54
C GLU A 81 -42.87 -5.49 -15.99
N LYS A 82 -41.57 -5.72 -15.82
CA LYS A 82 -40.59 -4.73 -16.29
C LYS A 82 -40.53 -4.65 -17.81
N TYR A 83 -40.66 -5.78 -18.52
CA TYR A 83 -40.80 -5.71 -19.97
C TYR A 83 -42.04 -4.92 -20.37
N HIS A 84 -43.16 -5.10 -19.64
CA HIS A 84 -44.33 -4.28 -19.92
C HIS A 84 -44.07 -2.81 -19.66
N SER A 85 -43.26 -2.49 -18.64
CA SER A 85 -42.89 -1.10 -18.45
C SER A 85 -41.99 -0.59 -19.57
N PHE A 86 -41.16 -1.46 -20.14
CA PHE A 86 -40.38 -1.09 -21.32
C PHE A 86 -41.24 -1.10 -22.59
N GLY A 87 -42.24 -1.97 -22.64
CA GLY A 87 -43.17 -2.02 -23.76
C GLY A 87 -43.23 -3.34 -24.48
N VAL A 88 -42.41 -4.33 -24.12
CA VAL A 88 -42.37 -5.61 -24.82
C VAL A 88 -43.48 -6.50 -24.27
N LYS A 89 -44.73 -6.20 -24.63
CA LYS A 89 -45.82 -7.09 -24.29
C LYS A 89 -45.90 -8.28 -25.22
N LYS A 90 -45.45 -8.12 -26.46
CA LYS A 90 -45.54 -9.17 -27.47
C LYS A 90 -44.19 -9.33 -28.15
N MET A 91 -43.76 -10.57 -28.33
CA MET A 91 -42.60 -10.88 -29.15
C MET A 91 -42.99 -11.07 -30.62
N PHE A 92 -42.08 -10.68 -31.51
CA PHE A 92 -42.31 -10.88 -32.93
C PHE A 92 -42.25 -12.36 -33.28
N GLU A 93 -42.93 -12.73 -34.37
CA GLU A 93 -42.93 -14.11 -34.84
C GLU A 93 -41.53 -14.66 -35.05
N TRP A 94 -40.62 -13.83 -35.59
CA TRP A 94 -39.26 -14.28 -35.82
C TRP A 94 -38.52 -14.58 -34.52
N GLN A 95 -38.79 -13.83 -33.46
CA GLN A 95 -38.18 -14.13 -32.16
C GLN A 95 -38.74 -15.40 -31.56
N ALA A 96 -40.05 -15.62 -31.68
CA ALA A 96 -40.66 -16.84 -31.19
C ALA A 96 -40.13 -18.09 -31.89
N GLU A 97 -40.06 -18.04 -33.22
CA GLU A 97 -39.44 -19.14 -33.97
C GLU A 97 -37.99 -19.36 -33.58
N CYS A 98 -37.21 -18.28 -33.46
CA CYS A 98 -35.78 -18.42 -33.18
C CYS A 98 -35.53 -19.10 -31.83
N LEU A 99 -36.36 -18.82 -30.83
CA LEU A 99 -36.24 -19.54 -29.57
C LEU A 99 -36.76 -20.97 -29.66
N LEU A 100 -37.80 -21.20 -30.45
CA LEU A 100 -38.34 -22.53 -30.69
C LEU A 100 -37.48 -23.40 -31.58
N LEU A 101 -36.49 -22.81 -32.26
CA LEU A 101 -35.99 -23.36 -33.53
C LEU A 101 -35.59 -24.82 -33.44
N GLY A 102 -35.11 -25.26 -32.27
CA GLY A 102 -34.80 -26.66 -32.09
C GLY A 102 -33.97 -26.92 -30.84
N GLN A 103 -32.80 -27.53 -31.02
CA GLN A 103 -31.87 -27.69 -29.89
C GLN A 103 -31.37 -26.36 -29.36
N VAL A 104 -31.70 -25.25 -30.01
CA VAL A 104 -31.40 -23.92 -29.46
C VAL A 104 -31.91 -23.80 -28.03
N LEU A 105 -33.20 -24.10 -27.83
CA LEU A 105 -33.81 -23.98 -26.51
C LEU A 105 -33.25 -25.01 -25.53
N GLU A 106 -32.65 -26.10 -26.02
CA GLU A 106 -32.11 -27.15 -25.18
C GLU A 106 -30.61 -27.01 -24.93
N GLY A 107 -29.99 -25.96 -25.45
CA GLY A 107 -28.60 -25.65 -25.12
C GLY A 107 -27.62 -25.72 -26.27
N LYS A 108 -28.05 -26.00 -27.50
CA LYS A 108 -27.13 -25.99 -28.62
C LYS A 108 -26.65 -24.58 -28.89
N ASN A 109 -25.43 -24.46 -29.41
CA ASN A 109 -24.92 -23.16 -29.82
C ASN A 109 -25.87 -22.53 -30.84
N LEU A 110 -25.88 -21.20 -30.87
CA LEU A 110 -26.78 -20.48 -31.76
C LEU A 110 -26.06 -19.30 -32.36
N VAL A 111 -26.32 -19.03 -33.64
CA VAL A 111 -25.95 -17.79 -34.28
C VAL A 111 -27.18 -17.27 -35.01
N TYR A 112 -27.47 -15.98 -34.85
CA TYR A 112 -28.57 -15.36 -35.58
C TYR A 112 -28.19 -13.94 -35.96
N SER A 113 -28.79 -13.46 -37.04
CA SER A 113 -28.61 -12.07 -37.45
C SER A 113 -29.96 -11.49 -37.81
N ALA A 114 -30.16 -10.23 -37.43
CA ALA A 114 -31.36 -9.48 -37.75
C ALA A 114 -30.99 -8.01 -37.74
N PRO A 115 -31.77 -7.16 -38.42
CA PRO A 115 -31.55 -5.71 -38.29
C PRO A 115 -31.53 -5.28 -36.84
N THR A 116 -30.72 -4.24 -36.56
CA THR A 116 -30.60 -3.73 -35.20
C THR A 116 -31.94 -3.32 -34.60
N SER A 117 -32.88 -2.89 -35.43
CA SER A 117 -34.23 -2.54 -34.99
C SER A 117 -35.11 -3.74 -34.69
N ALA A 118 -34.69 -4.95 -35.03
CA ALA A 118 -35.58 -6.11 -35.09
C ALA A 118 -35.85 -6.73 -33.72
N GLY A 119 -35.52 -6.07 -32.62
CA GLY A 119 -35.58 -6.74 -31.33
C GLY A 119 -34.46 -7.74 -31.14
N LYS A 120 -33.31 -7.44 -31.72
CA LYS A 120 -32.18 -8.37 -31.82
C LYS A 120 -31.83 -9.01 -30.49
N THR A 121 -31.77 -8.23 -29.41
CA THR A 121 -31.20 -8.72 -28.15
C THR A 121 -32.20 -9.49 -27.29
N LEU A 122 -33.50 -9.38 -27.56
CA LEU A 122 -34.50 -10.05 -26.73
C LEU A 122 -34.32 -11.57 -26.71
N VAL A 123 -33.90 -12.15 -27.83
CA VAL A 123 -33.64 -13.59 -27.90
C VAL A 123 -32.53 -14.00 -26.94
N ALA A 124 -31.39 -13.30 -26.99
CA ALA A 124 -30.30 -13.57 -26.05
C ALA A 124 -30.70 -13.35 -24.60
N GLU A 125 -31.50 -12.32 -24.31
CA GLU A 125 -31.95 -12.08 -22.95
C GLU A 125 -32.80 -13.22 -22.39
N LEU A 126 -33.72 -13.77 -23.20
CA LEU A 126 -34.52 -14.90 -22.74
C LEU A 126 -33.72 -16.19 -22.63
N LEU A 127 -32.70 -16.38 -23.45
CA LEU A 127 -31.79 -17.52 -23.28
C LEU A 127 -30.92 -17.40 -22.04
N ILE A 128 -30.50 -16.18 -21.69
CA ILE A 128 -29.78 -15.99 -20.43
C ILE A 128 -30.63 -16.39 -19.24
N LEU A 129 -31.88 -15.93 -19.19
CA LEU A 129 -32.78 -16.33 -18.11
C LEU A 129 -32.95 -17.85 -18.06
N LYS A 130 -33.15 -18.48 -19.21
CA LYS A 130 -33.27 -19.93 -19.28
C LYS A 130 -32.07 -20.64 -18.65
N ARG A 131 -30.86 -20.25 -19.03
CA ARG A 131 -29.66 -20.86 -18.45
C ARG A 131 -29.47 -20.49 -16.99
N VAL A 132 -29.52 -19.20 -16.67
CA VAL A 132 -29.13 -18.74 -15.34
C VAL A 132 -30.11 -19.23 -14.26
N LEU A 133 -31.41 -19.25 -14.56
CA LEU A 133 -32.35 -19.82 -13.60
C LEU A 133 -32.28 -21.33 -13.53
N GLU A 134 -32.35 -22.02 -14.68
CA GLU A 134 -32.43 -23.47 -14.65
C GLU A 134 -31.08 -24.13 -14.37
N MET A 135 -30.04 -23.75 -15.11
CA MET A 135 -28.73 -24.34 -14.87
C MET A 135 -28.08 -23.79 -13.60
N ARG A 136 -28.36 -22.53 -13.25
CA ARG A 136 -27.68 -21.79 -12.20
C ARG A 136 -26.18 -21.64 -12.47
N LYS A 137 -25.72 -21.94 -13.68
CA LYS A 137 -24.40 -21.57 -14.13
C LYS A 137 -24.37 -20.10 -14.53
N LYS A 138 -23.17 -19.62 -14.82
CA LYS A 138 -22.92 -18.21 -15.05
C LYS A 138 -22.84 -17.91 -16.54
N ALA A 139 -23.10 -16.67 -16.91
CA ALA A 139 -23.03 -16.23 -18.29
C ALA A 139 -22.07 -15.06 -18.47
N LEU A 140 -21.43 -15.03 -19.63
CA LEU A 140 -20.73 -13.84 -20.12
C LEU A 140 -21.58 -13.15 -21.17
N PHE A 141 -21.53 -11.82 -21.17
CA PHE A 141 -22.04 -11.01 -22.27
C PHE A 141 -20.87 -10.19 -22.81
N ILE A 142 -20.54 -10.38 -24.08
CA ILE A 142 -19.39 -9.74 -24.71
C ILE A 142 -19.87 -8.69 -25.70
N LEU A 143 -19.36 -7.47 -25.56
CA LEU A 143 -19.83 -6.29 -26.26
C LEU A 143 -18.65 -5.55 -26.87
N PRO A 144 -18.86 -4.82 -27.96
CA PRO A 144 -17.74 -4.28 -28.73
C PRO A 144 -17.07 -3.07 -28.10
N PHE A 145 -17.82 -2.28 -27.33
CA PHE A 145 -17.30 -0.99 -26.86
C PHE A 145 -17.80 -0.73 -25.44
N VAL A 146 -16.99 0.06 -24.71
CA VAL A 146 -17.28 0.33 -23.30
C VAL A 146 -18.57 1.12 -23.14
N SER A 147 -18.85 2.05 -24.05
CA SER A 147 -20.10 2.79 -24.00
C SER A 147 -21.32 1.88 -24.15
N VAL A 148 -21.25 0.93 -25.09
CA VAL A 148 -22.29 -0.09 -25.19
C VAL A 148 -22.32 -0.96 -23.94
N ALA A 149 -21.14 -1.38 -23.48
CA ALA A 149 -21.03 -2.29 -22.34
C ALA A 149 -21.62 -1.68 -21.06
N LYS A 150 -21.33 -0.40 -20.81
CA LYS A 150 -21.96 0.29 -19.69
C LYS A 150 -23.48 0.32 -19.83
N GLU A 151 -24.00 0.76 -20.97
CA GLU A 151 -25.44 0.87 -21.15
C GLU A 151 -26.14 -0.47 -20.98
N LYS A 152 -25.57 -1.54 -21.54
CA LYS A 152 -26.19 -2.85 -21.41
C LYS A 152 -26.14 -3.37 -19.98
N LYS A 153 -25.04 -3.10 -19.28
CA LYS A 153 -24.94 -3.45 -17.86
C LYS A 153 -26.07 -2.84 -17.04
N TYR A 154 -26.33 -1.54 -17.21
CA TYR A 154 -27.39 -0.89 -16.44
C TYR A 154 -28.78 -1.39 -16.83
N TYR A 155 -29.02 -1.63 -18.11
CA TYR A 155 -30.29 -2.21 -18.54
C TYR A 155 -30.52 -3.57 -17.88
N LEU A 156 -29.54 -4.47 -17.97
CA LEU A 156 -29.68 -5.82 -17.42
C LEU A 156 -29.80 -5.79 -15.90
N GLN A 157 -29.03 -4.93 -15.23
CA GLN A 157 -29.18 -4.79 -13.79
C GLN A 157 -30.62 -4.49 -13.38
N SER A 158 -31.27 -3.54 -14.06
CA SER A 158 -32.61 -3.13 -13.65
C SER A 158 -33.59 -4.30 -13.73
N LEU A 159 -33.54 -5.05 -14.83
CA LEU A 159 -34.47 -6.15 -15.04
C LEU A 159 -34.21 -7.32 -14.11
N PHE A 160 -32.95 -7.78 -14.07
CA PHE A 160 -32.55 -8.96 -13.29
C PHE A 160 -32.49 -8.71 -11.79
N GLN A 161 -32.19 -7.50 -11.33
CA GLN A 161 -32.13 -7.25 -9.89
C GLN A 161 -33.47 -7.45 -9.20
N GLU A 162 -34.60 -7.22 -9.89
CA GLU A 162 -35.86 -7.59 -9.28
C GLU A 162 -36.01 -9.09 -9.13
N VAL A 163 -35.41 -9.88 -10.03
CA VAL A 163 -35.33 -11.33 -9.83
C VAL A 163 -34.42 -11.66 -8.66
N GLY A 164 -33.41 -10.83 -8.40
CA GLY A 164 -32.36 -11.15 -7.46
C GLY A 164 -31.12 -11.72 -8.12
N ILE A 165 -31.13 -11.86 -9.45
CA ILE A 165 -29.93 -12.25 -10.18
C ILE A 165 -28.93 -11.10 -10.16
N LYS A 166 -27.65 -11.45 -9.99
CA LYS A 166 -26.61 -10.48 -9.70
C LYS A 166 -25.79 -10.22 -10.95
N VAL A 167 -25.63 -8.93 -11.29
CA VAL A 167 -25.03 -8.50 -12.53
C VAL A 167 -23.99 -7.43 -12.23
N ASP A 168 -22.80 -7.59 -12.81
CA ASP A 168 -21.78 -6.55 -12.80
C ASP A 168 -20.81 -6.86 -13.94
N GLY A 169 -19.92 -5.91 -14.22
CA GLY A 169 -19.23 -5.89 -15.49
C GLY A 169 -17.73 -5.70 -15.36
N TYR A 170 -17.04 -6.07 -16.43
CA TYR A 170 -15.59 -5.98 -16.58
C TYR A 170 -15.33 -5.17 -17.84
N MET A 171 -15.11 -3.85 -17.69
CA MET A 171 -15.15 -2.95 -18.82
C MET A 171 -14.02 -1.93 -18.68
N GLY A 172 -13.27 -1.74 -19.76
CA GLY A 172 -12.14 -0.82 -19.73
C GLY A 172 -11.22 -1.08 -18.56
N SER A 173 -10.87 -0.02 -17.84
CA SER A 173 -10.09 -0.12 -16.62
C SER A 173 -10.92 -0.43 -15.38
N THR A 174 -12.23 -0.57 -15.51
CA THR A 174 -13.06 -0.90 -14.37
C THR A 174 -12.93 -2.38 -14.01
N SER A 175 -13.03 -2.68 -12.72
CA SER A 175 -13.25 -4.03 -12.24
C SER A 175 -14.42 -4.01 -11.26
N PRO A 176 -15.18 -5.09 -11.19
CA PRO A 176 -16.33 -5.11 -10.28
C PRO A 176 -15.91 -5.24 -8.82
N SER A 177 -16.72 -4.64 -7.95
CA SER A 177 -16.52 -4.82 -6.51
C SER A 177 -16.87 -6.24 -6.10
N ARG A 178 -17.91 -6.81 -6.71
CA ARG A 178 -18.23 -8.22 -6.59
C ARG A 178 -17.16 -9.08 -7.27
N HIS A 179 -16.58 -10.01 -6.52
CA HIS A 179 -15.74 -11.05 -7.13
C HIS A 179 -16.61 -12.02 -7.92
N PHE A 180 -16.02 -12.58 -8.98
CA PHE A 180 -16.79 -13.32 -9.99
C PHE A 180 -17.57 -14.49 -9.38
N SER A 181 -17.07 -15.04 -8.27
CA SER A 181 -17.81 -16.07 -7.55
C SER A 181 -19.23 -15.61 -7.19
N SER A 182 -19.39 -14.33 -6.81
CA SER A 182 -20.71 -13.80 -6.50
C SER A 182 -21.57 -13.55 -7.73
N LEU A 183 -20.98 -13.23 -8.88
CA LEU A 183 -21.79 -12.80 -10.01
C LEU A 183 -22.53 -13.98 -10.65
N ASP A 184 -23.70 -13.67 -11.21
CA ASP A 184 -24.37 -14.57 -12.15
C ASP A 184 -24.05 -14.24 -13.60
N ILE A 185 -23.98 -12.96 -13.94
CA ILE A 185 -23.79 -12.52 -15.31
C ILE A 185 -22.67 -11.49 -15.34
N ALA A 186 -21.73 -11.67 -16.25
CA ALA A 186 -20.62 -10.74 -16.43
C ALA A 186 -20.72 -10.08 -17.79
N VAL A 187 -20.81 -8.75 -17.81
CA VAL A 187 -20.88 -7.99 -19.05
C VAL A 187 -19.51 -7.39 -19.27
N CYS A 188 -18.90 -7.67 -20.42
CA CYS A 188 -17.51 -7.31 -20.58
C CYS A 188 -17.16 -6.95 -22.01
N THR A 189 -16.12 -6.14 -22.15
CA THR A 189 -15.50 -5.83 -23.43
C THR A 189 -14.61 -6.99 -23.86
N ILE A 190 -14.47 -7.15 -25.19
CA ILE A 190 -13.77 -8.30 -25.75
C ILE A 190 -12.39 -8.47 -25.13
N GLU A 191 -11.69 -7.35 -24.91
CA GLU A 191 -10.35 -7.43 -24.32
C GLU A 191 -10.38 -7.99 -22.91
N ARG A 192 -11.34 -7.54 -22.10
CA ARG A 192 -11.50 -8.05 -20.73
C ARG A 192 -12.13 -9.44 -20.70
N ALA A 193 -12.92 -9.78 -21.72
CA ALA A 193 -13.45 -11.13 -21.85
C ALA A 193 -12.34 -12.16 -22.08
N ASN A 194 -11.43 -11.89 -23.01
CA ASN A 194 -10.31 -12.79 -23.22
C ASN A 194 -9.41 -12.89 -22.00
N GLY A 195 -9.17 -11.76 -21.33
CA GLY A 195 -8.43 -11.79 -20.07
C GLY A 195 -9.10 -12.62 -18.97
N LEU A 196 -10.42 -12.53 -18.86
CA LEU A 196 -11.17 -13.37 -17.94
C LEU A 196 -11.03 -14.86 -18.24
N ILE A 197 -11.20 -15.25 -19.50
CA ILE A 197 -11.09 -16.66 -19.88
C ILE A 197 -9.69 -17.20 -19.58
N ASN A 198 -8.65 -16.40 -19.82
CA ASN A 198 -7.31 -16.80 -19.42
C ASN A 198 -7.19 -17.05 -17.93
N ARG A 199 -7.86 -16.23 -17.10
CA ARG A 199 -7.88 -16.50 -15.67
C ARG A 199 -8.72 -17.73 -15.33
N LEU A 200 -9.85 -17.90 -16.02
CA LEU A 200 -10.67 -19.10 -15.80
C LEU A 200 -9.95 -20.38 -16.17
N ILE A 201 -9.07 -20.33 -17.17
CA ILE A 201 -8.20 -21.48 -17.46
C ILE A 201 -7.17 -21.69 -16.36
N GLU A 202 -6.53 -20.61 -15.90
CA GLU A 202 -5.57 -20.72 -14.81
C GLU A 202 -6.18 -21.34 -13.56
N GLU A 203 -7.34 -20.84 -13.14
CA GLU A 203 -8.04 -21.41 -11.99
C GLU A 203 -8.65 -22.77 -12.31
N ASN A 204 -8.81 -23.11 -13.59
CA ASN A 204 -9.63 -24.24 -14.05
C ASN A 204 -11.09 -24.10 -13.62
N LYS A 205 -11.55 -22.85 -13.49
CA LYS A 205 -12.93 -22.53 -13.13
C LYS A 205 -13.94 -22.75 -14.26
N MET A 206 -13.50 -23.06 -15.48
CA MET A 206 -14.33 -22.95 -16.67
C MET A 206 -15.67 -23.67 -16.52
N ASP A 207 -15.73 -24.72 -15.72
CA ASP A 207 -16.98 -25.42 -15.46
C ASP A 207 -18.09 -24.47 -14.98
N LEU A 208 -17.70 -23.38 -14.31
CA LEU A 208 -18.68 -22.39 -13.85
C LEU A 208 -19.47 -21.73 -14.97
N LEU A 209 -18.90 -21.57 -16.16
CA LEU A 209 -19.64 -20.93 -17.24
C LEU A 209 -20.73 -21.82 -17.79
N GLY A 210 -21.91 -21.23 -18.00
CA GLY A 210 -23.02 -21.87 -18.68
C GLY A 210 -23.38 -21.28 -20.03
N MET A 211 -22.98 -20.04 -20.29
CA MET A 211 -23.30 -19.40 -21.55
C MET A 211 -22.25 -18.33 -21.84
N VAL A 212 -22.03 -18.08 -23.13
CA VAL A 212 -21.19 -16.99 -23.61
C VAL A 212 -21.91 -16.32 -24.78
N VAL A 213 -22.41 -15.10 -24.58
CA VAL A 213 -23.14 -14.38 -25.61
C VAL A 213 -22.21 -13.38 -26.25
N VAL A 214 -22.12 -13.41 -27.58
CA VAL A 214 -21.26 -12.52 -28.35
C VAL A 214 -22.14 -11.60 -29.18
N ASP A 215 -21.98 -10.30 -28.97
CA ASP A 215 -22.52 -9.28 -29.88
C ASP A 215 -21.48 -8.87 -30.92
N GLU A 216 -21.96 -8.28 -32.00
CA GLU A 216 -21.13 -7.81 -33.11
C GLU A 216 -20.13 -8.87 -33.56
N LEU A 217 -20.63 -10.10 -33.72
CA LEU A 217 -19.78 -11.20 -34.16
C LEU A 217 -19.13 -10.92 -35.52
N HIS A 218 -19.67 -9.98 -36.29
CA HIS A 218 -19.02 -9.55 -37.53
C HIS A 218 -17.70 -8.83 -37.30
N MET A 219 -17.41 -8.38 -36.07
CA MET A 219 -16.11 -7.83 -35.76
C MET A 219 -14.98 -8.84 -35.97
N LEU A 220 -15.33 -10.13 -35.99
CA LEU A 220 -14.38 -11.24 -35.95
C LEU A 220 -13.23 -11.08 -36.94
N GLY A 221 -13.43 -10.38 -38.04
CA GLY A 221 -12.37 -10.20 -39.03
C GLY A 221 -11.76 -8.83 -39.20
N ASP A 222 -12.35 -7.79 -38.62
CA ASP A 222 -12.14 -6.43 -39.10
C ASP A 222 -11.22 -5.57 -38.23
N SER A 223 -10.74 -6.08 -37.10
CA SER A 223 -10.00 -5.23 -36.18
C SER A 223 -9.16 -6.10 -35.25
N HIS A 224 -8.28 -5.43 -34.49
CA HIS A 224 -7.55 -6.09 -33.41
C HIS A 224 -8.49 -6.68 -32.37
N ARG A 225 -9.63 -6.02 -32.12
CA ARG A 225 -10.71 -6.63 -31.33
C ARG A 225 -11.23 -7.90 -32.00
N GLY A 226 -11.21 -7.95 -33.33
CA GLY A 226 -11.66 -9.12 -34.04
C GLY A 226 -10.88 -10.39 -33.73
N TYR A 227 -9.55 -10.35 -33.88
CA TYR A 227 -8.78 -11.56 -33.62
C TYR A 227 -8.92 -12.03 -32.16
N LEU A 228 -9.01 -11.09 -31.21
CA LEU A 228 -9.27 -11.49 -29.82
C LEU A 228 -10.59 -12.25 -29.70
N LEU A 229 -11.59 -11.88 -30.49
CA LEU A 229 -12.85 -12.63 -30.48
C LEU A 229 -12.68 -14.03 -31.07
N GLU A 230 -11.82 -14.17 -32.08
CA GLU A 230 -11.54 -15.50 -32.61
C GLU A 230 -10.74 -16.35 -31.62
N LEU A 231 -9.69 -15.78 -31.03
CA LEU A 231 -8.90 -16.50 -30.04
C LEU A 231 -9.70 -16.82 -28.79
N LEU A 232 -10.68 -15.99 -28.46
CA LEU A 232 -11.62 -16.25 -27.37
C LEU A 232 -12.51 -17.45 -27.67
N LEU A 233 -13.24 -17.38 -28.79
CA LEU A 233 -14.18 -18.45 -29.13
C LEU A 233 -13.50 -19.77 -29.42
N THR A 234 -12.30 -19.75 -30.02
CA THR A 234 -11.64 -21.02 -30.33
C THR A 234 -11.10 -21.73 -29.08
N LYS A 235 -10.66 -20.98 -28.06
CA LYS A 235 -10.32 -21.62 -26.80
C LYS A 235 -11.53 -22.30 -26.17
N ILE A 236 -12.69 -21.63 -26.16
CA ILE A 236 -13.89 -22.25 -25.60
C ILE A 236 -14.30 -23.46 -26.42
N CYS A 237 -14.20 -23.38 -27.74
CA CYS A 237 -14.47 -24.55 -28.58
C CYS A 237 -13.47 -25.67 -28.32
N TYR A 238 -12.18 -25.34 -28.34
CA TYR A 238 -11.13 -26.34 -28.16
C TYR A 238 -11.24 -27.04 -26.81
N ILE A 239 -11.38 -26.28 -25.73
CA ILE A 239 -11.50 -26.89 -24.41
C ILE A 239 -12.80 -27.66 -24.27
N THR A 240 -13.94 -27.05 -24.63
CA THR A 240 -15.23 -27.69 -24.39
C THR A 240 -15.37 -28.97 -25.20
N ARG A 241 -15.08 -28.91 -26.51
CA ARG A 241 -15.22 -30.09 -27.34
C ARG A 241 -14.25 -31.20 -26.91
N LYS A 242 -13.03 -30.85 -26.52
CA LYS A 242 -12.14 -31.84 -25.95
C LYS A 242 -12.76 -32.49 -24.71
N SER A 243 -13.27 -31.67 -23.79
CA SER A 243 -13.83 -32.19 -22.55
C SER A 243 -15.11 -32.99 -22.82
N ALA A 244 -15.91 -32.54 -23.79
CA ALA A 244 -17.12 -33.28 -24.16
C ALA A 244 -16.80 -34.55 -24.93
N SER A 245 -15.99 -34.45 -25.99
CA SER A 245 -15.72 -35.63 -26.81
C SER A 245 -14.79 -36.62 -26.11
N CYS A 246 -13.69 -36.15 -25.55
CA CYS A 246 -12.63 -37.06 -25.13
C CYS A 246 -13.04 -37.81 -23.85
N SER A 255 -25.40 -33.07 -22.15
CA SER A 255 -25.93 -31.81 -22.66
C SER A 255 -24.83 -30.77 -22.78
N ASN A 256 -25.07 -29.75 -23.62
CA ASN A 256 -24.05 -28.77 -23.93
C ASN A 256 -23.77 -27.90 -22.71
N ALA A 257 -22.53 -27.92 -22.24
CA ALA A 257 -22.17 -27.22 -21.00
C ALA A 257 -22.05 -25.71 -21.23
N VAL A 258 -21.31 -25.30 -22.26
CA VAL A 258 -21.18 -23.90 -22.62
C VAL A 258 -21.91 -23.66 -23.94
N GLN A 259 -22.90 -22.78 -23.90
CA GLN A 259 -23.67 -22.41 -25.07
C GLN A 259 -23.22 -21.04 -25.55
N ILE A 260 -23.00 -20.91 -26.86
CA ILE A 260 -22.72 -19.63 -27.47
C ILE A 260 -23.97 -19.14 -28.18
N VAL A 261 -24.34 -17.88 -27.92
CA VAL A 261 -25.34 -17.18 -28.71
C VAL A 261 -24.63 -16.00 -29.35
N GLY A 262 -24.56 -16.02 -30.67
CA GLY A 262 -23.91 -14.96 -31.43
C GLY A 262 -24.91 -14.10 -32.18
N MET A 263 -24.67 -12.80 -32.15
CA MET A 263 -25.45 -11.83 -32.91
C MET A 263 -24.50 -11.12 -33.86
N SER A 264 -24.96 -10.87 -35.08
CA SER A 264 -24.06 -10.33 -36.09
C SER A 264 -24.82 -9.48 -37.09
N ALA A 265 -24.06 -8.75 -37.89
CA ALA A 265 -24.53 -8.25 -39.18
C ALA A 265 -24.83 -9.41 -40.12
N THR A 266 -25.60 -9.10 -41.17
CA THR A 266 -26.07 -10.09 -42.14
C THR A 266 -24.95 -10.46 -43.11
N LEU A 267 -23.90 -11.08 -42.56
CA LEU A 267 -22.74 -11.44 -43.34
C LEU A 267 -23.10 -12.42 -44.46
N PRO A 268 -22.35 -12.40 -45.56
CA PRO A 268 -22.52 -13.43 -46.60
C PRO A 268 -22.31 -14.85 -46.12
N ASN A 269 -21.29 -15.09 -45.31
CA ASN A 269 -20.88 -16.44 -44.92
C ASN A 269 -21.27 -16.80 -43.49
N LEU A 270 -22.39 -16.24 -43.03
CA LEU A 270 -22.91 -16.57 -41.71
C LEU A 270 -23.22 -18.06 -41.59
N GLU A 271 -23.56 -18.72 -42.70
CA GLU A 271 -23.66 -20.18 -42.71
C GLU A 271 -22.38 -20.85 -42.26
N LEU A 272 -21.23 -20.31 -42.67
CA LEU A 272 -19.94 -20.85 -42.25
C LEU A 272 -19.70 -20.65 -40.76
N VAL A 273 -19.93 -19.43 -40.26
CA VAL A 273 -19.74 -19.14 -38.84
C VAL A 273 -20.61 -20.04 -37.97
N ALA A 274 -21.88 -20.23 -38.35
CA ALA A 274 -22.72 -21.17 -37.62
C ALA A 274 -22.19 -22.60 -37.71
N SER A 275 -21.70 -23.00 -38.88
CA SER A 275 -21.19 -24.37 -39.03
C SER A 275 -19.87 -24.56 -38.28
N TRP A 276 -19.03 -23.54 -38.23
CA TRP A 276 -17.80 -23.61 -37.44
C TRP A 276 -18.09 -23.72 -35.95
N LEU A 277 -18.97 -22.86 -35.45
CA LEU A 277 -19.40 -22.92 -34.05
C LEU A 277 -20.28 -24.12 -33.75
N ASN A 278 -20.73 -24.86 -34.76
CA ASN A 278 -21.73 -25.92 -34.58
C ASN A 278 -23.02 -25.34 -34.01
N ALA A 279 -23.41 -24.17 -34.51
CA ALA A 279 -24.60 -23.47 -34.06
C ALA A 279 -25.81 -23.91 -34.86
N GLU A 280 -26.97 -23.44 -34.42
CA GLU A 280 -28.15 -23.33 -35.27
C GLU A 280 -28.28 -21.88 -35.73
N LEU A 281 -28.88 -21.70 -36.90
CA LEU A 281 -28.80 -20.42 -37.59
C LEU A 281 -30.21 -19.94 -37.95
N TYR A 282 -30.48 -18.67 -37.65
CA TYR A 282 -31.69 -18.00 -38.12
C TYR A 282 -31.29 -16.64 -38.68
N HIS A 283 -31.43 -16.47 -39.99
CA HIS A 283 -31.15 -15.19 -40.65
C HIS A 283 -32.46 -14.57 -41.09
N THR A 284 -32.66 -13.30 -40.75
CA THR A 284 -33.85 -12.59 -41.18
C THR A 284 -33.52 -11.14 -41.45
N ASP A 285 -34.31 -10.54 -42.34
CA ASP A 285 -34.26 -9.11 -42.62
C ASP A 285 -35.57 -8.42 -42.24
N PHE A 286 -36.39 -9.09 -41.44
CA PHE A 286 -37.59 -8.46 -40.90
C PHE A 286 -37.23 -7.20 -40.13
N ARG A 287 -37.95 -6.12 -40.41
CA ARG A 287 -37.85 -4.90 -39.63
C ARG A 287 -39.23 -4.51 -39.10
N PRO A 288 -39.29 -3.91 -37.90
CA PRO A 288 -40.58 -3.45 -37.39
C PRO A 288 -41.13 -2.24 -38.13
N VAL A 289 -40.28 -1.45 -38.78
CA VAL A 289 -40.74 -0.37 -39.64
C VAL A 289 -40.07 -0.50 -41.01
N PRO A 290 -40.85 -0.46 -42.10
CA PRO A 290 -40.25 -0.51 -43.43
C PRO A 290 -39.20 0.58 -43.63
N LEU A 291 -38.11 0.23 -44.28
CA LEU A 291 -37.04 1.17 -44.59
C LEU A 291 -37.13 1.56 -46.06
N LEU A 292 -37.10 2.87 -46.32
CA LEU A 292 -36.95 3.40 -47.67
C LEU A 292 -35.56 4.02 -47.80
N GLU A 293 -34.72 3.40 -48.61
CA GLU A 293 -33.45 4.01 -48.99
C GLU A 293 -33.64 4.92 -50.20
N SER A 294 -32.63 5.75 -50.46
CA SER A 294 -32.55 6.53 -51.70
C SER A 294 -31.16 7.12 -51.81
N VAL A 295 -30.88 7.69 -52.97
CA VAL A 295 -29.76 8.60 -53.16
C VAL A 295 -30.25 9.88 -53.80
N LYS A 296 -29.71 11.01 -53.36
CA LYS A 296 -29.98 12.32 -53.95
C LYS A 296 -28.76 12.80 -54.71
N VAL A 297 -28.95 13.16 -55.97
CA VAL A 297 -27.91 13.81 -56.77
C VAL A 297 -28.54 14.88 -57.64
N GLY A 298 -27.95 16.07 -57.65
CA GLY A 298 -28.65 17.28 -58.07
C GLY A 298 -29.90 17.52 -57.23
N ASN A 299 -31.00 17.83 -57.90
CA ASN A 299 -32.32 17.83 -57.29
C ASN A 299 -32.98 16.46 -57.29
N SER A 300 -32.49 15.53 -58.12
CA SER A 300 -33.15 14.25 -58.27
C SER A 300 -32.91 13.38 -57.05
N ILE A 301 -33.98 12.77 -56.53
CA ILE A 301 -33.86 11.70 -55.55
C ILE A 301 -34.19 10.39 -56.24
N TYR A 302 -33.22 9.47 -56.24
CA TYR A 302 -33.34 8.18 -56.89
C TYR A 302 -33.52 7.08 -55.84
N ASP A 303 -34.47 6.18 -56.10
CA ASP A 303 -34.55 4.93 -55.35
C ASP A 303 -33.27 4.12 -55.56
N SER A 304 -33.11 3.09 -54.73
CA SER A 304 -31.91 2.25 -54.81
C SER A 304 -31.79 1.57 -56.17
N SER A 305 -32.91 1.28 -56.83
CA SER A 305 -32.90 0.80 -58.20
C SER A 305 -32.62 1.90 -59.22
N MET A 306 -32.32 3.12 -58.75
CA MET A 306 -32.01 4.28 -59.59
C MET A 306 -33.14 4.70 -60.51
N LYS A 307 -34.37 4.28 -60.23
CA LYS A 307 -35.52 5.01 -60.75
C LYS A 307 -35.77 6.26 -59.92
N LEU A 308 -36.25 7.31 -60.57
CA LEU A 308 -36.62 8.52 -59.84
C LEU A 308 -37.85 8.26 -58.99
N VAL A 309 -37.75 8.57 -57.69
CA VAL A 309 -38.90 8.48 -56.80
C VAL A 309 -39.45 9.86 -56.50
N ARG A 310 -38.58 10.86 -56.45
CA ARG A 310 -38.97 12.26 -56.33
C ARG A 310 -37.92 13.11 -57.03
N GLU A 311 -38.33 14.33 -57.42
CA GLU A 311 -37.40 15.42 -57.68
C GLU A 311 -37.52 16.44 -56.56
N PHE A 312 -36.41 16.70 -55.88
CA PHE A 312 -36.40 17.60 -54.73
C PHE A 312 -36.49 19.05 -55.20
N GLU A 313 -37.32 19.84 -54.51
CA GLU A 313 -37.26 21.29 -54.59
C GLU A 313 -37.41 21.84 -53.18
N PRO A 314 -36.54 22.75 -52.75
CA PRO A 314 -36.46 23.07 -51.32
C PRO A 314 -37.65 23.87 -50.82
N MET A 315 -38.14 23.48 -49.65
CA MET A 315 -39.08 24.32 -48.92
C MET A 315 -38.39 25.53 -48.31
N LEU A 316 -37.10 25.43 -48.03
CA LEU A 316 -36.33 26.46 -47.34
C LEU A 316 -35.26 26.99 -48.26
N GLN A 317 -35.29 28.31 -48.51
CA GLN A 317 -34.35 28.98 -49.42
C GLN A 317 -33.00 29.15 -48.71
N VAL A 318 -32.36 28.02 -48.45
CA VAL A 318 -31.12 27.99 -47.69
C VAL A 318 -30.03 28.76 -48.44
N LYS A 319 -29.27 29.56 -47.68
CA LYS A 319 -28.13 30.30 -48.22
C LYS A 319 -26.80 29.61 -47.95
N GLY A 320 -26.74 28.74 -46.94
CA GLY A 320 -25.46 28.27 -46.43
C GLY A 320 -24.71 27.34 -47.37
N ASP A 321 -25.41 26.37 -47.97
CA ASP A 321 -24.73 25.42 -48.83
C ASP A 321 -25.69 24.84 -49.85
N GLU A 322 -25.12 24.35 -50.94
CA GLU A 322 -25.83 24.07 -52.19
C GLU A 322 -26.41 22.67 -52.24
N ASP A 323 -25.94 21.74 -51.40
CA ASP A 323 -26.40 20.36 -51.48
C ASP A 323 -27.83 20.19 -50.97
N HIS A 324 -28.44 21.26 -50.47
CA HIS A 324 -29.76 21.29 -49.85
C HIS A 324 -29.85 20.49 -48.56
N VAL A 325 -28.71 20.07 -48.00
CA VAL A 325 -28.68 19.33 -46.73
C VAL A 325 -29.49 20.04 -45.65
N VAL A 326 -29.48 21.37 -45.65
CA VAL A 326 -30.21 22.10 -44.62
C VAL A 326 -31.72 22.06 -44.87
N SER A 327 -32.13 22.28 -46.13
CA SER A 327 -33.55 22.28 -46.45
C SER A 327 -34.15 20.88 -46.48
N LEU A 328 -33.33 19.87 -46.77
CA LEU A 328 -33.77 18.48 -46.67
C LEU A 328 -34.02 18.03 -45.24
N CYS A 329 -33.35 18.63 -44.26
CA CYS A 329 -33.70 18.38 -42.86
C CYS A 329 -35.05 19.01 -42.50
N TYR A 330 -35.23 20.30 -42.80
CA TYR A 330 -36.45 21.02 -42.46
C TYR A 330 -37.69 20.34 -43.01
N GLU A 331 -37.58 19.69 -44.16
CA GLU A 331 -38.68 18.95 -44.78
C GLU A 331 -39.39 17.98 -43.82
N THR A 332 -38.65 17.34 -42.92
CA THR A 332 -39.28 16.42 -41.97
C THR A 332 -39.40 16.97 -40.55
N ILE A 333 -38.57 17.94 -40.16
CA ILE A 333 -38.72 18.59 -38.86
C ILE A 333 -40.13 19.14 -38.69
N CYS A 334 -40.72 19.67 -39.77
CA CYS A 334 -42.09 20.16 -39.71
C CYS A 334 -43.10 19.05 -39.48
N ASP A 335 -42.74 17.80 -39.79
CA ASP A 335 -43.58 16.67 -39.43
C ASP A 335 -43.29 16.15 -38.02
N ASN A 336 -42.57 16.91 -37.19
CA ASN A 336 -42.36 16.61 -35.78
C ASN A 336 -41.48 15.37 -35.57
N HIS A 337 -40.57 15.09 -36.50
CA HIS A 337 -39.71 13.93 -36.37
C HIS A 337 -38.25 14.35 -36.44
N SER A 338 -37.40 13.54 -35.78
CA SER A 338 -35.98 13.83 -35.69
C SER A 338 -35.26 13.58 -37.02
N VAL A 339 -34.13 14.27 -37.17
CA VAL A 339 -33.15 13.99 -38.21
C VAL A 339 -31.85 13.57 -37.55
N LEU A 340 -31.13 12.65 -38.18
CA LEU A 340 -29.76 12.36 -37.79
C LEU A 340 -28.90 12.46 -39.04
N LEU A 341 -27.74 13.08 -38.90
CA LEU A 341 -27.02 13.64 -40.05
C LEU A 341 -25.53 13.37 -39.88
N PHE A 342 -24.98 12.50 -40.71
CA PHE A 342 -23.60 12.04 -40.57
C PHE A 342 -22.69 12.85 -41.48
N CYS A 343 -21.57 13.30 -40.93
CA CYS A 343 -20.66 14.21 -41.60
C CYS A 343 -19.25 13.64 -41.66
N PRO A 344 -18.50 13.96 -42.71
CA PRO A 344 -17.16 13.38 -42.88
C PRO A 344 -16.18 13.69 -41.75
N SER A 345 -16.33 14.80 -41.04
CA SER A 345 -15.29 15.18 -40.09
C SER A 345 -15.86 16.07 -38.99
N LYS A 346 -15.07 16.20 -37.92
CA LYS A 346 -15.48 16.92 -36.73
C LYS A 346 -15.80 18.38 -37.03
N LYS A 347 -14.85 19.10 -37.65
CA LYS A 347 -15.05 20.52 -37.92
C LYS A 347 -16.12 20.76 -38.98
N TRP A 348 -16.34 19.80 -39.87
CA TRP A 348 -17.47 19.88 -40.79
C TRP A 348 -18.79 19.73 -40.03
N CYS A 349 -18.83 18.79 -39.09
CA CYS A 349 -20.01 18.61 -38.25
C CYS A 349 -20.32 19.86 -37.42
N GLU A 350 -19.30 20.53 -36.90
CA GLU A 350 -19.51 21.80 -36.21
C GLU A 350 -20.04 22.87 -37.16
N LYS A 351 -19.43 23.02 -38.33
CA LYS A 351 -19.85 24.05 -39.27
C LYS A 351 -21.25 23.81 -39.83
N LEU A 352 -21.62 22.55 -40.06
CA LEU A 352 -22.97 22.27 -40.57
C LEU A 352 -24.05 22.38 -39.50
N ALA A 353 -23.76 21.97 -38.26
CA ALA A 353 -24.70 22.17 -37.16
C ALA A 353 -24.92 23.66 -36.87
N ASP A 354 -23.87 24.46 -36.98
CA ASP A 354 -24.00 25.92 -36.87
C ASP A 354 -24.95 26.49 -37.92
N ILE A 355 -24.75 26.13 -39.19
CA ILE A 355 -25.58 26.66 -40.27
C ILE A 355 -27.05 26.30 -40.07
N ILE A 356 -27.33 25.05 -39.74
CA ILE A 356 -28.71 24.60 -39.55
C ILE A 356 -29.39 25.39 -38.43
N ALA A 357 -28.68 25.59 -37.31
CA ALA A 357 -29.25 26.36 -36.21
C ALA A 357 -29.48 27.82 -36.58
N ARG A 358 -28.59 28.43 -37.37
CA ARG A 358 -28.81 29.80 -37.79
C ARG A 358 -29.96 29.94 -38.77
N GLU A 359 -30.21 28.93 -39.62
CA GLU A 359 -31.40 28.96 -40.46
C GLU A 359 -32.67 28.69 -39.67
N PHE A 360 -32.59 27.90 -38.60
CA PHE A 360 -33.73 27.81 -37.69
C PHE A 360 -34.01 29.15 -37.01
N TYR A 361 -32.97 29.82 -36.54
CA TYR A 361 -33.13 31.14 -35.94
C TYR A 361 -33.65 32.18 -36.93
N ASN A 362 -33.06 32.22 -38.13
CA ASN A 362 -33.54 33.14 -39.16
C ASN A 362 -35.02 32.94 -39.45
N LEU A 363 -35.47 31.69 -39.59
CA LEU A 363 -36.89 31.45 -39.84
C LEU A 363 -37.74 31.96 -38.69
N HIS A 364 -37.36 31.65 -37.45
CA HIS A 364 -38.09 32.11 -36.29
C HIS A 364 -38.04 33.63 -36.16
N HIS A 365 -36.89 34.24 -36.49
CA HIS A 365 -36.75 35.68 -36.41
C HIS A 365 -37.52 36.39 -37.54
N GLN A 366 -37.54 35.79 -38.73
CA GLN A 366 -38.38 36.34 -39.80
C GLN A 366 -39.86 36.08 -39.55
N ALA A 367 -40.21 34.94 -38.95
CA ALA A 367 -41.61 34.64 -38.65
C ALA A 367 -42.17 35.62 -37.63
N CYS A 376 -45.23 26.63 -43.69
CA CYS A 376 -45.14 25.80 -42.49
C CYS A 376 -44.68 26.62 -41.29
N PRO A 377 -45.03 26.19 -40.08
CA PRO A 377 -44.62 26.91 -38.88
C PRO A 377 -43.11 26.94 -38.73
N PRO A 378 -42.58 27.89 -37.95
CA PRO A 378 -41.27 27.69 -37.32
C PRO A 378 -41.30 26.55 -36.31
N VAL A 379 -40.11 26.06 -35.98
CA VAL A 379 -39.98 24.87 -35.15
C VAL A 379 -40.53 25.12 -33.76
N ILE A 380 -41.14 24.08 -33.19
CA ILE A 380 -41.70 24.12 -31.84
C ILE A 380 -40.74 23.39 -30.91
N LEU A 381 -40.29 24.10 -29.86
CA LEU A 381 -39.14 23.65 -29.08
C LEU A 381 -39.47 23.66 -27.60
N GLU A 382 -39.03 22.62 -26.90
CA GLU A 382 -39.34 22.41 -25.48
C GLU A 382 -38.36 23.16 -24.59
N GLN A 383 -38.35 24.50 -24.74
CA GLN A 383 -37.20 25.30 -24.32
C GLN A 383 -36.92 25.17 -22.83
N LYS A 384 -37.96 24.94 -22.01
CA LYS A 384 -37.73 24.64 -20.59
C LYS A 384 -36.94 23.35 -20.41
N GLU A 385 -37.25 22.32 -21.21
CA GLU A 385 -36.47 21.09 -21.19
C GLU A 385 -35.06 21.31 -21.73
N LEU A 386 -34.93 22.07 -22.81
CA LEU A 386 -33.62 22.33 -23.42
C LEU A 386 -32.70 23.16 -22.54
N LEU A 387 -33.24 24.06 -21.72
CA LEU A 387 -32.39 24.74 -20.75
C LEU A 387 -31.97 23.82 -19.60
N GLU A 388 -32.81 22.88 -19.21
CA GLU A 388 -32.39 21.84 -18.28
C GLU A 388 -31.28 20.97 -18.87
N VAL A 389 -31.37 20.66 -20.16
CA VAL A 389 -30.28 19.97 -20.85
C VAL A 389 -29.01 20.80 -20.86
N MET A 390 -29.11 22.09 -21.20
CA MET A 390 -27.94 22.96 -21.21
C MET A 390 -27.34 23.13 -19.81
N ASP A 391 -28.18 23.17 -18.78
CA ASP A 391 -27.65 23.22 -17.41
C ASP A 391 -26.86 21.96 -17.06
N GLN A 392 -27.39 20.79 -17.41
CA GLN A 392 -26.65 19.55 -17.19
C GLN A 392 -25.32 19.52 -17.93
N LEU A 393 -25.22 20.15 -19.09
CA LEU A 393 -23.92 20.28 -19.76
C LEU A 393 -23.02 21.28 -19.06
N ARG A 394 -23.54 22.46 -18.72
CA ARG A 394 -22.68 23.53 -18.22
C ARG A 394 -22.00 23.16 -16.91
N ARG A 395 -22.61 22.30 -16.10
CA ARG A 395 -21.99 21.83 -14.87
C ARG A 395 -20.93 20.75 -15.07
N LEU A 396 -20.70 20.30 -16.30
CA LEU A 396 -19.59 19.39 -16.55
C LEU A 396 -18.25 20.11 -16.37
N PRO A 397 -17.17 19.37 -16.09
CA PRO A 397 -15.85 20.00 -15.96
C PRO A 397 -15.42 20.85 -17.14
N SER A 398 -15.78 20.45 -18.36
CA SER A 398 -15.46 21.21 -19.56
C SER A 398 -16.49 22.29 -19.88
N GLY A 399 -17.54 22.42 -19.08
CA GLY A 399 -18.53 23.43 -19.39
C GLY A 399 -19.33 23.13 -20.65
N LEU A 400 -19.90 24.19 -21.20
CA LEU A 400 -20.70 24.13 -22.43
C LEU A 400 -19.89 24.71 -23.59
N ASP A 401 -19.71 23.90 -24.63
CA ASP A 401 -18.98 24.34 -25.81
C ASP A 401 -19.69 25.52 -26.47
N SER A 402 -18.90 26.50 -26.91
CA SER A 402 -19.42 27.70 -27.55
C SER A 402 -20.33 27.39 -28.75
N VAL A 403 -20.00 26.35 -29.51
CA VAL A 403 -20.84 25.99 -30.65
C VAL A 403 -22.14 25.35 -30.17
N LEU A 404 -22.07 24.50 -29.15
CA LEU A 404 -23.28 23.94 -28.54
C LEU A 404 -24.15 25.03 -27.93
N GLN A 405 -23.53 26.09 -27.39
CA GLN A 405 -24.30 27.13 -26.71
C GLN A 405 -25.37 27.77 -27.60
N LYS A 406 -25.00 28.17 -28.81
CA LYS A 406 -26.01 28.69 -29.74
C LYS A 406 -26.91 27.60 -30.33
N THR A 407 -26.35 26.45 -30.72
CA THR A 407 -27.12 25.42 -31.42
C THR A 407 -28.11 24.66 -30.54
N VAL A 408 -27.72 24.29 -29.32
CA VAL A 408 -28.61 23.46 -28.47
C VAL A 408 -29.97 24.07 -28.16
N PRO A 409 -30.10 25.37 -27.83
CA PRO A 409 -31.45 25.87 -27.55
C PRO A 409 -32.39 25.87 -28.74
N TRP A 410 -31.86 26.04 -29.95
CA TRP A 410 -32.64 25.86 -31.17
C TRP A 410 -33.03 24.42 -31.41
N GLY A 411 -32.28 23.47 -30.84
CA GLY A 411 -32.59 22.06 -30.99
C GLY A 411 -31.70 21.33 -31.96
N VAL A 412 -30.54 21.90 -32.30
CA VAL A 412 -29.55 21.27 -33.14
C VAL A 412 -28.35 20.98 -32.27
N ALA A 413 -27.68 19.86 -32.53
CA ALA A 413 -26.49 19.49 -31.76
C ALA A 413 -25.54 18.75 -32.67
N PHE A 414 -24.26 18.81 -32.34
CA PHE A 414 -23.24 18.03 -33.00
C PHE A 414 -22.64 17.03 -32.01
N HIS A 415 -22.15 15.93 -32.56
CA HIS A 415 -21.64 14.82 -31.76
C HIS A 415 -20.43 14.25 -32.48
N HIS A 416 -19.24 14.42 -31.89
CA HIS A 416 -18.02 13.92 -32.52
C HIS A 416 -16.99 13.63 -31.44
N ALA A 417 -15.90 12.98 -31.86
CA ALA A 417 -14.85 12.49 -30.96
C ALA A 417 -14.16 13.59 -30.14
N GLY A 418 -14.39 14.85 -30.45
CA GLY A 418 -13.90 15.93 -29.60
C GLY A 418 -14.74 16.24 -28.38
N LEU A 419 -15.97 15.77 -28.31
CA LEU A 419 -16.76 15.90 -27.10
C LEU A 419 -16.30 14.91 -26.04
N THR A 420 -16.46 15.30 -24.78
CA THR A 420 -16.19 14.40 -23.67
C THR A 420 -17.31 13.36 -23.56
N PHE A 421 -17.02 12.28 -22.84
CA PHE A 421 -17.94 11.16 -22.79
C PHE A 421 -19.27 11.54 -22.14
N GLU A 422 -19.23 12.26 -21.02
CA GLU A 422 -20.49 12.68 -20.40
C GLU A 422 -21.22 13.68 -21.28
N GLU A 423 -20.49 14.54 -21.99
CA GLU A 423 -21.10 15.52 -22.87
C GLU A 423 -21.83 14.87 -24.04
N ARG A 424 -21.23 13.84 -24.64
CA ARG A 424 -21.91 13.05 -25.65
C ARG A 424 -23.15 12.37 -25.08
N ASP A 425 -23.03 11.76 -23.91
CA ASP A 425 -24.13 11.00 -23.32
C ASP A 425 -25.34 11.87 -23.05
N ILE A 426 -25.14 13.13 -22.65
CA ILE A 426 -26.26 14.05 -22.47
C ILE A 426 -26.88 14.44 -23.80
N ILE A 427 -26.06 14.68 -24.82
CA ILE A 427 -26.58 14.96 -26.16
C ILE A 427 -27.36 13.77 -26.71
N GLU A 428 -26.82 12.56 -26.56
CA GLU A 428 -27.55 11.36 -26.94
C GLU A 428 -28.87 11.21 -26.19
N GLY A 429 -28.83 11.40 -24.87
CA GLY A 429 -30.05 11.27 -24.07
C GLY A 429 -31.14 12.26 -24.43
N ALA A 430 -30.76 13.51 -24.72
CA ALA A 430 -31.71 14.50 -25.20
C ALA A 430 -32.28 14.16 -26.58
N PHE A 431 -31.51 13.49 -27.43
CA PHE A 431 -32.04 13.08 -28.73
C PHE A 431 -33.04 11.94 -28.62
N ARG A 432 -32.80 10.95 -27.76
CA ARG A 432 -33.77 9.87 -27.59
C ARG A 432 -35.12 10.39 -27.13
N GLN A 433 -35.13 11.31 -26.17
CA GLN A 433 -36.38 11.95 -25.77
C GLN A 433 -36.97 12.80 -26.90
N GLY A 434 -36.11 13.35 -27.76
CA GLY A 434 -36.55 14.20 -28.83
C GLY A 434 -36.45 15.69 -28.55
N LEU A 435 -35.79 16.07 -27.46
CA LEU A 435 -35.60 17.50 -27.19
C LEU A 435 -34.70 18.12 -28.26
N ILE A 436 -33.60 17.43 -28.59
CA ILE A 436 -32.86 17.72 -29.80
C ILE A 436 -33.57 17.04 -30.96
N ARG A 437 -33.62 17.70 -32.11
CA ARG A 437 -34.35 17.20 -33.25
C ARG A 437 -33.50 17.03 -34.50
N VAL A 438 -32.44 17.80 -34.67
CA VAL A 438 -31.35 17.44 -35.58
C VAL A 438 -30.11 17.20 -34.75
N LEU A 439 -29.55 16.00 -34.89
CA LEU A 439 -28.23 15.69 -34.36
C LEU A 439 -27.30 15.39 -35.52
N ALA A 440 -26.25 16.17 -35.66
CA ALA A 440 -25.20 15.85 -36.60
C ALA A 440 -24.12 15.04 -35.89
N ALA A 441 -23.53 14.09 -36.61
CA ALA A 441 -22.56 13.20 -36.00
C ALA A 441 -21.50 12.77 -37.00
N THR A 442 -20.31 12.49 -36.49
CA THR A 442 -19.36 11.68 -37.23
C THR A 442 -19.73 10.20 -37.12
N SER A 443 -19.16 9.41 -38.02
CA SER A 443 -19.57 8.02 -38.20
C SER A 443 -19.41 7.18 -36.92
N THR A 444 -18.57 7.61 -35.98
CA THR A 444 -18.39 6.87 -34.72
C THR A 444 -19.70 6.69 -33.96
N LEU A 445 -20.68 7.57 -34.15
CA LEU A 445 -22.00 7.34 -33.56
C LEU A 445 -22.69 6.11 -34.13
N SER A 446 -22.39 5.75 -35.38
CA SER A 446 -23.12 4.66 -36.03
C SER A 446 -22.81 3.32 -35.39
N SER A 447 -21.53 3.00 -35.20
CA SER A 447 -21.14 1.75 -34.58
C SER A 447 -21.37 1.73 -33.08
N GLY A 448 -21.47 2.90 -32.45
CA GLY A 448 -21.73 2.99 -31.03
C GLY A 448 -23.17 2.87 -30.58
N VAL A 449 -23.53 3.69 -29.59
CA VAL A 449 -24.81 3.57 -28.91
C VAL A 449 -25.97 3.80 -29.87
N ASN A 450 -27.04 3.03 -29.68
CA ASN A 450 -28.22 3.09 -30.53
C ASN A 450 -29.01 4.38 -30.31
N LEU A 451 -29.40 5.02 -31.41
CA LEU A 451 -30.39 6.09 -31.39
C LEU A 451 -31.39 5.84 -32.52
N PRO A 452 -32.70 5.88 -32.25
CA PRO A 452 -33.68 5.90 -33.33
C PRO A 452 -33.85 7.28 -33.94
N ALA A 453 -33.74 7.37 -35.26
CA ALA A 453 -33.99 8.60 -36.01
C ALA A 453 -34.84 8.29 -37.23
N ARG A 454 -35.77 9.18 -37.57
CA ARG A 454 -36.65 8.92 -38.71
C ARG A 454 -35.89 9.12 -40.02
N ARG A 455 -35.36 10.33 -40.22
CA ARG A 455 -34.68 10.68 -41.45
C ARG A 455 -33.20 10.66 -41.17
N VAL A 456 -32.46 9.76 -41.81
CA VAL A 456 -31.02 9.69 -41.69
C VAL A 456 -30.41 10.18 -42.99
N ILE A 457 -29.68 11.30 -42.92
CA ILE A 457 -29.02 11.88 -44.07
C ILE A 457 -27.53 11.63 -43.93
N ILE A 458 -26.91 11.13 -44.99
CA ILE A 458 -25.48 10.90 -45.02
C ILE A 458 -24.93 11.81 -46.11
N ARG A 459 -24.05 12.75 -45.74
CA ARG A 459 -23.77 13.83 -46.68
C ARG A 459 -22.96 13.37 -47.88
N THR A 460 -22.06 12.41 -47.72
CA THR A 460 -21.27 12.01 -48.89
C THR A 460 -20.91 10.54 -48.83
N PRO A 461 -20.81 9.89 -49.99
CA PRO A 461 -20.17 8.57 -50.07
C PRO A 461 -18.69 8.59 -49.71
N ILE A 462 -18.06 9.76 -49.66
CA ILE A 462 -16.66 9.88 -49.25
C ILE A 462 -16.60 10.29 -47.79
N PHE A 463 -15.79 9.56 -47.02
CA PHE A 463 -15.47 9.91 -45.64
C PHE A 463 -13.96 9.87 -45.47
N GLY A 464 -13.40 10.93 -44.88
CA GLY A 464 -11.98 10.95 -44.59
C GLY A 464 -11.07 10.89 -45.80
N GLY A 465 -11.59 11.19 -46.99
CA GLY A 465 -10.80 11.02 -48.20
C GLY A 465 -10.80 9.62 -48.77
N ARG A 466 -11.71 8.77 -48.33
CA ARG A 466 -11.85 7.40 -48.81
C ARG A 466 -13.32 7.12 -49.10
N PRO A 467 -13.61 6.13 -49.94
CA PRO A 467 -14.99 5.63 -50.03
C PRO A 467 -15.49 5.13 -48.67
N LEU A 468 -16.75 5.45 -48.39
CA LEU A 468 -17.42 4.95 -47.19
C LEU A 468 -17.49 3.42 -47.23
N ASP A 469 -17.21 2.80 -46.08
CA ASP A 469 -17.33 1.36 -45.98
C ASP A 469 -18.78 0.92 -45.91
N ILE A 470 -19.10 -0.16 -46.63
CA ILE A 470 -20.47 -0.65 -46.74
C ILE A 470 -21.01 -1.08 -45.38
N LEU A 471 -20.14 -1.57 -44.50
CA LEU A 471 -20.54 -1.87 -43.12
C LEU A 471 -20.99 -0.61 -42.38
N THR A 472 -20.27 0.49 -42.55
CA THR A 472 -20.65 1.73 -41.87
C THR A 472 -21.96 2.29 -42.43
N TYR A 473 -22.11 2.31 -43.76
CA TYR A 473 -23.36 2.77 -44.36
C TYR A 473 -24.57 2.00 -43.83
N LYS A 474 -24.48 0.67 -43.80
CA LYS A 474 -25.60 -0.12 -43.31
C LYS A 474 -25.80 0.02 -41.81
N GLN A 475 -24.74 0.31 -41.05
CA GLN A 475 -24.94 0.65 -39.65
C GLN A 475 -25.56 2.03 -39.47
N MET A 476 -25.31 2.96 -40.41
CA MET A 476 -25.97 4.25 -40.38
C MET A 476 -27.44 4.14 -40.76
N VAL A 477 -27.72 3.65 -41.97
CA VAL A 477 -29.10 3.61 -42.44
C VAL A 477 -29.95 2.65 -41.63
N GLY A 478 -29.33 1.61 -41.05
CA GLY A 478 -30.08 0.65 -40.25
C GLY A 478 -30.79 1.26 -39.06
N ARG A 479 -30.45 2.50 -38.70
CA ARG A 479 -31.08 3.21 -37.60
C ARG A 479 -32.43 3.81 -38.00
N ALA A 480 -32.67 4.00 -39.30
CA ALA A 480 -33.81 4.77 -39.76
C ALA A 480 -35.14 4.13 -39.39
N GLY A 481 -36.09 4.97 -39.00
CA GLY A 481 -37.41 4.57 -38.57
C GLY A 481 -37.51 4.30 -37.08
N ARG A 482 -38.20 5.20 -36.38
CA ARG A 482 -38.39 5.14 -34.94
C ARG A 482 -39.48 4.12 -34.63
N LYS A 483 -39.06 2.91 -34.27
CA LYS A 483 -39.96 1.75 -34.13
C LYS A 483 -41.19 2.09 -33.30
N GLY A 484 -42.35 1.68 -33.81
CA GLY A 484 -43.63 1.93 -33.19
C GLY A 484 -44.17 3.35 -33.26
N VAL A 485 -43.32 4.33 -33.53
CA VAL A 485 -43.76 5.71 -33.72
C VAL A 485 -43.94 6.05 -35.19
N ASP A 486 -42.93 5.74 -36.01
CA ASP A 486 -43.00 5.98 -37.44
C ASP A 486 -43.80 4.88 -38.13
N THR A 487 -44.51 5.27 -39.19
CA THR A 487 -45.04 4.28 -40.13
C THR A 487 -43.99 3.78 -41.11
N VAL A 488 -43.00 4.59 -41.44
CA VAL A 488 -41.88 4.18 -42.29
C VAL A 488 -40.64 4.95 -41.86
N GLY A 489 -39.48 4.36 -42.15
CA GLY A 489 -38.22 5.07 -42.06
C GLY A 489 -37.72 5.51 -43.42
N GLU A 490 -36.90 6.55 -43.41
CA GLU A 490 -36.37 7.16 -44.62
C GLU A 490 -34.88 7.40 -44.46
N SER A 491 -34.14 7.30 -45.57
CA SER A 491 -32.76 7.75 -45.59
C SER A 491 -32.47 8.39 -46.94
N ILE A 492 -31.63 9.42 -46.93
CA ILE A 492 -31.18 10.10 -48.14
C ILE A 492 -29.65 10.16 -48.07
N LEU A 493 -28.98 9.38 -48.91
CA LEU A 493 -27.57 9.64 -49.17
C LEU A 493 -27.46 10.82 -50.13
N ILE A 494 -26.82 11.89 -49.68
CA ILE A 494 -26.55 13.02 -50.57
C ILE A 494 -25.27 12.75 -51.34
N CYS A 495 -25.25 13.12 -52.61
CA CYS A 495 -24.13 12.75 -53.45
C CYS A 495 -23.97 13.78 -54.58
N LYS A 496 -22.75 13.90 -55.07
CA LYS A 496 -22.48 14.71 -56.26
C LYS A 496 -22.29 13.84 -57.49
N ASN A 497 -22.23 14.50 -58.65
CA ASN A 497 -22.16 13.81 -59.93
C ASN A 497 -20.91 12.92 -60.03
N SER A 498 -19.75 13.44 -59.66
CA SER A 498 -18.53 12.64 -59.69
C SER A 498 -18.56 11.50 -58.67
N GLU A 499 -19.32 11.66 -57.60
CA GLU A 499 -19.42 10.66 -56.55
C GLU A 499 -20.56 9.66 -56.76
N LYS A 500 -21.48 9.96 -57.69
CA LYS A 500 -22.71 9.18 -57.84
C LYS A 500 -22.46 7.68 -57.99
N SER A 501 -21.42 7.32 -58.75
CA SER A 501 -21.09 5.90 -58.89
C SER A 501 -20.80 5.23 -57.56
N LYS A 502 -20.13 5.94 -56.65
CA LYS A 502 -19.93 5.40 -55.30
C LYS A 502 -21.23 5.37 -54.50
N GLY A 503 -22.09 6.38 -54.66
CA GLY A 503 -23.38 6.36 -53.98
C GLY A 503 -24.27 5.21 -54.40
N ILE A 504 -24.29 4.91 -55.70
CA ILE A 504 -25.00 3.72 -56.20
C ILE A 504 -24.39 2.44 -55.62
N ALA A 505 -23.07 2.34 -55.65
CA ALA A 505 -22.38 1.16 -55.15
C ALA A 505 -22.71 0.87 -53.68
N LEU A 506 -22.81 1.91 -52.86
CA LEU A 506 -23.19 1.72 -51.47
C LEU A 506 -24.61 1.20 -51.32
N LEU A 507 -25.55 1.68 -52.15
CA LEU A 507 -26.92 1.21 -52.06
C LEU A 507 -27.05 -0.25 -52.46
N GLN A 508 -26.43 -0.65 -53.58
CA GLN A 508 -26.63 -1.98 -54.11
C GLN A 508 -25.59 -2.99 -53.63
N GLY A 509 -24.44 -2.56 -53.13
CA GLY A 509 -23.40 -3.47 -52.70
C GLY A 509 -23.76 -4.16 -51.39
N SER A 510 -22.89 -5.09 -51.00
CA SER A 510 -23.09 -5.83 -49.76
C SER A 510 -21.74 -6.12 -49.10
N LEU A 511 -21.81 -6.49 -47.82
CA LEU A 511 -20.61 -6.69 -47.02
C LEU A 511 -19.73 -7.79 -47.58
N LYS A 512 -18.43 -7.66 -47.33
CA LYS A 512 -17.51 -8.75 -47.54
C LYS A 512 -17.80 -9.91 -46.58
N PRO A 513 -17.56 -11.15 -47.00
CA PRO A 513 -17.52 -12.25 -46.03
C PRO A 513 -16.51 -11.99 -44.92
N VAL A 514 -16.89 -12.37 -43.70
CA VAL A 514 -16.00 -12.19 -42.55
C VAL A 514 -14.87 -13.22 -42.64
N ARG A 515 -13.68 -12.81 -42.21
CA ARG A 515 -12.45 -13.48 -42.64
C ARG A 515 -11.42 -13.39 -41.52
N SER A 516 -11.01 -14.54 -41.01
CA SER A 516 -10.06 -14.63 -39.90
C SER A 516 -8.79 -13.84 -40.18
N CYS A 517 -8.41 -12.97 -39.22
CA CYS A 517 -7.23 -12.14 -39.32
C CYS A 517 -5.93 -12.95 -39.29
N LEU A 518 -6.01 -14.23 -38.93
CA LEU A 518 -4.83 -15.09 -38.77
C LEU A 518 -4.20 -15.53 -40.07
N GLN A 519 -4.81 -15.24 -41.22
CA GLN A 519 -4.22 -15.63 -42.49
C GLN A 519 -2.83 -15.01 -42.65
N ARG A 520 -1.86 -15.86 -43.00
CA ARG A 520 -0.46 -15.49 -42.91
C ARG A 520 -0.13 -14.33 -43.84
N ARG A 521 0.32 -13.22 -43.25
CA ARG A 521 0.95 -12.12 -43.99
C ARG A 521 2.40 -12.49 -44.25
N GLU A 522 2.67 -13.00 -45.45
CA GLU A 522 3.92 -13.69 -45.76
C GLU A 522 5.13 -12.78 -45.80
N GLY A 523 4.96 -11.46 -45.73
CA GLY A 523 6.09 -10.58 -45.55
C GLY A 523 6.68 -10.61 -44.16
N GLU A 524 5.91 -11.03 -43.17
CA GLU A 524 6.42 -11.31 -41.84
C GLU A 524 6.94 -12.74 -41.76
N GLU A 525 7.48 -13.11 -40.61
CA GLU A 525 7.55 -14.52 -40.26
C GLU A 525 6.15 -15.12 -40.13
N VAL A 526 5.35 -14.56 -39.22
CA VAL A 526 3.98 -15.02 -39.03
C VAL A 526 3.25 -13.96 -38.23
N THR A 527 1.94 -13.87 -38.43
CA THR A 527 1.15 -12.76 -37.90
C THR A 527 1.12 -12.78 -36.37
N GLY A 528 1.26 -11.60 -35.77
CA GLY A 528 1.33 -11.48 -34.32
C GLY A 528 0.12 -12.01 -33.59
N SER A 529 -1.04 -12.01 -34.25
CA SER A 529 -2.23 -12.63 -33.68
C SER A 529 -2.08 -14.14 -33.54
N MET A 530 -1.35 -14.79 -34.45
CA MET A 530 -1.09 -16.21 -34.30
C MET A 530 -0.03 -16.48 -33.23
N ILE A 531 0.99 -15.63 -33.15
CA ILE A 531 1.98 -15.74 -32.07
C ILE A 531 1.33 -15.58 -30.71
N ARG A 532 0.43 -14.60 -30.57
CA ARG A 532 -0.40 -14.51 -29.37
C ARG A 532 -1.20 -15.79 -29.15
N ALA A 533 -1.83 -16.29 -30.21
CA ALA A 533 -2.65 -17.49 -30.10
C ALA A 533 -1.85 -18.68 -29.58
N ILE A 534 -0.67 -18.91 -30.14
CA ILE A 534 0.17 -20.02 -29.70
C ILE A 534 0.72 -19.79 -28.29
N LEU A 535 1.03 -18.54 -27.95
CA LEU A 535 1.40 -18.21 -26.58
C LEU A 535 0.28 -18.51 -25.60
N GLU A 536 -0.94 -18.06 -25.90
CA GLU A 536 -2.06 -18.21 -24.98
C GLU A 536 -2.35 -19.66 -24.64
N ILE A 537 -2.23 -20.58 -25.61
CA ILE A 537 -2.43 -21.99 -25.29
C ILE A 537 -1.26 -22.54 -24.47
N ILE A 538 -0.02 -22.37 -24.97
CA ILE A 538 1.13 -22.97 -24.28
C ILE A 538 1.26 -22.48 -22.86
N VAL A 539 1.21 -21.16 -22.66
CA VAL A 539 1.35 -20.61 -21.31
C VAL A 539 0.11 -20.92 -20.49
N GLY A 540 -1.05 -20.99 -21.12
CA GLY A 540 -2.25 -21.40 -20.42
C GLY A 540 -2.15 -22.79 -19.84
N GLY A 541 -1.33 -23.65 -20.45
CA GLY A 541 -1.29 -25.05 -20.09
C GLY A 541 -2.29 -25.91 -20.82
N VAL A 542 -2.64 -25.54 -22.04
CA VAL A 542 -3.35 -26.40 -22.98
C VAL A 542 -2.53 -26.48 -24.26
N ALA A 543 -2.55 -27.64 -24.89
CA ALA A 543 -1.76 -27.89 -26.11
C ALA A 543 -0.28 -27.59 -25.89
N SER A 544 0.27 -28.22 -24.85
CA SER A 544 1.71 -28.15 -24.59
C SER A 544 2.55 -28.84 -25.67
N THR A 545 1.93 -29.48 -26.66
CA THR A 545 2.65 -30.30 -27.61
C THR A 545 2.12 -30.04 -29.02
N SER A 546 2.97 -30.32 -30.01
CA SER A 546 2.70 -29.90 -31.38
C SER A 546 1.44 -30.55 -31.96
N GLN A 547 1.19 -31.81 -31.60
CA GLN A 547 -0.04 -32.48 -32.04
C GLN A 547 -1.28 -31.82 -31.47
N ASP A 548 -1.24 -31.38 -30.21
CA ASP A 548 -2.36 -30.64 -29.65
C ASP A 548 -2.48 -29.23 -30.22
N MET A 549 -1.35 -28.57 -30.51
CA MET A 549 -1.42 -27.28 -31.18
C MET A 549 -2.01 -27.39 -32.59
N HIS A 550 -1.76 -28.50 -33.29
CA HIS A 550 -2.44 -28.75 -34.56
C HIS A 550 -3.91 -29.07 -34.36
N THR A 551 -4.28 -29.70 -33.25
CA THR A 551 -5.70 -29.95 -32.96
C THR A 551 -6.46 -28.68 -32.62
N TYR A 552 -5.86 -27.79 -31.82
CA TYR A 552 -6.40 -26.45 -31.62
C TYR A 552 -6.49 -25.67 -32.93
N ALA A 553 -5.50 -25.86 -33.81
CA ALA A 553 -5.54 -25.24 -35.14
C ALA A 553 -6.81 -25.62 -35.90
N ALA A 554 -7.22 -26.89 -35.84
CA ALA A 554 -8.42 -27.31 -36.52
C ALA A 554 -9.68 -26.64 -35.97
N CYS A 555 -9.72 -26.31 -34.68
CA CYS A 555 -10.81 -25.49 -34.17
C CYS A 555 -10.77 -24.05 -34.69
N THR A 556 -9.59 -23.54 -35.05
CA THR A 556 -9.47 -22.13 -35.40
C THR A 556 -10.31 -21.82 -36.63
N PHE A 557 -10.93 -20.62 -36.63
CA PHE A 557 -11.79 -20.23 -37.74
C PHE A 557 -11.01 -20.08 -39.04
N LEU A 558 -9.71 -19.80 -38.95
CA LEU A 558 -8.82 -19.92 -40.10
C LEU A 558 -8.96 -21.28 -40.80
N ALA A 559 -9.07 -22.35 -40.02
CA ALA A 559 -9.21 -23.67 -40.63
C ALA A 559 -10.55 -23.81 -41.36
N ALA A 560 -11.65 -23.39 -40.71
CA ALA A 560 -12.96 -23.44 -41.35
C ALA A 560 -13.06 -22.48 -42.53
N SER A 561 -12.35 -21.36 -42.50
CA SER A 561 -12.34 -20.45 -43.65
C SER A 561 -11.53 -21.02 -44.81
N MET A 562 -10.38 -21.62 -44.54
CA MET A 562 -9.62 -22.27 -45.60
C MET A 562 -10.22 -23.61 -46.03
N LYS A 563 -10.94 -24.29 -45.15
CA LYS A 563 -11.59 -25.55 -45.51
C LYS A 563 -12.59 -25.35 -46.64
N VAL A 576 -1.00 -24.06 -45.04
CA VAL A 576 -0.01 -23.08 -44.62
C VAL A 576 -0.14 -22.84 -43.12
N GLN A 577 -1.36 -23.03 -42.61
CA GLN A 577 -1.66 -22.75 -41.21
C GLN A 577 -0.71 -23.49 -40.27
N LEU A 578 -0.48 -24.78 -40.53
CA LEU A 578 0.40 -25.56 -39.66
C LEU A 578 1.86 -25.15 -39.80
N GLY A 579 2.28 -24.70 -40.99
CA GLY A 579 3.60 -24.12 -41.14
C GLY A 579 3.76 -22.78 -40.44
N ALA A 580 2.70 -21.96 -40.45
CA ALA A 580 2.69 -20.73 -39.67
C ALA A 580 2.76 -20.99 -38.17
N ILE A 581 2.07 -22.02 -37.69
CA ILE A 581 2.12 -22.37 -36.26
C ILE A 581 3.54 -22.78 -35.85
N GLU A 582 4.18 -23.61 -36.66
CA GLU A 582 5.55 -24.02 -36.36
C GLU A 582 6.52 -22.83 -36.35
N ALA A 583 6.27 -21.83 -37.19
CA ALA A 583 7.05 -20.59 -37.12
C ALA A 583 6.76 -19.80 -35.84
N CYS A 584 5.51 -19.77 -35.38
CA CYS A 584 5.21 -19.11 -34.11
C CYS A 584 5.93 -19.75 -32.94
N VAL A 585 5.92 -21.08 -32.87
CA VAL A 585 6.65 -21.77 -31.80
C VAL A 585 8.12 -21.44 -31.86
N MET A 586 8.71 -21.43 -33.06
CA MET A 586 10.12 -21.05 -33.20
C MET A 586 10.38 -19.62 -32.76
N TRP A 587 9.48 -18.69 -33.12
CA TRP A 587 9.66 -17.30 -32.69
C TRP A 587 9.57 -17.18 -31.17
N LEU A 588 8.52 -17.77 -30.58
CA LEU A 588 8.37 -17.73 -29.13
C LEU A 588 9.57 -18.35 -28.43
N LEU A 589 10.07 -19.46 -28.96
CA LEU A 589 11.21 -20.16 -28.37
C LEU A 589 12.50 -19.37 -28.53
N GLU A 590 12.72 -18.78 -29.70
CA GLU A 590 13.90 -17.95 -29.92
C GLU A 590 13.82 -16.62 -29.19
N ASN A 591 12.64 -16.21 -28.72
CA ASN A 591 12.51 -15.02 -27.88
C ASN A 591 12.13 -15.37 -26.45
N GLU A 592 12.36 -16.61 -26.04
CA GLU A 592 12.41 -17.01 -24.63
C GLU A 592 11.10 -16.80 -23.89
N PHE A 593 9.99 -16.67 -24.62
CA PHE A 593 8.67 -16.74 -23.99
C PHE A 593 8.32 -18.16 -23.57
N ILE A 594 8.90 -19.17 -24.20
CA ILE A 594 8.66 -20.57 -23.87
C ILE A 594 9.97 -21.32 -23.89
N GLN A 595 10.04 -22.39 -23.09
CA GLN A 595 11.17 -23.31 -23.10
C GLN A 595 10.81 -24.62 -23.79
N SER A 596 11.75 -25.13 -24.57
CA SER A 596 11.57 -26.40 -25.26
C SER A 596 12.31 -27.49 -24.49
N THR A 597 11.66 -28.65 -24.35
CA THR A 597 12.27 -29.78 -23.65
C THR A 597 11.91 -31.06 -24.39
N GLU A 598 12.77 -32.06 -24.26
CA GLU A 598 12.47 -33.38 -24.78
C GLU A 598 11.42 -34.07 -23.92
N ALA A 599 10.64 -34.93 -24.56
CA ALA A 599 9.53 -35.61 -23.90
C ALA A 599 10.05 -36.57 -22.82
N GLY A 605 8.51 -36.55 -29.98
CA GLY A 605 7.87 -35.24 -29.85
C GLY A 605 8.59 -34.30 -28.91
N LYS A 606 7.96 -33.18 -28.62
CA LYS A 606 8.48 -32.20 -27.68
C LYS A 606 7.35 -31.64 -26.83
N VAL A 607 7.71 -31.10 -25.68
CA VAL A 607 6.78 -30.44 -24.77
C VAL A 607 7.33 -29.05 -24.45
N TYR A 608 6.47 -28.04 -24.55
CA TYR A 608 6.86 -26.65 -24.37
C TYR A 608 6.33 -26.12 -23.05
N HIS A 609 7.19 -25.40 -22.32
CA HIS A 609 6.87 -24.88 -21.00
C HIS A 609 6.96 -23.37 -21.01
N PRO A 610 6.11 -22.69 -20.25
CA PRO A 610 6.25 -21.23 -20.10
C PRO A 610 7.45 -20.86 -19.25
N THR A 611 8.01 -19.68 -19.55
CA THR A 611 8.89 -18.99 -18.62
C THR A 611 8.09 -18.05 -17.73
N HIS A 612 8.80 -17.36 -16.83
CA HIS A 612 8.23 -16.22 -16.13
C HIS A 612 7.80 -15.12 -17.11
N LEU A 613 8.63 -14.86 -18.11
CA LEU A 613 8.28 -13.87 -19.14
C LEU A 613 7.04 -14.29 -19.92
N GLY A 614 6.90 -15.58 -20.22
CA GLY A 614 5.68 -16.06 -20.84
C GLY A 614 4.46 -15.90 -19.97
N SER A 615 4.55 -16.36 -18.71
CA SER A 615 3.41 -16.28 -17.79
C SER A 615 3.03 -14.83 -17.49
N ALA A 616 4.01 -13.94 -17.42
CA ALA A 616 3.71 -12.52 -17.26
C ALA A 616 3.05 -11.92 -18.50
N THR A 617 3.48 -12.32 -19.70
CA THR A 617 2.82 -11.86 -20.92
C THR A 617 1.36 -12.30 -20.98
N LEU A 618 1.09 -13.58 -20.71
CA LEU A 618 -0.29 -14.06 -20.74
C LEU A 618 -1.15 -13.42 -19.66
N SER A 619 -0.60 -13.27 -18.45
CA SER A 619 -1.37 -12.70 -17.35
C SER A 619 -1.64 -11.21 -17.57
N SER A 620 -0.69 -10.49 -18.16
CA SER A 620 -0.90 -9.08 -18.45
C SER A 620 -1.86 -8.87 -19.61
N SER A 621 -1.89 -9.79 -20.57
CA SER A 621 -2.57 -9.65 -21.86
C SER A 621 -1.84 -8.69 -22.80
N LEU A 622 -0.60 -8.35 -22.52
CA LEU A 622 0.22 -7.61 -23.45
C LEU A 622 0.49 -8.43 -24.71
N SER A 623 0.72 -7.74 -25.82
CA SER A 623 1.24 -8.40 -27.01
C SER A 623 2.71 -8.75 -26.83
N PRO A 624 3.15 -9.92 -27.31
CA PRO A 624 4.51 -10.38 -26.98
C PRO A 624 5.60 -9.59 -27.68
N ALA A 625 5.38 -9.12 -28.90
CA ALA A 625 6.38 -8.29 -29.57
C ALA A 625 6.60 -6.97 -28.83
N ASP A 626 5.50 -6.35 -28.40
CA ASP A 626 5.57 -5.19 -27.51
C ASP A 626 6.21 -5.54 -26.17
N THR A 627 5.95 -6.74 -25.67
CA THR A 627 6.50 -7.17 -24.37
C THR A 627 8.02 -7.22 -24.35
N LEU A 628 8.68 -7.50 -25.47
CA LEU A 628 10.14 -7.35 -25.51
C LEU A 628 10.59 -5.94 -25.16
N ASP A 629 9.99 -4.92 -25.79
CA ASP A 629 10.42 -3.55 -25.51
C ASP A 629 9.94 -3.04 -24.16
N ILE A 630 8.78 -3.50 -23.71
CA ILE A 630 8.34 -3.20 -22.35
C ILE A 630 9.32 -3.77 -21.33
N PHE A 631 9.73 -5.03 -21.51
CA PHE A 631 10.67 -5.65 -20.60
C PHE A 631 12.05 -5.00 -20.65
N ALA A 632 12.51 -4.64 -21.85
CA ALA A 632 13.79 -3.94 -21.98
C ALA A 632 13.77 -2.54 -21.38
N ASP A 633 12.67 -1.80 -21.54
CA ASP A 633 12.57 -0.47 -20.94
C ASP A 633 12.41 -0.51 -19.42
N LEU A 634 11.70 -1.50 -18.90
CA LEU A 634 11.59 -1.64 -17.45
C LEU A 634 12.93 -1.99 -16.80
N GLN A 635 13.72 -2.88 -17.42
CA GLN A 635 15.06 -3.12 -16.90
C GLN A 635 15.98 -1.92 -17.04
N ARG A 636 15.81 -1.12 -18.09
CA ARG A 636 16.61 0.10 -18.21
C ARG A 636 16.21 1.17 -17.20
N ALA A 637 14.94 1.23 -16.84
CA ALA A 637 14.49 2.22 -15.85
C ALA A 637 14.83 1.82 -14.42
N MET A 638 14.61 0.55 -14.05
CA MET A 638 14.88 0.10 -12.70
C MET A 638 16.35 0.22 -12.30
N LYS A 639 17.26 0.44 -13.24
CA LYS A 639 18.67 0.64 -12.95
C LYS A 639 19.04 2.11 -12.79
N GLY A 640 18.07 3.01 -12.80
CA GLY A 640 18.36 4.42 -12.68
C GLY A 640 17.09 5.24 -12.70
N PHE A 641 16.24 5.02 -11.71
CA PHE A 641 14.90 5.61 -11.64
C PHE A 641 14.93 6.96 -10.93
N VAL A 642 13.97 7.81 -11.28
CA VAL A 642 13.77 9.10 -10.63
C VAL A 642 12.50 9.06 -9.81
N LEU A 643 12.63 9.24 -8.50
CA LEU A 643 11.49 9.15 -7.59
C LEU A 643 10.93 10.51 -7.18
N GLU A 644 11.63 11.60 -7.51
CA GLU A 644 11.23 12.91 -7.00
C GLU A 644 9.97 13.46 -7.64
N ASN A 645 9.47 12.83 -8.70
CA ASN A 645 8.22 13.27 -9.32
C ASN A 645 7.51 12.06 -9.90
N ASP A 646 6.38 12.32 -10.55
CA ASP A 646 5.56 11.28 -11.16
C ASP A 646 5.94 10.96 -12.60
N LEU A 647 6.91 11.66 -13.20
CA LEU A 647 7.03 11.62 -14.65
C LEU A 647 7.63 10.31 -15.14
N HIS A 648 8.63 9.77 -14.43
CA HIS A 648 9.30 8.59 -14.95
C HIS A 648 8.39 7.36 -14.86
N ILE A 649 7.57 7.28 -13.82
CA ILE A 649 6.53 6.26 -13.76
C ILE A 649 5.57 6.40 -14.93
N LEU A 650 5.14 7.63 -15.21
CA LEU A 650 4.27 7.88 -16.36
C LEU A 650 4.94 7.60 -17.71
N TYR A 651 6.26 7.74 -17.79
CA TYR A 651 6.96 7.39 -19.03
C TYR A 651 6.82 5.91 -19.35
N LEU A 652 6.85 5.08 -18.32
CA LEU A 652 6.65 3.64 -18.49
C LEU A 652 5.18 3.29 -18.70
N VAL A 653 4.28 4.03 -18.05
CA VAL A 653 2.84 3.79 -18.20
C VAL A 653 2.27 4.28 -19.53
N THR A 654 2.78 5.39 -20.08
CA THR A 654 2.16 5.93 -21.28
C THR A 654 2.25 4.96 -22.45
N PRO A 655 1.14 4.67 -23.13
CA PRO A 655 1.19 3.98 -24.42
C PRO A 655 2.13 4.67 -25.41
N MET A 656 2.66 3.89 -26.34
CA MET A 656 3.43 4.44 -27.43
C MET A 656 2.57 5.38 -28.28
N PHE A 657 3.25 6.17 -29.12
CA PHE A 657 2.54 7.10 -29.99
C PHE A 657 1.75 6.34 -31.04
N GLU A 658 0.44 6.63 -31.11
CA GLU A 658 -0.48 5.97 -32.03
C GLU A 658 -1.33 7.00 -32.75
N ASP A 659 -0.71 8.10 -33.18
CA ASP A 659 -1.36 9.19 -33.91
C ASP A 659 -2.50 9.82 -33.12
N TRP A 660 -2.53 9.63 -31.80
CA TRP A 660 -3.65 10.09 -30.99
C TRP A 660 -3.84 11.59 -31.04
N THR A 661 -2.79 12.34 -31.40
CA THR A 661 -2.92 13.75 -31.74
C THR A 661 -1.73 14.15 -32.61
N THR A 662 -1.88 15.29 -33.27
CA THR A 662 -0.73 15.92 -33.92
C THR A 662 0.13 16.63 -32.88
N ILE A 663 1.36 16.18 -32.73
CA ILE A 663 2.30 16.75 -31.77
C ILE A 663 2.88 18.04 -32.35
N ASP A 664 2.47 19.17 -31.81
CA ASP A 664 2.92 20.49 -32.26
C ASP A 664 4.34 20.69 -31.73
N TRP A 665 5.34 20.47 -32.60
CA TRP A 665 6.73 20.52 -32.19
C TRP A 665 7.14 21.91 -31.69
N TYR A 666 6.54 22.96 -32.22
CA TYR A 666 6.83 24.31 -31.73
C TYR A 666 6.44 24.46 -30.26
N ARG A 667 5.27 23.98 -29.89
CA ARG A 667 4.90 23.90 -28.48
C ARG A 667 5.90 23.05 -27.70
N PHE A 668 6.25 21.88 -28.24
CA PHE A 668 7.13 20.96 -27.54
C PHE A 668 8.50 21.58 -27.26
N PHE A 669 9.10 22.25 -28.25
CA PHE A 669 10.36 22.95 -28.00
C PHE A 669 10.20 24.15 -27.07
N CYS A 670 9.06 24.83 -27.12
CA CYS A 670 8.81 25.93 -26.19
C CYS A 670 8.66 25.43 -24.76
N LEU A 671 7.89 24.36 -24.58
CA LEU A 671 7.77 23.68 -23.29
C LEU A 671 9.12 23.16 -22.79
N TRP A 672 9.92 22.59 -23.68
CA TRP A 672 11.21 22.02 -23.30
C TRP A 672 12.14 23.03 -22.62
N GLU A 673 12.23 24.25 -23.13
CA GLU A 673 13.06 25.25 -22.45
C GLU A 673 12.52 25.58 -21.05
N LYS A 674 11.19 25.67 -20.91
CA LYS A 674 10.60 25.93 -19.60
C LYS A 674 10.68 24.72 -18.67
N LEU A 675 10.76 23.52 -19.23
CA LEU A 675 10.61 22.29 -18.45
C LEU A 675 11.61 22.26 -17.28
N PRO A 676 11.15 21.96 -16.06
CA PRO A 676 12.05 21.89 -14.90
C PRO A 676 13.24 20.97 -15.14
N THR A 677 14.38 21.36 -14.56
CA THR A 677 15.59 20.55 -14.68
C THR A 677 15.43 19.15 -14.09
N SER A 678 14.58 19.00 -13.07
CA SER A 678 14.21 17.66 -12.59
C SER A 678 13.56 16.82 -13.68
N MET A 679 12.60 17.39 -14.41
CA MET A 679 11.99 16.67 -15.53
C MET A 679 12.94 16.50 -16.70
N LYS A 680 13.84 17.47 -16.94
CA LYS A 680 14.88 17.28 -17.96
C LYS A 680 15.84 16.16 -17.62
N ARG A 681 16.05 15.87 -16.33
CA ARG A 681 16.80 14.68 -15.95
C ARG A 681 16.06 13.40 -16.34
N VAL A 682 14.76 13.34 -16.08
CA VAL A 682 13.94 12.23 -16.58
C VAL A 682 14.03 12.12 -18.10
N ALA A 683 14.09 13.25 -18.79
CA ALA A 683 14.18 13.24 -20.25
C ALA A 683 15.49 12.64 -20.75
N GLU A 684 16.63 13.10 -20.25
CA GLU A 684 17.91 12.59 -20.70
C GLU A 684 18.23 11.19 -20.19
N LEU A 685 17.60 10.73 -19.11
CA LEU A 685 17.70 9.32 -18.77
C LEU A 685 17.03 8.42 -19.81
N VAL A 686 15.83 8.80 -20.27
CA VAL A 686 15.12 7.96 -21.23
C VAL A 686 15.57 8.19 -22.66
N GLY A 687 16.30 9.26 -22.92
CA GLY A 687 16.95 9.47 -24.20
C GLY A 687 16.41 10.61 -25.05
N VAL A 688 15.57 11.48 -24.50
CA VAL A 688 15.15 12.68 -25.22
C VAL A 688 16.34 13.61 -25.38
N GLU A 689 16.47 14.22 -26.56
CA GLU A 689 17.59 15.10 -26.84
C GLU A 689 17.11 16.35 -27.56
N GLU A 690 17.51 17.51 -27.06
CA GLU A 690 17.05 18.78 -27.63
C GLU A 690 17.70 19.08 -28.98
N GLY A 691 18.85 18.47 -29.28
CA GLY A 691 19.44 18.59 -30.61
C GLY A 691 18.60 18.02 -31.72
N PHE A 692 17.64 17.17 -31.37
CA PHE A 692 16.65 16.63 -32.30
C PHE A 692 15.29 17.29 -32.15
N LEU A 693 14.94 17.70 -30.94
CA LEU A 693 13.69 18.42 -30.70
C LEU A 693 13.70 19.80 -31.36
N ALA A 694 14.85 20.49 -31.35
CA ALA A 694 15.00 21.70 -32.15
C ALA A 694 14.84 21.42 -33.64
N ARG A 695 15.30 20.25 -34.09
CA ARG A 695 15.15 19.88 -35.49
C ARG A 695 13.68 19.74 -35.89
N CYS A 696 12.86 19.13 -35.04
CA CYS A 696 11.43 18.97 -35.34
C CYS A 696 10.67 20.29 -35.39
N VAL A 697 11.02 21.26 -34.54
CA VAL A 697 10.41 22.58 -34.66
C VAL A 697 10.97 23.34 -35.86
N LYS A 698 12.26 23.16 -36.17
CA LYS A 698 12.82 23.73 -37.39
C LYS A 698 12.11 23.23 -38.64
N GLY A 699 11.67 21.96 -38.65
CA GLY A 699 10.95 21.45 -39.80
C GLY A 699 10.69 19.98 -39.67
N LYS A 700 10.08 19.43 -40.72
CA LYS A 700 9.77 18.01 -40.75
C LYS A 700 11.04 17.18 -40.76
N VAL A 701 11.10 16.19 -39.88
CA VAL A 701 12.18 15.22 -39.87
C VAL A 701 11.90 14.15 -40.92
N VAL A 702 12.95 13.70 -41.60
CA VAL A 702 12.77 12.74 -42.68
C VAL A 702 12.25 11.42 -42.15
N ALA A 703 12.77 10.97 -41.01
CA ALA A 703 12.26 9.81 -40.28
C ALA A 703 12.08 8.59 -41.19
N ARG A 704 13.16 8.22 -41.87
CA ARG A 704 13.18 7.06 -42.75
C ARG A 704 14.10 5.96 -42.24
N THR A 705 14.70 6.13 -41.06
CA THR A 705 15.64 5.15 -40.52
C THR A 705 15.20 4.77 -39.12
N GLU A 706 15.48 3.51 -38.76
CA GLU A 706 14.96 2.91 -37.54
C GLU A 706 15.36 3.69 -36.30
N ARG A 707 16.60 4.20 -36.26
CA ARG A 707 17.04 4.97 -35.10
C ARG A 707 16.35 6.33 -35.01
N GLN A 708 16.07 6.97 -36.15
CA GLN A 708 15.23 8.16 -36.14
C GLN A 708 13.78 7.82 -35.80
N HIS A 709 13.29 6.67 -36.25
CA HIS A 709 11.96 6.21 -35.83
C HIS A 709 11.87 6.01 -34.33
N ARG A 710 12.82 5.28 -33.74
CA ARG A 710 12.77 5.06 -32.30
C ARG A 710 13.03 6.34 -31.51
N GLN A 711 13.96 7.18 -31.98
CA GLN A 711 14.15 8.46 -31.32
C GLN A 711 12.90 9.33 -31.40
N MET A 712 12.25 9.37 -32.58
CA MET A 712 10.99 10.07 -32.70
C MET A 712 9.93 9.48 -31.78
N ALA A 713 9.87 8.15 -31.68
CA ALA A 713 8.95 7.52 -30.76
C ALA A 713 9.30 7.86 -29.31
N ILE A 714 10.59 8.00 -29.00
CA ILE A 714 10.99 8.46 -27.67
C ILE A 714 10.47 9.86 -27.41
N HIS A 715 10.70 10.78 -28.35
CA HIS A 715 10.16 12.13 -28.23
C HIS A 715 8.65 12.13 -28.10
N LYS A 716 7.97 11.43 -29.02
CA LYS A 716 6.51 11.43 -29.01
C LYS A 716 5.93 10.73 -27.79
N ARG A 717 6.61 9.70 -27.27
CA ARG A 717 6.19 9.10 -26.01
C ARG A 717 6.41 10.03 -24.82
N PHE A 718 7.52 10.78 -24.83
CA PHE A 718 7.78 11.77 -23.79
C PHE A 718 6.72 12.87 -23.78
N PHE A 719 6.46 13.49 -24.93
CA PHE A 719 5.43 14.53 -25.05
C PHE A 719 4.09 14.05 -24.51
N THR A 720 3.70 12.82 -24.86
CA THR A 720 2.46 12.25 -24.34
C THR A 720 2.48 12.07 -22.82
N SER A 721 3.64 11.74 -22.26
CA SER A 721 3.77 11.57 -20.82
C SER A 721 3.64 12.87 -20.04
N LEU A 722 4.07 14.00 -20.62
CA LEU A 722 3.82 15.29 -19.99
C LEU A 722 2.32 15.59 -19.87
N VAL A 723 1.55 15.28 -20.90
CA VAL A 723 0.09 15.45 -20.84
C VAL A 723 -0.51 14.65 -19.69
N LEU A 724 -0.09 13.39 -19.53
CA LEU A 724 -0.61 12.60 -18.42
C LEU A 724 -0.20 13.14 -17.05
N LEU A 725 0.99 13.75 -16.94
CA LEU A 725 1.40 14.32 -15.66
C LEU A 725 0.52 15.50 -15.26
N ASP A 726 0.20 16.37 -16.22
CA ASP A 726 -0.76 17.45 -15.98
C ASP A 726 -2.15 16.91 -15.68
N LEU A 727 -2.54 15.82 -16.36
CA LEU A 727 -3.87 15.24 -16.19
C LEU A 727 -4.09 14.64 -14.80
N ILE A 728 -3.09 13.94 -14.25
CA ILE A 728 -3.21 13.40 -12.90
C ILE A 728 -2.84 14.38 -11.80
N SER A 729 -2.43 15.60 -12.14
CA SER A 729 -2.36 16.66 -11.15
C SER A 729 -3.62 17.52 -11.12
N GLU A 730 -4.69 17.07 -11.78
CA GLU A 730 -5.98 17.77 -11.83
C GLU A 730 -5.87 19.14 -12.49
N VAL A 731 -4.92 19.31 -13.40
CA VAL A 731 -4.98 20.47 -14.30
C VAL A 731 -6.21 20.25 -15.17
N PRO A 732 -7.16 21.20 -15.21
CA PRO A 732 -8.38 20.98 -15.98
C PRO A 732 -8.11 20.72 -17.46
N LEU A 733 -9.02 19.96 -18.07
CA LEU A 733 -8.91 19.61 -19.48
C LEU A 733 -8.82 20.84 -20.37
N ARG A 734 -9.50 21.92 -19.99
CA ARG A 734 -9.41 23.18 -20.71
C ARG A 734 -8.01 23.78 -20.70
N GLU A 735 -7.24 23.56 -19.63
CA GLU A 735 -5.89 24.12 -19.55
C GLU A 735 -4.83 23.28 -20.25
N ILE A 736 -4.94 21.96 -20.18
CA ILE A 736 -4.09 21.09 -21.01
C ILE A 736 -4.24 21.46 -22.48
N ASN A 737 -5.48 21.64 -22.93
CA ASN A 737 -5.74 22.07 -24.30
C ASN A 737 -5.05 23.39 -24.64
N GLN A 738 -4.93 24.31 -23.68
CA GLN A 738 -4.21 25.54 -23.97
C GLN A 738 -2.72 25.27 -24.18
N LYS A 739 -2.13 24.44 -23.32
CA LYS A 739 -0.68 24.32 -23.28
C LYS A 739 -0.14 23.36 -24.34
N TYR A 740 -0.82 22.22 -24.52
CA TYR A 740 -0.42 21.21 -25.50
C TYR A 740 -1.22 21.25 -26.80
N GLY A 741 -2.45 21.77 -26.78
CA GLY A 741 -3.21 21.95 -27.99
C GLY A 741 -4.13 20.81 -28.38
N CYS A 742 -4.04 19.66 -27.73
CA CYS A 742 -4.93 18.55 -28.05
C CYS A 742 -6.34 18.79 -27.50
N ASN A 743 -7.31 18.09 -28.09
CA ASN A 743 -8.72 18.22 -27.75
C ASN A 743 -9.10 17.43 -26.49
N ARG A 744 -10.23 17.86 -25.89
CA ARG A 744 -10.78 17.20 -24.72
C ARG A 744 -10.96 15.69 -24.91
N GLY A 745 -11.53 15.29 -26.05
CA GLY A 745 -11.76 13.88 -26.31
C GLY A 745 -10.49 13.08 -26.59
N GLN A 746 -9.48 13.73 -27.14
CA GLN A 746 -8.17 13.09 -27.27
C GLN A 746 -7.54 12.80 -25.91
N ILE A 747 -7.63 13.76 -24.98
CA ILE A 747 -7.11 13.54 -23.63
C ILE A 747 -7.87 12.42 -22.92
N GLN A 748 -9.19 12.43 -22.98
CA GLN A 748 -9.96 11.39 -22.30
C GLN A 748 -9.73 10.01 -22.92
N SER A 749 -9.67 9.90 -24.24
CA SER A 749 -9.40 8.59 -24.83
C SER A 749 -7.98 8.12 -24.54
N LEU A 750 -7.02 9.05 -24.53
CA LEU A 750 -5.68 8.74 -24.06
C LEU A 750 -5.67 8.33 -22.60
N GLN A 751 -6.46 9.03 -21.77
CA GLN A 751 -6.55 8.70 -20.35
C GLN A 751 -7.12 7.31 -20.09
N GLN A 752 -8.17 6.93 -20.82
CA GLN A 752 -8.75 5.60 -20.65
C GLN A 752 -7.78 4.48 -21.08
N SER A 753 -7.14 4.65 -22.23
CA SER A 753 -6.21 3.62 -22.71
C SER A 753 -4.94 3.55 -21.87
N ALA A 754 -4.44 4.69 -21.39
CA ALA A 754 -3.30 4.68 -20.48
C ALA A 754 -3.64 4.01 -19.14
N ALA A 755 -4.87 4.17 -18.66
CA ALA A 755 -5.28 3.45 -17.45
C ALA A 755 -5.35 1.94 -17.65
N VAL A 756 -5.71 1.47 -18.84
CA VAL A 756 -5.64 0.05 -19.14
C VAL A 756 -4.18 -0.42 -19.18
N TYR A 757 -3.32 0.34 -19.84
CA TYR A 757 -1.90 -0.01 -19.93
C TYR A 757 -1.20 0.04 -18.57
N ALA A 758 -1.61 0.96 -17.69
CA ALA A 758 -1.13 0.94 -16.31
C ALA A 758 -1.50 -0.34 -15.57
N GLY A 759 -2.66 -0.93 -15.87
CA GLY A 759 -3.00 -2.23 -15.32
C GLY A 759 -2.14 -3.36 -15.86
N MET A 760 -1.93 -3.37 -17.17
CA MET A 760 -1.05 -4.36 -17.80
C MET A 760 0.36 -4.31 -17.23
N ILE A 761 0.96 -3.13 -17.15
CA ILE A 761 2.31 -3.00 -16.60
C ILE A 761 2.37 -3.40 -15.13
N THR A 762 1.33 -3.11 -14.36
CA THR A 762 1.32 -3.55 -12.97
C THR A 762 1.35 -5.07 -12.85
N VAL A 763 0.45 -5.76 -13.56
CA VAL A 763 0.39 -7.21 -13.47
C VAL A 763 1.62 -7.87 -14.11
N PHE A 764 2.14 -7.28 -15.18
CA PHE A 764 3.40 -7.73 -15.74
C PHE A 764 4.55 -7.65 -14.75
N SER A 765 4.68 -6.53 -14.05
CA SER A 765 5.76 -6.38 -13.07
C SER A 765 5.57 -7.29 -11.87
N ASN A 766 4.33 -7.48 -11.42
CA ASN A 766 4.06 -8.42 -10.34
C ASN A 766 4.49 -9.84 -10.70
N ARG A 767 4.07 -10.33 -11.86
CA ARG A 767 4.41 -11.70 -12.25
C ARG A 767 5.91 -11.90 -12.45
N LEU A 768 6.62 -10.89 -12.94
CA LEU A 768 8.07 -10.98 -12.98
C LEU A 768 8.69 -10.95 -11.59
N GLY A 769 8.05 -10.27 -10.64
CA GLY A 769 8.57 -10.17 -9.30
C GLY A 769 9.33 -8.89 -9.00
N TRP A 770 9.18 -7.86 -9.83
CA TRP A 770 9.73 -6.54 -9.53
C TRP A 770 8.79 -5.85 -8.52
N HIS A 771 8.89 -6.33 -7.28
CA HIS A 771 7.95 -5.92 -6.24
C HIS A 771 7.98 -4.43 -5.94
N ASN A 772 9.15 -3.78 -6.07
CA ASN A 772 9.22 -2.33 -5.92
C ASN A 772 8.37 -1.62 -6.96
N MET A 773 8.48 -2.04 -8.22
CA MET A 773 7.71 -1.42 -9.29
C MET A 773 6.21 -1.63 -9.12
N GLU A 774 5.80 -2.78 -8.63
CA GLU A 774 4.39 -3.01 -8.34
C GLU A 774 3.83 -2.00 -7.34
N LEU A 775 4.64 -1.59 -6.35
CA LEU A 775 4.16 -0.59 -5.41
C LEU A 775 3.85 0.72 -6.11
N LEU A 776 4.81 1.25 -6.85
CA LEU A 776 4.66 2.57 -7.49
C LEU A 776 3.51 2.57 -8.49
N LEU A 777 3.50 1.60 -9.41
CA LEU A 777 2.61 1.58 -10.57
C LEU A 777 1.16 1.20 -10.27
N SER A 778 0.91 0.38 -9.24
CA SER A 778 -0.44 -0.06 -8.92
C SER A 778 -1.40 1.10 -8.59
N GLN A 779 -0.90 2.13 -7.91
CA GLN A 779 -1.71 3.32 -7.66
C GLN A 779 -2.20 4.00 -8.95
N PHE A 780 -1.40 3.95 -10.01
CA PHE A 780 -1.69 4.71 -11.23
C PHE A 780 -2.88 4.22 -12.05
N GLN A 781 -3.31 2.96 -11.97
CA GLN A 781 -4.50 2.59 -12.74
C GLN A 781 -5.73 3.37 -12.30
N LYS A 782 -6.07 3.32 -11.01
CA LYS A 782 -7.22 4.11 -10.55
C LYS A 782 -6.97 5.60 -10.70
N ARG A 783 -5.77 6.04 -10.33
CA ARG A 783 -5.41 7.46 -10.36
C ARG A 783 -5.47 8.04 -11.76
N LEU A 784 -5.07 7.27 -12.77
CA LEU A 784 -5.27 7.71 -14.16
C LEU A 784 -6.72 7.60 -14.61
N THR A 785 -7.43 6.56 -14.18
CA THR A 785 -8.80 6.35 -14.65
C THR A 785 -9.71 7.54 -14.33
N PHE A 786 -9.70 7.99 -13.07
CA PHE A 786 -10.50 9.15 -12.68
C PHE A 786 -9.77 10.48 -12.82
N GLY A 787 -8.44 10.47 -12.88
CA GLY A 787 -7.71 11.70 -13.04
C GLY A 787 -7.63 12.52 -11.78
N ILE A 788 -6.94 12.02 -10.76
CA ILE A 788 -6.99 12.55 -9.41
C ILE A 788 -5.59 12.55 -8.82
N GLN A 789 -5.40 13.35 -7.79
CA GLN A 789 -4.22 13.22 -6.94
C GLN A 789 -4.30 11.95 -6.10
N ARG A 790 -3.16 11.57 -5.51
CA ARG A 790 -3.13 10.44 -4.58
C ARG A 790 -4.11 10.63 -3.44
N GLU A 791 -4.40 11.89 -3.10
CA GLU A 791 -5.25 12.23 -1.96
C GLU A 791 -6.61 11.57 -2.03
N LEU A 792 -7.17 11.45 -3.23
CA LEU A 792 -8.59 11.15 -3.41
C LEU A 792 -8.89 9.68 -3.67
N CYS A 793 -7.87 8.86 -3.87
CA CYS A 793 -8.06 7.51 -4.43
C CYS A 793 -8.99 6.63 -3.60
N ASP A 794 -9.09 6.88 -2.29
CA ASP A 794 -10.05 6.12 -1.49
C ASP A 794 -11.47 6.64 -1.65
N LEU A 795 -11.66 7.96 -1.64
CA LEU A 795 -12.99 8.54 -1.65
C LEU A 795 -13.73 8.25 -2.96
N VAL A 796 -13.00 8.25 -4.08
CA VAL A 796 -13.55 7.98 -5.40
C VAL A 796 -14.12 6.57 -5.55
N ARG A 797 -13.99 5.72 -4.54
CA ARG A 797 -14.55 4.37 -4.62
C ARG A 797 -16.07 4.39 -4.78
N VAL A 798 -16.75 5.39 -4.21
CA VAL A 798 -18.18 5.54 -4.47
C VAL A 798 -18.38 5.97 -5.92
N SER A 799 -19.04 5.11 -6.71
CA SER A 799 -19.13 5.33 -8.15
C SER A 799 -19.98 6.55 -8.50
N LEU A 800 -20.79 7.04 -7.56
CA LEU A 800 -21.53 8.28 -7.76
C LEU A 800 -20.64 9.52 -7.70
N LEU A 801 -19.39 9.36 -7.27
CA LEU A 801 -18.45 10.48 -7.16
C LEU A 801 -17.49 10.44 -8.35
N ASN A 802 -17.47 11.52 -9.12
CA ASN A 802 -16.35 11.78 -10.01
C ASN A 802 -15.25 12.53 -9.27
N ALA A 803 -14.18 12.85 -9.99
CA ALA A 803 -13.07 13.60 -9.42
C ALA A 803 -13.51 14.90 -8.76
N GLN A 804 -14.43 15.63 -9.41
CA GLN A 804 -14.84 16.93 -8.90
C GLN A 804 -15.75 16.81 -7.68
N ARG A 805 -16.68 15.85 -7.68
CA ARG A 805 -17.51 15.60 -6.51
C ARG A 805 -16.69 15.02 -5.36
N ALA A 806 -15.74 14.14 -5.65
CA ALA A 806 -14.81 13.68 -4.63
C ALA A 806 -13.95 14.82 -4.11
N ARG A 807 -13.52 15.72 -5.00
CA ARG A 807 -12.74 16.89 -4.60
C ARG A 807 -13.47 17.73 -3.55
N VAL A 808 -14.75 18.03 -3.76
CA VAL A 808 -15.46 18.89 -2.82
C VAL A 808 -15.79 18.15 -1.53
N LEU A 809 -16.17 16.87 -1.61
CA LEU A 809 -16.35 16.11 -0.38
C LEU A 809 -15.06 15.95 0.40
N TYR A 810 -13.94 15.71 -0.30
CA TYR A 810 -12.63 15.73 0.35
C TYR A 810 -12.33 17.09 0.96
N ALA A 811 -12.44 18.16 0.17
CA ALA A 811 -12.12 19.49 0.66
C ALA A 811 -13.00 19.90 1.83
N SER A 812 -14.21 19.35 1.92
CA SER A 812 -15.06 19.59 3.08
C SER A 812 -14.62 18.79 4.30
N GLY A 813 -13.77 17.79 4.13
CA GLY A 813 -13.26 17.02 5.25
C GLY A 813 -13.68 15.55 5.28
N PHE A 814 -14.53 15.09 4.37
CA PHE A 814 -14.93 13.68 4.33
C PHE A 814 -13.86 12.88 3.57
N HIS A 815 -12.72 12.70 4.23
CA HIS A 815 -11.55 12.11 3.59
C HIS A 815 -11.67 10.61 3.37
N THR A 816 -12.67 9.95 3.95
CA THR A 816 -12.79 8.50 3.85
C THR A 816 -14.26 8.11 3.66
N VAL A 817 -14.46 6.89 3.17
CA VAL A 817 -15.80 6.35 3.00
C VAL A 817 -16.53 6.21 4.32
N ALA A 818 -15.80 5.95 5.41
CA ALA A 818 -16.42 5.96 6.74
C ALA A 818 -16.98 7.32 7.08
N ASP A 819 -16.22 8.38 6.82
CA ASP A 819 -16.71 9.74 7.05
C ASP A 819 -17.92 10.04 6.18
N LEU A 820 -17.83 9.69 4.89
CA LEU A 820 -18.94 9.93 3.97
C LEU A 820 -20.19 9.15 4.34
N ALA A 821 -20.03 7.97 4.94
CA ALA A 821 -21.18 7.23 5.47
C ALA A 821 -21.69 7.81 6.78
N ARG A 822 -20.82 8.44 7.57
CA ARG A 822 -21.26 9.11 8.78
C ARG A 822 -21.93 10.45 8.51
N ALA A 823 -21.51 11.15 7.47
CA ALA A 823 -22.10 12.45 7.15
C ALA A 823 -23.61 12.34 6.95
N ASN A 824 -24.33 13.36 7.40
CA ASN A 824 -25.75 13.47 7.10
C ASN A 824 -25.98 13.91 5.66
N ILE A 825 -27.11 13.47 5.10
CA ILE A 825 -27.43 13.74 3.71
C ILE A 825 -27.49 15.24 3.44
N VAL A 826 -28.03 16.01 4.39
CA VAL A 826 -28.10 17.46 4.26
C VAL A 826 -26.72 18.10 4.15
N GLU A 827 -25.71 17.50 4.77
CA GLU A 827 -24.36 18.03 4.66
C GLU A 827 -23.80 17.84 3.26
N VAL A 828 -23.91 16.62 2.72
CA VAL A 828 -23.47 16.32 1.36
C VAL A 828 -24.20 17.19 0.35
N GLU A 829 -25.51 17.39 0.54
CA GLU A 829 -26.27 18.29 -0.33
C GLU A 829 -25.65 19.68 -0.40
N VAL A 830 -25.35 20.27 0.76
CA VAL A 830 -24.76 21.61 0.76
C VAL A 830 -23.38 21.60 0.10
N ILE A 831 -22.60 20.55 0.33
CA ILE A 831 -21.26 20.47 -0.24
C ILE A 831 -21.31 20.19 -1.74
N LEU A 832 -22.29 19.39 -2.20
CA LEU A 832 -22.48 19.23 -3.64
C LEU A 832 -22.92 20.53 -4.29
N LYS A 833 -23.91 21.21 -3.70
CA LYS A 833 -24.28 22.54 -4.19
C LYS A 833 -23.13 23.51 -4.08
N ASN A 834 -22.26 23.34 -3.10
CA ASN A 834 -21.06 24.18 -2.97
C ASN A 834 -20.08 24.00 -4.11
N ALA A 835 -20.21 22.97 -4.92
CA ALA A 835 -19.30 22.75 -6.05
C ALA A 835 -19.46 23.84 -7.09
N ASN A 857 -32.59 22.81 -6.32
CA ASN A 857 -33.70 21.87 -6.27
C ASN A 857 -34.08 21.41 -7.68
N MET A 858 -33.08 21.30 -8.55
CA MET A 858 -33.30 20.89 -9.93
C MET A 858 -32.19 19.96 -10.37
N ARG A 859 -32.50 19.09 -11.33
CA ARG A 859 -31.63 18.01 -11.78
C ARG A 859 -30.50 18.56 -12.63
N THR A 860 -29.33 18.79 -12.00
CA THR A 860 -28.15 19.20 -12.76
C THR A 860 -26.90 18.45 -12.33
N ILE A 861 -27.03 17.28 -11.71
CA ILE A 861 -25.93 16.35 -11.48
C ILE A 861 -26.07 15.21 -12.47
N TRP A 862 -24.98 14.87 -13.16
CA TRP A 862 -24.96 13.74 -14.08
C TRP A 862 -24.27 12.53 -13.49
N VAL A 863 -24.94 11.39 -13.55
CA VAL A 863 -24.42 10.10 -13.12
C VAL A 863 -24.62 9.14 -14.27
N THR A 864 -23.53 8.51 -14.73
CA THR A 864 -23.57 7.78 -16.00
C THR A 864 -24.57 6.64 -15.99
N GLY A 865 -24.82 6.03 -14.84
CA GLY A 865 -25.80 4.97 -14.80
C GLY A 865 -27.24 5.40 -14.69
N ARG A 866 -27.51 6.71 -14.66
CA ARG A 866 -28.82 7.22 -14.34
C ARG A 866 -29.13 8.43 -15.21
N LYS A 867 -30.39 8.85 -15.20
CA LYS A 867 -30.73 10.21 -15.57
C LYS A 867 -30.17 11.18 -14.52
N GLY A 868 -30.24 12.47 -14.83
CA GLY A 868 -29.74 13.46 -13.89
C GLY A 868 -30.42 13.41 -12.54
N LEU A 869 -29.62 13.47 -11.48
CA LEU A 869 -30.10 13.44 -10.11
C LEU A 869 -30.29 14.85 -9.57
N THR A 870 -31.23 14.99 -8.63
CA THR A 870 -31.20 16.16 -7.76
C THR A 870 -30.11 15.99 -6.71
N GLU A 871 -29.65 17.12 -6.16
CA GLU A 871 -28.64 17.06 -5.11
C GLU A 871 -29.15 16.34 -3.87
N ARG A 872 -30.45 16.45 -3.58
CA ARG A 872 -31.01 15.70 -2.45
C ARG A 872 -30.99 14.20 -2.69
N GLU A 873 -31.38 13.78 -3.89
CA GLU A 873 -31.39 12.36 -4.23
C GLU A 873 -29.97 11.80 -4.36
N ALA A 874 -29.08 12.53 -5.04
CA ALA A 874 -27.69 12.10 -5.13
C ALA A 874 -27.04 11.97 -3.76
N ALA A 875 -27.21 12.97 -2.89
CA ALA A 875 -26.59 12.92 -1.58
C ALA A 875 -27.08 11.72 -0.77
N ALA A 876 -28.37 11.42 -0.84
CA ALA A 876 -28.90 10.24 -0.13
C ALA A 876 -28.27 8.96 -0.66
N LEU A 877 -28.21 8.81 -1.99
CA LEU A 877 -27.62 7.61 -2.57
C LEU A 877 -26.12 7.54 -2.34
N ILE A 878 -25.44 8.69 -2.27
CA ILE A 878 -24.02 8.72 -1.91
C ILE A 878 -23.80 8.16 -0.51
N VAL A 879 -24.58 8.64 0.46
CA VAL A 879 -24.46 8.16 1.83
C VAL A 879 -24.85 6.68 1.93
N GLU A 880 -25.93 6.29 1.26
CA GLU A 880 -26.39 4.91 1.29
C GLU A 880 -25.42 3.97 0.57
N GLU A 881 -24.81 4.41 -0.52
CA GLU A 881 -23.78 3.60 -1.17
C GLU A 881 -22.54 3.46 -0.31
N ALA A 882 -22.16 4.52 0.40
CA ALA A 882 -21.04 4.42 1.33
C ALA A 882 -21.31 3.42 2.45
N ARG A 883 -22.54 3.40 2.97
CA ARG A 883 -22.93 2.41 3.96
C ARG A 883 -22.94 0.99 3.36
N MET A 884 -23.45 0.86 2.14
CA MET A 884 -23.41 -0.42 1.44
C MET A 884 -21.98 -0.90 1.21
N ILE A 885 -21.09 0.01 0.77
CA ILE A 885 -19.69 -0.35 0.56
C ILE A 885 -19.06 -0.88 1.84
N LEU A 886 -19.29 -0.20 2.96
CA LEU A 886 -18.73 -0.66 4.23
C LEU A 886 -19.27 -2.03 4.65
N GLN A 887 -20.58 -2.26 4.46
CA GLN A 887 -21.11 -3.60 4.72
C GLN A 887 -20.41 -4.65 3.88
N GLN A 888 -20.22 -4.39 2.59
CA GLN A 888 -19.55 -5.34 1.71
C GLN A 888 -18.05 -5.43 2.00
N ASP A 889 -17.42 -4.29 2.28
CA ASP A 889 -15.99 -4.28 2.59
C ASP A 889 -15.68 -5.03 3.88
N LEU A 890 -16.44 -4.77 4.94
CA LEU A 890 -16.25 -5.52 6.19
C LEU A 890 -16.56 -7.00 6.00
N VAL A 891 -17.66 -7.32 5.33
CA VAL A 891 -17.88 -8.69 4.89
C VAL A 891 -16.99 -9.03 3.71
N ASP B 66 -2.72 -1.75 63.34
CA ASP B 66 -1.68 -1.52 62.35
C ASP B 66 -2.27 -0.95 61.06
N LYS B 67 -3.19 -1.70 60.45
CA LYS B 67 -3.84 -1.30 59.20
C LYS B 67 -2.83 -1.06 58.08
N LEU B 68 -1.76 -1.85 58.07
CA LEU B 68 -0.88 -1.92 56.92
C LEU B 68 -1.33 -2.96 55.91
N LEU B 69 -2.37 -3.73 56.24
CA LEU B 69 -2.98 -4.64 55.29
C LEU B 69 -3.79 -3.86 54.26
N LEU B 70 -3.59 -4.21 52.98
CA LEU B 70 -4.20 -3.47 51.89
C LEU B 70 -5.72 -3.50 51.93
N ALA B 71 -6.30 -4.51 52.58
CA ALA B 71 -7.75 -4.55 52.76
C ALA B 71 -8.24 -3.37 53.61
N ASN B 72 -7.42 -2.88 54.54
CA ASN B 72 -7.80 -1.68 55.27
C ASN B 72 -7.72 -0.43 54.41
N TRP B 73 -6.82 -0.38 53.43
CA TRP B 73 -6.78 0.76 52.53
C TRP B 73 -7.96 0.76 51.57
N GLY B 74 -8.51 -0.41 51.25
CA GLY B 74 -9.76 -0.49 50.51
C GLY B 74 -9.59 -0.47 49.01
N LEU B 75 -8.57 -1.16 48.52
CA LEU B 75 -8.37 -1.29 47.08
C LEU B 75 -9.49 -2.09 46.44
N PRO B 76 -9.67 -1.97 45.12
CA PRO B 76 -10.52 -2.92 44.41
C PRO B 76 -10.07 -4.36 44.61
N LYS B 77 -11.04 -5.22 44.91
CA LYS B 77 -10.75 -6.62 45.22
C LYS B 77 -9.96 -7.30 44.10
N ALA B 78 -10.25 -6.95 42.84
CA ALA B 78 -9.56 -7.56 41.71
C ALA B 78 -8.04 -7.36 41.76
N VAL B 79 -7.56 -6.21 42.20
CA VAL B 79 -6.12 -6.02 42.36
C VAL B 79 -5.64 -6.60 43.69
N LEU B 80 -6.43 -6.46 44.75
CA LEU B 80 -6.08 -6.99 46.05
C LEU B 80 -5.78 -8.48 45.98
N GLU B 81 -6.68 -9.25 45.36
CA GLU B 81 -6.49 -10.70 45.23
C GLU B 81 -5.23 -11.05 44.43
N LYS B 82 -4.93 -10.27 43.39
CA LYS B 82 -3.71 -10.51 42.62
C LYS B 82 -2.45 -10.15 43.40
N TYR B 83 -2.46 -9.03 44.14
CA TYR B 83 -1.36 -8.74 45.03
C TYR B 83 -1.14 -9.85 46.06
N HIS B 84 -2.23 -10.41 46.60
CA HIS B 84 -2.08 -11.57 47.46
C HIS B 84 -1.47 -12.75 46.71
N SER B 85 -1.86 -12.95 45.45
CA SER B 85 -1.20 -13.98 44.64
C SER B 85 0.26 -13.65 44.38
N PHE B 86 0.64 -12.39 44.41
CA PHE B 86 2.04 -12.00 44.32
C PHE B 86 2.70 -11.84 45.69
N GLY B 87 2.01 -12.22 46.77
CA GLY B 87 2.57 -12.15 48.10
C GLY B 87 2.55 -10.78 48.74
N VAL B 88 2.04 -9.76 48.06
CA VAL B 88 2.00 -8.40 48.61
C VAL B 88 0.79 -8.26 49.51
N LYS B 89 0.78 -8.99 50.63
CA LYS B 89 -0.32 -8.88 51.57
C LYS B 89 -0.17 -7.66 52.48
N LYS B 90 1.05 -7.19 52.71
CA LYS B 90 1.29 -6.08 53.61
C LYS B 90 2.32 -5.14 53.00
N MET B 91 2.04 -3.84 53.03
CA MET B 91 2.99 -2.85 52.58
C MET B 91 3.95 -2.47 53.71
N PHE B 92 5.17 -2.10 53.32
CA PHE B 92 6.14 -1.62 54.29
C PHE B 92 5.71 -0.27 54.85
N GLU B 93 6.17 0.00 56.08
CA GLU B 93 5.86 1.28 56.74
C GLU B 93 6.26 2.47 55.89
N TRP B 94 7.41 2.39 55.21
CA TRP B 94 7.86 3.50 54.38
C TRP B 94 6.96 3.72 53.18
N GLN B 95 6.38 2.66 52.62
CA GLN B 95 5.41 2.82 51.54
C GLN B 95 4.12 3.47 52.05
N ALA B 96 3.65 3.06 53.22
CA ALA B 96 2.46 3.69 53.81
C ALA B 96 2.67 5.18 54.07
N GLU B 97 3.79 5.54 54.68
CA GLU B 97 4.12 6.94 54.87
C GLU B 97 4.23 7.69 53.55
N CYS B 98 4.89 7.10 52.55
CA CYS B 98 5.11 7.80 51.29
C CYS B 98 3.80 8.15 50.59
N LEU B 99 2.80 7.26 50.65
CA LEU B 99 1.49 7.61 50.13
C LEU B 99 0.75 8.59 51.03
N LEU B 100 0.90 8.42 52.35
CA LEU B 100 0.29 9.34 53.32
C LEU B 100 0.94 10.71 53.31
N LEU B 101 2.14 10.85 52.74
CA LEU B 101 3.09 11.90 53.12
C LEU B 101 2.46 13.28 53.15
N GLY B 102 1.44 13.52 52.35
CA GLY B 102 0.73 14.78 52.41
C GLY B 102 -0.09 15.04 51.17
N GLN B 103 0.19 16.15 50.49
CA GLN B 103 -0.50 16.46 49.24
C GLN B 103 -0.15 15.49 48.12
N VAL B 104 0.77 14.55 48.38
CA VAL B 104 1.07 13.47 47.43
C VAL B 104 -0.20 12.74 47.04
N LEU B 105 -0.98 12.32 48.04
CA LEU B 105 -2.21 11.57 47.79
C LEU B 105 -3.28 12.43 47.12
N GLU B 106 -3.13 13.76 47.14
CA GLU B 106 -4.12 14.67 46.58
C GLU B 106 -3.70 15.23 45.23
N GLY B 107 -2.60 14.75 44.66
CA GLY B 107 -2.21 15.10 43.31
C GLY B 107 -0.95 15.92 43.17
N LYS B 108 -0.29 16.28 44.26
CA LYS B 108 0.97 17.00 44.15
C LYS B 108 2.02 16.11 43.51
N ASN B 109 2.93 16.72 42.75
CA ASN B 109 4.04 15.97 42.19
C ASN B 109 4.83 15.29 43.30
N LEU B 110 5.42 14.15 42.98
CA LEU B 110 6.22 13.40 43.93
C LEU B 110 7.52 12.94 43.29
N VAL B 111 8.60 12.99 44.05
CA VAL B 111 9.81 12.25 43.74
C VAL B 111 10.15 11.42 44.97
N TYR B 112 10.52 10.16 44.76
CA TYR B 112 10.93 9.32 45.87
C TYR B 112 12.04 8.38 45.44
N SER B 113 12.82 7.94 46.43
CA SER B 113 14.02 7.16 46.21
C SER B 113 14.10 6.05 47.24
N ALA B 114 14.40 4.84 46.77
CA ALA B 114 14.50 3.68 47.63
C ALA B 114 15.38 2.66 46.93
N PRO B 115 15.98 1.72 47.67
CA PRO B 115 16.73 0.65 47.02
C PRO B 115 15.87 -0.15 46.04
N THR B 116 16.54 -0.66 45.00
CA THR B 116 15.84 -1.40 43.95
C THR B 116 15.07 -2.60 44.50
N SER B 117 15.58 -3.23 45.57
CA SER B 117 14.91 -4.36 46.17
C SER B 117 13.85 -3.97 47.19
N ALA B 118 13.69 -2.68 47.47
CA ALA B 118 12.51 -2.22 48.18
C ALA B 118 11.26 -2.41 47.32
N GLY B 119 10.10 -2.22 47.92
CA GLY B 119 8.85 -2.24 47.17
C GLY B 119 8.64 -1.00 46.34
N LYS B 120 9.66 -0.64 45.55
CA LYS B 120 9.78 0.71 45.01
C LYS B 120 8.61 1.06 44.10
N THR B 121 8.15 0.12 43.27
CA THR B 121 7.10 0.42 42.30
C THR B 121 5.70 0.37 42.88
N LEU B 122 5.51 -0.24 44.05
CA LEU B 122 4.18 -0.37 44.62
C LEU B 122 3.53 0.99 44.88
N VAL B 123 4.34 1.97 45.28
CA VAL B 123 3.85 3.33 45.47
C VAL B 123 3.30 3.92 44.17
N ALA B 124 4.08 3.86 43.10
CA ALA B 124 3.62 4.32 41.79
C ALA B 124 2.39 3.55 41.30
N GLU B 125 2.35 2.24 41.53
CA GLU B 125 1.20 1.46 41.10
C GLU B 125 -0.09 1.87 41.81
N LEU B 126 -0.03 2.11 43.12
CA LEU B 126 -1.20 2.58 43.85
C LEU B 126 -1.61 4.00 43.48
N LEU B 127 -0.65 4.86 43.14
CA LEU B 127 -0.98 6.19 42.62
C LEU B 127 -1.59 6.16 41.23
N ILE B 128 -1.17 5.22 40.38
CA ILE B 128 -1.82 5.06 39.08
C ILE B 128 -3.29 4.68 39.25
N LEU B 129 -3.57 3.66 40.06
CA LEU B 129 -4.96 3.28 40.34
C LEU B 129 -5.78 4.45 40.85
N LYS B 130 -5.22 5.22 41.79
CA LYS B 130 -5.90 6.41 42.31
C LYS B 130 -6.32 7.36 41.19
N ARG B 131 -5.39 7.70 40.29
CA ARG B 131 -5.71 8.63 39.22
C ARG B 131 -6.66 8.03 38.18
N VAL B 132 -6.32 6.84 37.66
CA VAL B 132 -7.09 6.31 36.54
C VAL B 132 -8.49 5.85 36.94
N LEU B 133 -8.71 5.48 38.20
CA LEU B 133 -10.07 5.15 38.62
C LEU B 133 -10.89 6.37 39.01
N GLU B 134 -10.30 7.30 39.76
CA GLU B 134 -11.06 8.48 40.19
C GLU B 134 -11.17 9.55 39.11
N MET B 135 -10.03 9.97 38.55
CA MET B 135 -10.07 10.98 37.49
C MET B 135 -10.54 10.39 36.17
N ARG B 136 -10.24 9.12 35.91
CA ARG B 136 -10.43 8.48 34.61
C ARG B 136 -9.62 9.15 33.50
N LYS B 137 -8.64 9.99 33.87
CA LYS B 137 -7.62 10.45 32.94
C LYS B 137 -6.55 9.36 32.74
N LYS B 138 -5.72 9.58 31.73
CA LYS B 138 -4.76 8.58 31.29
C LYS B 138 -3.40 8.84 31.94
N ALA B 139 -2.59 7.78 32.03
CA ALA B 139 -1.26 7.86 32.61
C ALA B 139 -0.21 7.36 31.62
N LEU B 140 0.98 7.94 31.74
CA LEU B 140 2.18 7.42 31.08
C LEU B 140 3.07 6.74 32.12
N PHE B 141 3.71 5.65 31.72
CA PHE B 141 4.78 5.03 32.48
C PHE B 141 6.02 5.03 31.59
N ILE B 142 7.07 5.72 32.02
CA ILE B 142 8.28 5.90 31.23
C ILE B 142 9.40 5.06 31.83
N LEU B 143 10.08 4.28 31.00
CA LEU B 143 11.05 3.29 31.41
C LEU B 143 12.27 3.39 30.50
N PRO B 144 13.46 3.04 31.01
CA PRO B 144 14.69 3.33 30.26
C PRO B 144 14.99 2.36 29.13
N PHE B 145 14.47 1.14 29.17
CA PHE B 145 14.87 0.12 28.21
C PHE B 145 13.66 -0.69 27.78
N VAL B 146 13.71 -1.16 26.53
CA VAL B 146 12.61 -1.90 25.94
C VAL B 146 12.35 -3.20 26.70
N SER B 147 13.42 -3.86 27.16
CA SER B 147 13.26 -5.08 27.95
C SER B 147 12.50 -4.82 29.25
N VAL B 148 12.82 -3.74 29.95
CA VAL B 148 12.04 -3.36 31.12
C VAL B 148 10.60 -3.00 30.73
N ALA B 149 10.45 -2.23 29.66
CA ALA B 149 9.13 -1.79 29.22
C ALA B 149 8.22 -2.97 28.86
N LYS B 150 8.76 -3.98 28.19
CA LYS B 150 7.99 -5.20 27.94
C LYS B 150 7.61 -5.91 29.24
N GLU B 151 8.59 -6.16 30.10
CA GLU B 151 8.33 -6.82 31.39
C GLU B 151 7.25 -6.08 32.18
N LYS B 152 7.36 -4.76 32.28
CA LYS B 152 6.41 -3.98 33.07
C LYS B 152 5.03 -3.95 32.45
N LYS B 153 4.94 -3.87 31.12
CA LYS B 153 3.64 -3.93 30.45
C LYS B 153 2.88 -5.21 30.77
N TYR B 154 3.55 -6.36 30.67
CA TYR B 154 2.87 -7.63 30.94
C TYR B 154 2.48 -7.78 32.40
N TYR B 155 3.30 -7.28 33.32
CA TYR B 155 2.89 -7.24 34.73
C TYR B 155 1.63 -6.40 34.93
N LEU B 156 1.63 -5.18 34.40
CA LEU B 156 0.50 -4.28 34.59
C LEU B 156 -0.76 -4.79 33.91
N GLN B 157 -0.64 -5.37 32.72
CA GLN B 157 -1.78 -6.05 32.11
C GLN B 157 -2.33 -7.14 33.03
N SER B 158 -1.45 -8.00 33.54
CA SER B 158 -1.90 -9.12 34.38
C SER B 158 -2.59 -8.61 35.65
N LEU B 159 -2.08 -7.53 36.23
CA LEU B 159 -2.66 -6.97 37.45
C LEU B 159 -3.97 -6.23 37.18
N PHE B 160 -4.00 -5.33 36.20
CA PHE B 160 -5.11 -4.39 36.05
C PHE B 160 -6.26 -4.90 35.19
N GLN B 161 -6.02 -5.83 34.26
CA GLN B 161 -7.02 -6.12 33.23
C GLN B 161 -8.31 -6.69 33.82
N GLU B 162 -8.26 -7.28 35.01
CA GLU B 162 -9.50 -7.73 35.64
C GLU B 162 -10.35 -6.57 36.13
N VAL B 163 -9.75 -5.40 36.33
CA VAL B 163 -10.52 -4.20 36.63
C VAL B 163 -11.21 -3.66 35.39
N GLY B 164 -10.78 -4.07 34.20
CA GLY B 164 -11.22 -3.47 32.95
C GLY B 164 -10.35 -2.33 32.48
N ILE B 165 -9.34 -1.94 33.27
CA ILE B 165 -8.38 -0.94 32.82
C ILE B 165 -7.63 -1.47 31.61
N LYS B 166 -7.38 -0.61 30.63
CA LYS B 166 -6.78 -0.98 29.36
C LYS B 166 -5.35 -0.48 29.30
N VAL B 167 -4.42 -1.39 29.01
CA VAL B 167 -2.99 -1.14 29.08
C VAL B 167 -2.36 -1.57 27.77
N ASP B 168 -1.48 -0.74 27.23
CA ASP B 168 -0.60 -1.11 26.12
C ASP B 168 0.60 -0.19 26.16
N GLY B 169 1.47 -0.28 25.15
CA GLY B 169 2.72 0.42 25.24
C GLY B 169 3.37 0.75 23.91
N TYR B 170 4.40 1.58 24.00
CA TYR B 170 5.08 2.19 22.86
C TYR B 170 6.57 1.98 23.08
N MET B 171 7.18 1.07 22.33
CA MET B 171 8.51 0.56 22.66
C MET B 171 9.24 0.23 21.38
N GLY B 172 10.30 0.98 21.09
CA GLY B 172 10.97 0.84 19.80
C GLY B 172 9.99 0.97 18.64
N SER B 173 10.09 0.02 17.69
CA SER B 173 9.17 -0.06 16.57
C SER B 173 7.82 -0.66 16.93
N THR B 174 7.55 -0.98 18.20
CA THR B 174 6.22 -1.42 18.58
C THR B 174 5.24 -0.26 18.54
N SER B 175 4.01 -0.54 18.10
CA SER B 175 2.92 0.41 18.20
C SER B 175 1.68 -0.36 18.64
N PRO B 176 0.87 0.20 19.53
CA PRO B 176 -0.28 -0.53 20.04
C PRO B 176 -1.38 -0.68 19.00
N SER B 177 -2.15 -1.75 19.15
CA SER B 177 -3.28 -1.97 18.25
C SER B 177 -4.43 -1.03 18.55
N ARG B 178 -4.62 -0.71 19.83
CA ARG B 178 -5.52 0.35 20.24
C ARG B 178 -4.88 1.72 19.99
N HIS B 179 -5.68 2.65 19.49
CA HIS B 179 -5.26 4.04 19.44
C HIS B 179 -5.23 4.61 20.86
N PHE B 180 -4.42 5.65 21.05
CA PHE B 180 -4.13 6.15 22.39
C PHE B 180 -5.38 6.56 23.14
N SER B 181 -6.37 7.10 22.43
CA SER B 181 -7.66 7.43 23.05
C SER B 181 -8.30 6.23 23.74
N SER B 182 -8.02 5.01 23.27
CA SER B 182 -8.60 3.82 23.87
C SER B 182 -7.78 3.23 25.01
N LEU B 183 -6.57 3.72 25.25
CA LEU B 183 -5.81 3.25 26.40
C LEU B 183 -6.24 3.99 27.67
N ASP B 184 -5.93 3.38 28.81
CA ASP B 184 -5.78 4.09 30.08
C ASP B 184 -4.34 4.35 30.46
N ILE B 185 -3.44 3.40 30.18
CA ILE B 185 -2.05 3.50 30.59
C ILE B 185 -1.17 3.22 29.38
N ALA B 186 -0.19 4.08 29.14
CA ALA B 186 0.79 3.90 28.09
C ALA B 186 2.16 3.68 28.70
N VAL B 187 2.78 2.53 28.41
CA VAL B 187 4.10 2.20 28.92
C VAL B 187 5.10 2.44 27.80
N CYS B 188 6.05 3.33 28.03
CA CYS B 188 6.83 3.91 26.95
C CYS B 188 8.32 3.88 27.28
N THR B 189 9.12 3.63 26.26
CA THR B 189 10.52 4.02 26.29
C THR B 189 10.62 5.54 26.24
N ILE B 190 11.68 6.08 26.86
CA ILE B 190 11.86 7.53 26.92
C ILE B 190 11.73 8.15 25.54
N GLU B 191 12.38 7.55 24.54
CA GLU B 191 12.40 8.13 23.20
C GLU B 191 11.02 8.16 22.56
N ARG B 192 10.25 7.08 22.73
CA ARG B 192 8.88 7.03 22.24
C ARG B 192 7.92 7.87 23.08
N ALA B 193 8.22 8.05 24.37
CA ALA B 193 7.41 8.93 25.21
C ALA B 193 7.53 10.40 24.81
N ASN B 194 8.74 10.87 24.53
CA ASN B 194 8.90 12.22 24.01
C ASN B 194 8.20 12.42 22.67
N GLY B 195 8.30 11.42 21.78
CA GLY B 195 7.55 11.46 20.53
C GLY B 195 6.04 11.54 20.71
N LEU B 196 5.51 10.80 21.70
CA LEU B 196 4.10 10.91 22.05
C LEU B 196 3.70 12.32 22.49
N ILE B 197 4.46 12.90 23.42
CA ILE B 197 4.14 14.24 23.90
C ILE B 197 4.16 15.27 22.78
N ASN B 198 5.11 15.15 21.85
CA ASN B 198 5.09 16.01 20.67
C ASN B 198 3.81 15.85 19.85
N ARG B 199 3.31 14.62 19.73
CA ARG B 199 2.01 14.42 19.08
C ARG B 199 0.87 14.96 19.92
N LEU B 200 0.94 14.81 21.25
CA LEU B 200 -0.09 15.38 22.11
C LEU B 200 -0.15 16.89 22.03
N ILE B 201 0.97 17.56 21.78
CA ILE B 201 0.93 18.99 21.50
C ILE B 201 0.33 19.27 20.14
N GLU B 202 0.73 18.52 19.12
CA GLU B 202 0.17 18.71 17.78
C GLU B 202 -1.35 18.56 17.77
N GLU B 203 -1.87 17.52 18.42
CA GLU B 203 -3.31 17.37 18.57
C GLU B 203 -3.90 18.33 19.60
N ASN B 204 -3.07 18.87 20.49
CA ASN B 204 -3.50 19.57 21.70
C ASN B 204 -4.34 18.68 22.63
N LYS B 205 -4.04 17.38 22.63
CA LYS B 205 -4.70 16.39 23.47
C LYS B 205 -4.30 16.44 24.94
N MET B 206 -3.30 17.26 25.31
CA MET B 206 -2.60 17.11 26.58
C MET B 206 -3.54 17.05 27.77
N ASP B 207 -4.72 17.67 27.68
CA ASP B 207 -5.71 17.59 28.75
C ASP B 207 -6.03 16.14 29.12
N LEU B 208 -5.89 15.22 28.17
CA LEU B 208 -6.17 13.81 28.44
C LEU B 208 -5.27 13.20 29.51
N LEU B 209 -4.03 13.69 29.65
CA LEU B 209 -3.12 13.08 30.63
C LEU B 209 -3.51 13.46 32.05
N GLY B 210 -3.44 12.48 32.95
CA GLY B 210 -3.61 12.68 34.37
C GLY B 210 -2.38 12.39 35.21
N MET B 211 -1.46 11.62 34.68
CA MET B 211 -0.24 11.28 35.42
C MET B 211 0.86 10.95 34.42
N VAL B 212 2.10 11.24 34.82
CA VAL B 212 3.30 10.83 34.11
C VAL B 212 4.29 10.27 35.12
N VAL B 213 4.50 8.95 35.10
CA VAL B 213 5.42 8.30 36.02
C VAL B 213 6.75 8.09 35.33
N VAL B 214 7.83 8.54 35.97
CA VAL B 214 9.19 8.41 35.46
C VAL B 214 9.98 7.50 36.39
N ASP B 215 10.59 6.46 35.83
CA ASP B 215 11.61 5.70 36.53
C ASP B 215 13.01 6.09 36.08
N GLU B 216 14.00 5.71 36.88
CA GLU B 216 15.41 5.99 36.63
C GLU B 216 15.66 7.46 36.29
N LEU B 217 15.15 8.35 37.16
CA LEU B 217 15.46 9.78 37.03
C LEU B 217 16.96 10.04 36.95
N HIS B 218 17.79 9.15 37.52
CA HIS B 218 19.24 9.33 37.45
C HIS B 218 19.78 9.29 36.01
N MET B 219 19.07 8.64 35.08
CA MET B 219 19.37 8.73 33.66
C MET B 219 19.43 10.18 33.16
N LEU B 220 18.64 11.06 33.79
CA LEU B 220 18.60 12.47 33.41
C LEU B 220 19.96 13.13 33.36
N GLY B 221 20.90 12.71 34.22
CA GLY B 221 22.21 13.34 34.24
C GLY B 221 23.07 13.02 33.04
N ASP B 222 23.22 11.74 32.71
CA ASP B 222 24.40 11.32 31.95
C ASP B 222 24.11 10.69 30.58
N SER B 223 22.95 10.10 30.36
CA SER B 223 22.80 9.27 29.17
C SER B 223 22.64 10.13 27.92
N HIS B 224 22.96 9.51 26.78
CA HIS B 224 22.59 10.07 25.47
C HIS B 224 21.10 10.01 25.23
N ARG B 225 20.36 9.21 25.98
CA ARG B 225 18.92 9.30 26.07
C ARG B 225 18.47 9.98 27.36
N GLY B 226 19.39 10.64 28.06
CA GLY B 226 19.15 11.26 29.34
C GLY B 226 18.48 12.62 29.23
N TYR B 227 19.13 13.53 28.49
CA TYR B 227 18.58 14.86 28.28
C TYR B 227 17.17 14.81 27.68
N LEU B 228 16.88 13.76 26.91
CA LEU B 228 15.56 13.62 26.32
C LEU B 228 14.47 13.50 27.38
N LEU B 229 14.82 12.96 28.55
CA LEU B 229 13.91 13.00 29.69
C LEU B 229 13.78 14.39 30.28
N GLU B 230 14.83 15.22 30.22
CA GLU B 230 14.70 16.60 30.66
C GLU B 230 13.84 17.43 29.71
N LEU B 231 14.04 17.28 28.40
CA LEU B 231 13.20 17.98 27.44
C LEU B 231 11.74 17.55 27.55
N LEU B 232 11.52 16.28 27.88
CA LEU B 232 10.18 15.76 28.15
C LEU B 232 9.55 16.40 29.39
N LEU B 233 10.24 16.32 30.53
CA LEU B 233 9.71 16.86 31.77
C LEU B 233 9.54 18.38 31.73
N THR B 234 10.44 19.10 31.08
CA THR B 234 10.31 20.55 31.01
C THR B 234 9.08 20.98 30.22
N LYS B 235 8.79 20.31 29.10
CA LYS B 235 7.59 20.66 28.34
C LYS B 235 6.32 20.44 29.17
N ILE B 236 6.24 19.34 29.91
CA ILE B 236 5.07 19.11 30.75
C ILE B 236 4.99 20.17 31.85
N CYS B 237 6.14 20.50 32.46
CA CYS B 237 6.15 21.57 33.46
C CYS B 237 5.75 22.90 32.86
N TYR B 238 6.41 23.28 31.75
CA TYR B 238 6.17 24.57 31.12
C TYR B 238 4.71 24.74 30.68
N ILE B 239 4.17 23.74 29.97
CA ILE B 239 2.78 23.82 29.53
C ILE B 239 1.82 23.79 30.71
N THR B 240 2.03 22.90 31.68
CA THR B 240 1.10 22.79 32.80
C THR B 240 1.09 24.06 33.64
N ARG B 241 2.27 24.56 33.99
CA ARG B 241 2.35 25.77 34.82
C ARG B 241 1.80 26.98 34.08
N LYS B 242 2.12 27.12 32.80
CA LYS B 242 1.59 28.24 32.02
C LYS B 242 0.07 28.19 31.96
N SER B 243 -0.50 27.04 31.63
CA SER B 243 -1.96 26.94 31.52
C SER B 243 -2.65 26.97 32.88
N ALA B 244 -2.05 26.37 33.91
CA ALA B 244 -2.64 26.45 35.25
C ALA B 244 -2.50 27.82 35.89
N SER B 245 -1.33 28.46 35.75
CA SER B 245 -1.17 29.80 36.32
C SER B 245 -1.91 30.84 35.49
N CYS B 246 -1.94 30.67 34.18
CA CYS B 246 -2.39 31.75 33.29
C CYS B 246 -3.16 31.19 32.10
N SER B 255 -6.85 21.94 41.05
CA SER B 255 -6.04 20.80 41.44
C SER B 255 -5.03 20.44 40.35
N ASN B 256 -4.00 19.68 40.73
CA ASN B 256 -2.89 19.42 39.83
C ASN B 256 -3.35 18.46 38.74
N ALA B 257 -3.39 18.96 37.51
CA ALA B 257 -3.93 18.16 36.40
C ALA B 257 -2.99 17.02 36.02
N VAL B 258 -1.71 17.32 35.85
CA VAL B 258 -0.70 16.30 35.58
C VAL B 258 0.19 16.15 36.80
N GLN B 259 0.25 14.93 37.33
CA GLN B 259 1.09 14.59 38.47
C GLN B 259 2.28 13.76 37.99
N ILE B 260 3.47 14.20 38.34
CA ILE B 260 4.68 13.41 38.11
C ILE B 260 4.94 12.57 39.34
N VAL B 261 5.27 11.29 39.13
CA VAL B 261 5.84 10.45 40.17
C VAL B 261 7.18 9.93 39.65
N GLY B 262 8.26 10.34 40.32
CA GLY B 262 9.59 9.99 39.86
C GLY B 262 10.33 9.04 40.77
N MET B 263 10.64 7.85 40.28
CA MET B 263 11.55 6.96 40.97
C MET B 263 12.97 7.26 40.54
N SER B 264 13.91 7.05 41.46
CA SER B 264 15.25 7.62 41.29
C SER B 264 16.25 6.81 42.10
N ALA B 265 17.52 7.05 41.80
CA ALA B 265 18.61 6.60 42.65
C ALA B 265 18.74 7.51 43.87
N THR B 266 19.65 7.13 44.77
CA THR B 266 19.95 7.90 45.98
C THR B 266 20.89 9.07 45.66
N LEU B 267 20.45 9.90 44.73
CA LEU B 267 21.28 10.99 44.23
C LEU B 267 21.59 12.00 45.34
N PRO B 268 22.76 12.62 45.30
CA PRO B 268 23.06 13.70 46.25
C PRO B 268 22.09 14.87 46.20
N ASN B 269 21.67 15.29 45.01
CA ASN B 269 20.87 16.49 44.82
C ASN B 269 19.43 16.15 44.48
N LEU B 270 18.94 15.01 44.99
CA LEU B 270 17.55 14.64 44.85
C LEU B 270 16.60 15.72 45.38
N GLU B 271 17.03 16.44 46.42
CA GLU B 271 16.23 17.55 46.94
C GLU B 271 16.07 18.67 45.92
N LEU B 272 17.08 18.88 45.07
CA LEU B 272 16.96 19.85 43.98
C LEU B 272 15.96 19.37 42.93
N VAL B 273 16.06 18.11 42.50
CA VAL B 273 15.12 17.55 41.54
C VAL B 273 13.69 17.63 42.06
N ALA B 274 13.47 17.31 43.32
CA ALA B 274 12.14 17.48 43.90
C ALA B 274 11.68 18.93 43.88
N SER B 275 12.57 19.87 44.24
CA SER B 275 12.20 21.28 44.23
C SER B 275 11.95 21.79 42.82
N TRP B 276 12.75 21.34 41.85
CA TRP B 276 12.52 21.73 40.46
C TRP B 276 11.17 21.25 39.96
N LEU B 277 10.83 19.99 40.20
CA LEU B 277 9.53 19.44 39.86
C LEU B 277 8.41 19.88 40.79
N ASN B 278 8.68 20.81 41.71
CA ASN B 278 7.70 21.20 42.74
C ASN B 278 7.17 19.99 43.50
N ALA B 279 7.99 18.96 43.63
CA ALA B 279 7.54 17.68 44.15
C ALA B 279 7.69 17.63 45.66
N GLU B 280 6.82 16.85 46.31
CA GLU B 280 7.16 16.29 47.60
C GLU B 280 8.27 15.26 47.46
N LEU B 281 8.96 15.00 48.56
CA LEU B 281 10.12 14.12 48.53
C LEU B 281 10.08 13.17 49.71
N TYR B 282 10.36 11.89 49.43
CA TYR B 282 10.64 10.90 50.46
C TYR B 282 11.85 10.09 50.02
N HIS B 283 12.84 9.96 50.91
CA HIS B 283 14.05 9.20 50.61
C HIS B 283 14.33 8.26 51.77
N THR B 284 14.60 7.00 51.45
CA THR B 284 14.93 6.01 52.45
C THR B 284 15.98 5.06 51.92
N ASP B 285 16.72 4.45 52.84
CA ASP B 285 17.62 3.35 52.53
C ASP B 285 17.15 2.05 53.16
N PHE B 286 15.89 1.99 53.60
CA PHE B 286 15.31 0.75 54.10
C PHE B 286 15.40 -0.33 53.03
N ARG B 287 15.91 -1.50 53.44
CA ARG B 287 15.90 -2.67 52.59
C ARG B 287 15.13 -3.80 53.26
N PRO B 288 14.46 -4.65 52.48
CA PRO B 288 13.75 -5.79 53.08
C PRO B 288 14.68 -6.84 53.65
N VAL B 289 15.91 -6.95 53.13
CA VAL B 289 16.92 -7.82 53.73
C VAL B 289 18.20 -7.01 53.96
N PRO B 290 18.80 -7.09 55.15
CA PRO B 290 20.06 -6.40 55.39
C PRO B 290 21.10 -6.78 54.36
N LEU B 291 21.94 -5.81 54.01
CA LEU B 291 23.01 -6.02 53.04
C LEU B 291 24.35 -6.10 53.76
N LEU B 292 25.14 -7.11 53.42
CA LEU B 292 26.54 -7.17 53.77
C LEU B 292 27.36 -6.87 52.52
N GLU B 293 28.44 -6.11 52.69
CA GLU B 293 29.14 -5.53 51.56
C GLU B 293 30.61 -5.40 51.91
N SER B 294 31.48 -6.01 51.10
CA SER B 294 32.87 -6.16 51.49
C SER B 294 33.73 -6.34 50.24
N VAL B 295 35.03 -6.16 50.42
CA VAL B 295 36.02 -6.33 49.36
C VAL B 295 37.01 -7.42 49.76
N LYS B 296 37.42 -8.22 48.78
CA LYS B 296 38.36 -9.32 48.98
C LYS B 296 39.66 -8.99 48.24
N VAL B 297 40.77 -9.02 48.97
CA VAL B 297 42.10 -8.92 48.38
C VAL B 297 43.00 -9.98 49.00
N GLY B 298 43.72 -10.71 48.14
CA GLY B 298 44.37 -11.94 48.54
C GLY B 298 43.40 -12.92 49.18
N ASN B 299 43.79 -13.44 50.34
CA ASN B 299 42.93 -14.28 51.16
C ASN B 299 42.12 -13.50 52.19
N SER B 300 42.15 -12.17 52.13
CA SER B 300 41.54 -11.33 53.15
C SER B 300 40.25 -10.71 52.62
N ILE B 301 39.16 -10.87 53.36
CA ILE B 301 37.91 -10.19 53.07
C ILE B 301 37.80 -8.99 54.01
N TYR B 302 37.79 -7.79 53.45
CA TYR B 302 37.74 -6.56 54.22
C TYR B 302 36.39 -5.88 54.10
N ASP B 303 35.86 -5.42 55.23
CA ASP B 303 34.69 -4.58 55.28
C ASP B 303 34.97 -3.22 54.64
N SER B 304 33.92 -2.42 54.50
CA SER B 304 34.06 -1.07 53.96
C SER B 304 35.02 -0.22 54.77
N SER B 305 35.12 -0.46 56.07
CA SER B 305 36.10 0.23 56.89
C SER B 305 37.50 -0.36 56.75
N MET B 306 37.67 -1.37 55.90
CA MET B 306 38.90 -2.15 55.76
C MET B 306 39.28 -2.89 57.04
N LYS B 307 38.34 -3.09 57.95
CA LYS B 307 38.52 -4.11 58.98
C LYS B 307 38.34 -5.49 58.35
N LEU B 308 39.07 -6.47 58.88
CA LEU B 308 38.93 -7.83 58.39
C LEU B 308 37.62 -8.44 58.88
N VAL B 309 36.77 -8.85 57.94
CA VAL B 309 35.57 -9.60 58.28
C VAL B 309 35.90 -11.07 58.51
N ARG B 310 36.64 -11.67 57.59
CA ARG B 310 37.04 -13.07 57.66
C ARG B 310 38.40 -13.23 57.00
N GLU B 311 39.16 -14.20 57.50
CA GLU B 311 40.16 -14.85 56.68
C GLU B 311 39.49 -15.85 55.73
N PHE B 312 39.97 -15.87 54.48
CA PHE B 312 39.43 -16.75 53.46
C PHE B 312 40.41 -17.89 53.19
N GLU B 313 39.91 -19.12 53.25
CA GLU B 313 40.59 -20.28 52.70
C GLU B 313 39.61 -21.06 51.85
N PRO B 314 40.02 -21.53 50.67
CA PRO B 314 39.05 -22.11 49.72
C PRO B 314 38.53 -23.46 50.21
N MET B 315 37.22 -23.57 50.31
CA MET B 315 36.58 -24.85 50.59
C MET B 315 36.75 -25.83 49.44
N LEU B 316 36.78 -25.32 48.21
CA LEU B 316 36.95 -26.14 47.02
C LEU B 316 38.20 -25.69 46.27
N GLN B 317 39.16 -26.60 46.13
CA GLN B 317 40.39 -26.30 45.41
C GLN B 317 40.10 -26.10 43.92
N VAL B 318 40.92 -25.25 43.29
CA VAL B 318 40.69 -24.76 41.94
C VAL B 318 41.94 -24.98 41.11
N LYS B 319 41.75 -24.94 39.79
CA LYS B 319 42.85 -24.93 38.83
C LYS B 319 42.74 -23.82 37.80
N GLY B 320 41.54 -23.30 37.53
CA GLY B 320 41.36 -22.36 36.44
C GLY B 320 41.95 -20.99 36.70
N ASP B 321 41.75 -20.46 37.91
CA ASP B 321 42.26 -19.12 38.22
C ASP B 321 42.50 -18.98 39.71
N GLU B 322 43.40 -18.04 40.03
CA GLU B 322 44.03 -17.93 41.35
C GLU B 322 43.19 -17.16 42.36
N ASP B 323 42.24 -16.34 41.91
CA ASP B 323 41.52 -15.44 42.80
C ASP B 323 40.47 -16.14 43.65
N HIS B 324 40.43 -17.47 43.64
CA HIS B 324 39.45 -18.29 44.37
C HIS B 324 38.02 -18.06 43.94
N VAL B 325 37.79 -17.37 42.82
CA VAL B 325 36.44 -16.99 42.42
C VAL B 325 35.52 -18.20 42.37
N VAL B 326 36.03 -19.36 41.95
CA VAL B 326 35.20 -20.56 41.92
C VAL B 326 34.90 -21.05 43.33
N SER B 327 35.90 -21.04 44.21
CA SER B 327 35.68 -21.43 45.60
C SER B 327 34.75 -20.46 46.31
N LEU B 328 34.85 -19.17 46.00
CA LEU B 328 33.96 -18.18 46.59
C LEU B 328 32.52 -18.33 46.12
N CYS B 329 32.29 -18.82 44.90
CA CYS B 329 30.94 -19.21 44.52
C CYS B 329 30.46 -20.44 45.29
N TYR B 330 31.32 -21.44 45.47
CA TYR B 330 30.89 -22.71 46.05
C TYR B 330 30.43 -22.56 47.50
N GLU B 331 30.96 -21.58 48.24
CA GLU B 331 30.56 -21.40 49.63
C GLU B 331 29.05 -21.27 49.79
N THR B 332 28.39 -20.56 48.88
CA THR B 332 26.93 -20.48 48.92
C THR B 332 26.26 -21.60 48.13
N ILE B 333 26.98 -22.19 47.17
CA ILE B 333 26.48 -23.36 46.46
C ILE B 333 26.48 -24.58 47.39
N CYS B 334 27.21 -24.53 48.50
CA CYS B 334 27.01 -25.46 49.59
C CYS B 334 25.61 -25.37 50.19
N ASP B 335 24.81 -24.39 49.78
CA ASP B 335 23.43 -24.24 50.19
C ASP B 335 22.58 -23.98 48.95
N ASN B 336 21.27 -23.90 49.16
CA ASN B 336 20.33 -23.75 48.05
C ASN B 336 20.42 -22.38 47.38
N HIS B 337 21.23 -21.46 47.90
CA HIS B 337 21.26 -20.10 47.39
C HIS B 337 21.97 -20.06 46.03
N SER B 338 21.91 -18.90 45.38
CA SER B 338 22.48 -18.74 44.05
C SER B 338 23.41 -17.53 44.00
N VAL B 339 24.42 -17.64 43.14
CA VAL B 339 25.43 -16.61 42.93
C VAL B 339 25.18 -15.93 41.59
N LEU B 340 25.26 -14.60 41.57
CA LEU B 340 25.34 -13.85 40.33
C LEU B 340 26.71 -13.17 40.26
N LEU B 341 27.39 -13.37 39.15
CA LEU B 341 28.81 -13.05 39.01
C LEU B 341 29.00 -12.13 37.82
N PHE B 342 29.56 -10.95 38.05
CA PHE B 342 29.72 -9.94 37.01
C PHE B 342 31.17 -9.90 36.53
N CYS B 343 31.34 -9.92 35.22
CA CYS B 343 32.63 -10.04 34.56
C CYS B 343 32.85 -8.88 33.59
N PRO B 344 34.10 -8.45 33.39
CA PRO B 344 34.36 -7.24 32.62
C PRO B 344 34.29 -7.41 31.11
N SER B 345 34.09 -8.62 30.60
CA SER B 345 34.12 -8.83 29.16
C SER B 345 33.30 -10.06 28.79
N LYS B 346 32.81 -10.05 27.55
CA LYS B 346 31.99 -11.16 27.05
C LYS B 346 32.77 -12.47 27.02
N LYS B 347 33.96 -12.46 26.42
CA LYS B 347 34.77 -13.68 26.32
C LYS B 347 35.31 -14.11 27.68
N TRP B 348 35.59 -13.16 28.57
CA TRP B 348 35.94 -13.50 29.94
C TRP B 348 34.79 -14.21 30.64
N CYS B 349 33.57 -13.70 30.45
CA CYS B 349 32.38 -14.36 31.02
C CYS B 349 32.20 -15.78 30.50
N GLU B 350 32.41 -15.99 29.19
CA GLU B 350 32.37 -17.35 28.66
C GLU B 350 33.44 -18.25 29.29
N LYS B 351 34.67 -17.76 29.36
CA LYS B 351 35.77 -18.57 29.90
C LYS B 351 35.59 -18.87 31.39
N LEU B 352 35.09 -17.90 32.16
CA LEU B 352 34.89 -18.13 33.59
C LEU B 352 33.68 -19.03 33.87
N ALA B 353 32.61 -18.89 33.10
CA ALA B 353 31.47 -19.80 33.24
C ALA B 353 31.83 -21.23 32.84
N ASP B 354 32.67 -21.39 31.82
CA ASP B 354 33.18 -22.70 31.45
C ASP B 354 34.00 -23.33 32.58
N ILE B 355 34.96 -22.60 33.13
CA ILE B 355 35.80 -23.11 34.23
C ILE B 355 34.94 -23.54 35.42
N ILE B 356 33.97 -22.72 35.81
CA ILE B 356 33.10 -23.08 36.92
C ILE B 356 32.34 -24.37 36.64
N ALA B 357 31.83 -24.54 35.43
CA ALA B 357 31.11 -25.76 35.08
C ALA B 357 32.02 -26.99 35.04
N ARG B 358 33.28 -26.83 34.62
CA ARG B 358 34.20 -27.96 34.68
C ARG B 358 34.49 -28.40 36.12
N GLU B 359 34.70 -27.45 37.02
CA GLU B 359 34.99 -27.80 38.41
C GLU B 359 33.77 -28.33 39.14
N PHE B 360 32.57 -27.87 38.77
CA PHE B 360 31.36 -28.52 39.26
C PHE B 360 31.27 -29.96 38.75
N TYR B 361 31.54 -30.17 37.47
CA TYR B 361 31.52 -31.52 36.91
C TYR B 361 32.59 -32.41 37.55
N ASN B 362 33.81 -31.90 37.66
CA ASN B 362 34.88 -32.66 38.31
C ASN B 362 34.54 -33.03 39.74
N LEU B 363 33.93 -32.13 40.50
CA LEU B 363 33.48 -32.48 41.84
C LEU B 363 32.47 -33.63 41.80
N HIS B 364 31.47 -33.51 40.93
CA HIS B 364 30.48 -34.58 40.80
C HIS B 364 31.11 -35.88 40.29
N HIS B 365 32.08 -35.77 39.40
CA HIS B 365 32.72 -36.95 38.83
C HIS B 365 33.71 -37.59 39.79
N GLN B 366 34.42 -36.79 40.59
CA GLN B 366 35.28 -37.36 41.63
C GLN B 366 34.48 -37.90 42.80
N ALA B 367 33.34 -37.28 43.11
CA ALA B 367 32.51 -37.74 44.23
C ALA B 367 31.97 -39.14 43.95
N CYS B 376 31.17 -31.36 51.73
CA CYS B 376 29.82 -30.91 51.41
C CYS B 376 29.24 -31.72 50.25
N PRO B 377 27.91 -31.79 50.15
CA PRO B 377 27.30 -32.49 49.04
C PRO B 377 27.67 -31.85 47.72
N PRO B 378 27.82 -32.65 46.66
CA PRO B 378 27.69 -32.12 45.29
C PRO B 378 26.34 -31.44 45.06
N VAL B 379 26.27 -30.71 43.95
CA VAL B 379 25.08 -29.94 43.61
C VAL B 379 23.86 -30.86 43.42
N ILE B 380 22.70 -30.33 43.76
CA ILE B 380 21.41 -30.93 43.44
C ILE B 380 20.74 -30.05 42.40
N LEU B 381 20.38 -30.63 41.25
CA LEU B 381 20.09 -29.85 40.05
C LEU B 381 18.73 -30.12 39.43
N GLU B 382 18.04 -31.22 39.78
CA GLU B 382 16.72 -31.54 39.24
C GLU B 382 16.72 -31.52 37.71
N GLN B 383 17.69 -32.22 37.12
CA GLN B 383 18.08 -31.99 35.73
C GLN B 383 16.95 -32.16 34.73
N LYS B 384 15.86 -32.83 35.12
CA LYS B 384 14.63 -32.81 34.32
C LYS B 384 14.18 -31.40 33.99
N GLU B 385 14.36 -30.47 34.93
CA GLU B 385 14.02 -29.06 34.66
C GLU B 385 15.01 -28.41 33.70
N LEU B 386 16.30 -28.64 33.89
CA LEU B 386 17.32 -28.05 33.02
C LEU B 386 17.28 -28.57 31.59
N LEU B 387 16.84 -29.81 31.38
CA LEU B 387 16.61 -30.28 30.01
C LEU B 387 15.42 -29.60 29.35
N GLU B 388 14.38 -29.27 30.10
CA GLU B 388 13.32 -28.42 29.56
C GLU B 388 13.82 -27.03 29.20
N VAL B 389 14.70 -26.46 30.04
CA VAL B 389 15.33 -25.18 29.72
C VAL B 389 16.16 -25.27 28.44
N MET B 390 16.98 -26.31 28.33
CA MET B 390 17.79 -26.49 27.12
C MET B 390 16.93 -26.75 25.88
N ASP B 391 15.82 -27.46 26.03
CA ASP B 391 14.92 -27.65 24.90
C ASP B 391 14.27 -26.35 24.45
N GLN B 392 13.90 -25.49 25.40
CA GLN B 392 13.37 -24.17 25.03
C GLN B 392 14.41 -23.29 24.35
N LEU B 393 15.69 -23.42 24.70
CA LEU B 393 16.72 -22.72 23.94
C LEU B 393 16.93 -23.33 22.54
N ARG B 394 17.03 -24.65 22.45
CA ARG B 394 17.42 -25.26 21.18
C ARG B 394 16.39 -25.04 20.08
N ARG B 395 15.12 -24.90 20.44
CA ARG B 395 14.10 -24.52 19.47
C ARG B 395 14.36 -23.16 18.83
N LEU B 396 15.01 -22.24 19.53
CA LEU B 396 15.24 -20.91 18.99
C LEU B 396 16.01 -20.97 17.67
N PRO B 397 15.83 -19.96 16.80
CA PRO B 397 16.60 -19.90 15.56
C PRO B 397 18.10 -19.96 15.74
N SER B 398 18.63 -19.41 16.83
CA SER B 398 20.05 -19.44 17.11
C SER B 398 20.54 -20.82 17.55
N GLY B 399 19.64 -21.74 17.88
CA GLY B 399 20.06 -22.97 18.51
C GLY B 399 20.60 -22.76 19.91
N LEU B 400 21.32 -23.76 20.39
CA LEU B 400 21.98 -23.72 21.68
C LEU B 400 23.47 -23.53 21.49
N ASP B 401 24.01 -22.48 22.11
CA ASP B 401 25.44 -22.20 22.02
C ASP B 401 26.25 -23.33 22.64
N SER B 402 27.34 -23.69 21.96
CA SER B 402 28.24 -24.76 22.42
C SER B 402 28.72 -24.55 23.85
N VAL B 403 28.96 -23.30 24.25
CA VAL B 403 29.38 -23.04 25.63
C VAL B 403 28.21 -23.20 26.59
N LEU B 404 27.02 -22.79 26.19
CA LEU B 404 25.83 -23.06 26.98
C LEU B 404 25.54 -24.56 27.08
N GLN B 405 25.80 -25.30 26.01
CA GLN B 405 25.48 -26.72 25.98
C GLN B 405 26.12 -27.50 27.14
N LYS B 406 27.42 -27.31 27.36
CA LYS B 406 28.05 -27.95 28.53
C LYS B 406 27.69 -27.28 29.86
N THR B 407 27.67 -25.94 29.91
CA THR B 407 27.46 -25.23 31.19
C THR B 407 26.05 -25.34 31.74
N VAL B 408 25.02 -25.21 30.88
CA VAL B 408 23.64 -25.17 31.39
C VAL B 408 23.22 -26.41 32.17
N PRO B 409 23.52 -27.65 31.76
CA PRO B 409 23.06 -28.80 32.54
C PRO B 409 23.70 -28.93 33.91
N TRP B 410 24.84 -28.30 34.15
CA TRP B 410 25.44 -28.21 35.47
C TRP B 410 24.93 -27.01 36.27
N GLY B 411 23.96 -26.28 35.73
CA GLY B 411 23.37 -25.16 36.43
C GLY B 411 24.20 -23.89 36.39
N VAL B 412 25.11 -23.77 35.44
CA VAL B 412 25.89 -22.55 35.25
C VAL B 412 25.49 -21.97 33.90
N ALA B 413 25.47 -20.64 33.82
CA ALA B 413 25.10 -19.97 32.59
C ALA B 413 25.86 -18.66 32.48
N PHE B 414 26.07 -18.20 31.25
CA PHE B 414 26.65 -16.91 30.98
C PHE B 414 25.62 -16.04 30.27
N HIS B 415 25.76 -14.73 30.44
CA HIS B 415 24.77 -13.77 29.96
C HIS B 415 25.51 -12.51 29.52
N HIS B 416 25.54 -12.25 28.22
CA HIS B 416 26.23 -11.07 27.70
C HIS B 416 25.59 -10.64 26.39
N ALA B 417 26.00 -9.44 25.95
CA ALA B 417 25.42 -8.78 24.78
C ALA B 417 25.53 -9.57 23.48
N GLY B 418 26.29 -10.66 23.46
CA GLY B 418 26.32 -11.53 22.30
C GLY B 418 25.17 -12.52 22.21
N LEU B 419 24.45 -12.74 23.30
CA LEU B 419 23.30 -13.64 23.26
C LEU B 419 22.12 -13.01 22.54
N THR B 420 21.34 -13.85 21.87
CA THR B 420 20.04 -13.47 21.34
C THR B 420 19.11 -13.07 22.48
N PHE B 421 18.22 -12.11 22.19
CA PHE B 421 17.31 -11.59 23.22
C PHE B 421 16.47 -12.70 23.86
N GLU B 422 15.98 -13.65 23.07
CA GLU B 422 15.26 -14.78 23.65
C GLU B 422 16.17 -15.67 24.48
N GLU B 423 17.45 -15.80 24.13
CA GLU B 423 18.37 -16.54 24.99
C GLU B 423 18.53 -15.88 26.35
N ARG B 424 18.71 -14.56 26.36
CA ARG B 424 18.82 -13.85 27.63
C ARG B 424 17.57 -14.03 28.49
N ASP B 425 16.39 -13.87 27.88
CA ASP B 425 15.14 -13.97 28.62
C ASP B 425 14.96 -15.36 29.24
N ILE B 426 15.32 -16.41 28.49
CA ILE B 426 15.19 -17.77 29.03
C ILE B 426 16.22 -18.02 30.12
N ILE B 427 17.46 -17.55 29.95
CA ILE B 427 18.47 -17.68 31.00
C ILE B 427 18.08 -16.90 32.25
N GLU B 428 17.59 -15.67 32.06
CA GLU B 428 17.06 -14.90 33.18
C GLU B 428 15.91 -15.62 33.89
N GLY B 429 14.94 -16.12 33.13
CA GLY B 429 13.81 -16.81 33.73
C GLY B 429 14.19 -18.04 34.52
N ALA B 430 15.12 -18.84 34.00
CA ALA B 430 15.61 -20.00 34.72
C ALA B 430 16.37 -19.63 35.99
N PHE B 431 17.05 -18.49 36.01
CA PHE B 431 17.72 -18.05 37.23
C PHE B 431 16.74 -17.55 38.28
N ARG B 432 15.65 -16.90 37.87
CA ARG B 432 14.64 -16.48 38.84
C ARG B 432 14.03 -17.67 39.57
N GLN B 433 13.60 -18.68 38.81
CA GLN B 433 13.15 -19.92 39.43
C GLN B 433 14.24 -20.59 40.24
N GLY B 434 15.50 -20.36 39.87
CA GLY B 434 16.61 -20.97 40.56
C GLY B 434 17.07 -22.29 39.98
N LEU B 435 16.68 -22.59 38.74
CA LEU B 435 17.20 -23.79 38.08
C LEU B 435 18.68 -23.61 37.75
N ILE B 436 19.04 -22.45 37.22
CA ILE B 436 20.44 -22.03 37.17
C ILE B 436 20.83 -21.50 38.53
N ARG B 437 22.00 -21.91 39.02
CA ARG B 437 22.46 -21.53 40.35
C ARG B 437 23.63 -20.56 40.35
N VAL B 438 24.47 -20.58 39.32
CA VAL B 438 25.45 -19.53 39.09
C VAL B 438 25.19 -18.95 37.70
N LEU B 439 24.93 -17.65 37.66
CA LEU B 439 24.85 -16.91 36.41
C LEU B 439 25.97 -15.88 36.36
N ALA B 440 26.75 -15.92 35.28
CA ALA B 440 27.79 -14.93 35.05
C ALA B 440 27.32 -13.96 33.98
N ALA B 441 27.60 -12.68 34.18
CA ALA B 441 27.05 -11.65 33.32
C ALA B 441 28.02 -10.49 33.16
N THR B 442 27.93 -9.82 32.02
CA THR B 442 28.48 -8.49 31.84
C THR B 442 27.61 -7.46 32.55
N SER B 443 28.15 -6.25 32.68
CA SER B 443 27.50 -5.18 33.44
C SER B 443 26.09 -4.88 32.97
N THR B 444 25.80 -5.08 31.69
CA THR B 444 24.50 -4.71 31.12
C THR B 444 23.32 -5.33 31.88
N LEU B 445 23.48 -6.55 32.38
CA LEU B 445 22.43 -7.16 33.20
C LEU B 445 22.18 -6.38 34.48
N SER B 446 23.23 -5.80 35.07
CA SER B 446 23.10 -5.13 36.36
C SER B 446 22.19 -3.91 36.29
N SER B 447 22.27 -3.14 35.21
CA SER B 447 21.33 -2.05 34.99
C SER B 447 20.03 -2.51 34.35
N GLY B 448 20.01 -3.66 33.69
CA GLY B 448 18.90 -3.98 32.82
C GLY B 448 17.64 -4.52 33.46
N VAL B 449 17.71 -5.56 34.29
CA VAL B 449 16.51 -6.29 34.68
C VAL B 449 16.67 -6.80 36.11
N ASN B 450 15.55 -6.92 36.82
CA ASN B 450 15.52 -7.44 38.18
C ASN B 450 15.80 -8.93 38.20
N LEU B 451 16.90 -9.34 38.82
CA LEU B 451 17.10 -10.72 39.26
C LEU B 451 17.45 -10.72 40.73
N PRO B 452 16.71 -11.43 41.58
CA PRO B 452 17.22 -11.77 42.91
C PRO B 452 18.46 -12.65 42.82
N ALA B 453 19.51 -12.25 43.54
CA ALA B 453 20.73 -13.04 43.68
C ALA B 453 21.21 -12.97 45.11
N ARG B 454 21.69 -14.08 45.65
CA ARG B 454 21.94 -14.13 47.09
C ARG B 454 23.34 -13.61 47.42
N ARG B 455 24.36 -14.16 46.78
CA ARG B 455 25.69 -13.57 46.78
C ARG B 455 25.95 -12.97 45.40
N VAL B 456 26.35 -11.70 45.37
CA VAL B 456 26.78 -11.06 44.13
C VAL B 456 28.29 -10.87 44.20
N ILE B 457 29.00 -11.45 43.24
CA ILE B 457 30.45 -11.32 43.16
C ILE B 457 30.79 -10.45 41.96
N ILE B 458 31.72 -9.52 42.16
CA ILE B 458 32.20 -8.63 41.11
C ILE B 458 33.70 -8.83 40.98
N ARG B 459 34.18 -8.92 39.74
CA ARG B 459 35.43 -9.63 39.50
C ARG B 459 36.64 -8.72 39.36
N THR B 460 36.46 -7.45 39.00
CA THR B 460 37.51 -6.46 39.16
C THR B 460 36.86 -5.10 39.39
N PRO B 461 37.61 -4.14 39.96
CA PRO B 461 37.19 -2.73 39.87
C PRO B 461 37.28 -2.17 38.46
N ILE B 462 37.89 -2.89 37.52
CA ILE B 462 38.36 -2.31 36.27
C ILE B 462 37.60 -2.98 35.13
N PHE B 463 36.53 -2.35 34.67
CA PHE B 463 35.72 -2.87 33.58
C PHE B 463 36.12 -2.15 32.30
N GLY B 464 36.42 -2.93 31.26
CA GLY B 464 36.80 -2.36 29.98
C GLY B 464 38.06 -1.54 30.00
N GLY B 465 38.90 -1.71 31.02
CA GLY B 465 40.07 -0.89 31.21
C GLY B 465 39.83 0.41 31.96
N ARG B 466 38.63 0.60 32.52
CA ARG B 466 38.30 1.78 33.31
C ARG B 466 37.77 1.34 34.67
N PRO B 467 37.97 2.14 35.72
CA PRO B 467 37.24 1.91 36.97
C PRO B 467 35.74 1.86 36.73
N LEU B 468 35.06 1.02 37.50
CA LEU B 468 33.60 1.01 37.49
C LEU B 468 33.04 2.38 37.80
N ASP B 469 31.91 2.71 37.16
CA ASP B 469 31.10 3.81 37.63
C ASP B 469 30.37 3.43 38.91
N ILE B 470 30.36 4.34 39.88
CA ILE B 470 29.77 4.05 41.18
C ILE B 470 28.29 3.70 41.04
N LEU B 471 27.61 4.29 40.05
CA LEU B 471 26.25 3.90 39.73
C LEU B 471 26.15 2.42 39.38
N THR B 472 27.06 1.93 38.55
CA THR B 472 27.04 0.51 38.17
C THR B 472 27.28 -0.41 39.35
N TYR B 473 28.30 -0.10 40.17
CA TYR B 473 28.58 -0.92 41.35
C TYR B 473 27.38 -0.99 42.30
N LYS B 474 26.75 0.16 42.56
CA LYS B 474 25.59 0.16 43.46
C LYS B 474 24.38 -0.51 42.83
N GLN B 475 24.29 -0.52 41.50
CA GLN B 475 23.27 -1.34 40.85
C GLN B 475 23.57 -2.83 40.98
N MET B 476 24.85 -3.22 40.81
CA MET B 476 25.23 -4.62 40.97
C MET B 476 24.98 -5.12 42.39
N VAL B 477 25.48 -4.40 43.39
CA VAL B 477 25.29 -4.80 44.78
C VAL B 477 23.84 -4.68 45.22
N GLY B 478 23.10 -3.69 44.71
CA GLY B 478 21.72 -3.49 45.12
C GLY B 478 20.83 -4.71 44.93
N ARG B 479 21.25 -5.66 44.11
CA ARG B 479 20.46 -6.86 43.83
C ARG B 479 20.57 -7.92 44.92
N ALA B 480 21.57 -7.81 45.80
CA ALA B 480 21.91 -8.88 46.72
C ALA B 480 20.80 -9.12 47.74
N GLY B 481 20.48 -10.41 47.95
CA GLY B 481 19.51 -10.86 48.93
C GLY B 481 18.13 -11.09 48.38
N ARG B 482 17.72 -12.36 48.37
CA ARG B 482 16.38 -12.77 47.94
C ARG B 482 15.35 -12.36 48.98
N LYS B 483 14.49 -11.42 48.61
CA LYS B 483 13.44 -10.94 49.51
C LYS B 483 12.68 -12.08 50.17
N GLY B 484 12.62 -12.05 51.50
CA GLY B 484 11.89 -13.03 52.28
C GLY B 484 12.49 -14.42 52.38
N VAL B 485 13.41 -14.76 51.49
CA VAL B 485 14.14 -16.02 51.57
C VAL B 485 15.35 -15.91 52.47
N ASP B 486 16.15 -14.87 52.30
CA ASP B 486 17.40 -14.70 53.02
C ASP B 486 17.18 -14.01 54.36
N THR B 487 18.07 -14.32 55.31
CA THR B 487 18.25 -13.46 56.47
C THR B 487 19.21 -12.31 56.20
N VAL B 488 20.19 -12.49 55.31
CA VAL B 488 21.08 -11.42 54.88
C VAL B 488 21.48 -11.66 53.44
N GLY B 489 21.75 -10.57 52.72
CA GLY B 489 22.43 -10.61 51.44
C GLY B 489 23.89 -10.24 51.60
N GLU B 490 24.71 -10.73 50.66
CA GLU B 490 26.13 -10.46 50.67
C GLU B 490 26.58 -10.09 49.26
N SER B 491 27.54 -9.19 49.16
CA SER B 491 28.32 -9.02 47.95
C SER B 491 29.80 -8.98 48.26
N ILE B 492 30.58 -9.67 47.43
CA ILE B 492 32.04 -9.66 47.50
C ILE B 492 32.58 -9.03 46.24
N LEU B 493 33.44 -8.02 46.39
CA LEU B 493 34.22 -7.50 45.29
C LEU B 493 35.61 -8.13 45.34
N ILE B 494 36.05 -8.71 44.23
CA ILE B 494 37.37 -9.30 44.13
C ILE B 494 38.32 -8.25 43.59
N CYS B 495 39.50 -8.14 44.19
CA CYS B 495 40.38 -7.03 43.89
C CYS B 495 41.82 -7.45 44.14
N LYS B 496 42.72 -7.02 43.26
CA LYS B 496 44.14 -7.29 43.45
C LYS B 496 44.82 -6.20 44.27
N ASN B 497 46.08 -6.47 44.65
CA ASN B 497 46.82 -5.56 45.52
C ASN B 497 46.94 -4.17 44.92
N SER B 498 47.29 -4.06 43.64
CA SER B 498 47.39 -2.75 43.00
C SER B 498 46.02 -2.10 42.82
N GLU B 499 44.98 -2.92 42.64
CA GLU B 499 43.63 -2.40 42.48
C GLU B 499 43.04 -1.89 43.79
N LYS B 500 43.51 -2.42 44.93
CA LYS B 500 42.78 -2.32 46.20
C LYS B 500 42.32 -0.90 46.50
N SER B 501 43.17 0.09 46.25
CA SER B 501 42.77 1.48 46.47
C SER B 501 41.53 1.85 45.65
N LYS B 502 41.47 1.40 44.40
CA LYS B 502 40.29 1.64 43.57
C LYS B 502 39.07 0.86 44.07
N GLY B 503 39.27 -0.40 44.47
CA GLY B 503 38.17 -1.16 45.03
C GLY B 503 37.55 -0.55 46.27
N ILE B 504 38.38 -0.07 47.19
CA ILE B 504 37.86 0.63 48.36
C ILE B 504 37.22 1.96 47.98
N ALA B 505 37.81 2.65 47.00
CA ALA B 505 37.22 3.90 46.52
C ALA B 505 35.80 3.69 45.98
N LEU B 506 35.59 2.65 45.18
CA LEU B 506 34.25 2.31 44.74
C LEU B 506 33.35 1.95 45.92
N LEU B 507 33.90 1.22 46.89
CA LEU B 507 33.10 0.73 48.00
C LEU B 507 32.66 1.85 48.94
N GLN B 508 33.54 2.83 49.19
CA GLN B 508 33.20 3.95 50.06
C GLN B 508 32.56 5.13 49.35
N GLY B 509 32.77 5.29 48.04
CA GLY B 509 32.35 6.49 47.35
C GLY B 509 30.85 6.54 47.11
N SER B 510 30.40 7.65 46.53
CA SER B 510 28.98 7.85 46.25
C SER B 510 28.80 8.54 44.91
N LEU B 511 27.57 8.46 44.39
CA LEU B 511 27.24 8.95 43.06
C LEU B 511 27.48 10.45 42.94
N LYS B 512 27.79 10.88 41.72
CA LYS B 512 27.78 12.29 41.38
C LYS B 512 26.36 12.85 41.38
N PRO B 513 26.20 14.12 41.73
CA PRO B 513 24.94 14.82 41.45
C PRO B 513 24.62 14.81 39.96
N VAL B 514 23.34 14.65 39.64
CA VAL B 514 22.88 14.70 38.25
C VAL B 514 22.87 16.15 37.78
N ARG B 515 23.14 16.34 36.48
CA ARG B 515 23.24 17.66 35.88
C ARG B 515 22.65 17.61 34.47
N SER B 516 22.31 18.79 33.97
CA SER B 516 21.41 18.89 32.82
C SER B 516 21.97 18.23 31.56
N CYS B 517 23.30 18.24 31.38
CA CYS B 517 23.92 17.94 30.08
C CYS B 517 23.47 18.91 28.99
N LEU B 518 23.09 20.13 29.38
CA LEU B 518 22.76 21.18 28.43
C LEU B 518 23.82 22.27 28.31
N GLN B 519 24.64 22.50 29.33
CA GLN B 519 25.69 23.50 29.22
C GLN B 519 26.65 23.14 28.09
N ARG B 520 26.90 24.12 27.23
CA ARG B 520 27.92 23.98 26.21
C ARG B 520 29.32 24.06 26.81
N ARG B 521 30.21 23.21 26.31
CA ARG B 521 31.62 23.22 26.68
C ARG B 521 32.36 24.36 25.99
N GLU B 522 33.60 24.57 26.43
CA GLU B 522 34.53 25.43 25.71
C GLU B 522 34.71 24.96 24.27
N GLY B 523 34.66 25.91 23.34
CA GLY B 523 34.79 25.63 21.93
C GLY B 523 33.55 25.10 21.24
N GLU B 524 32.50 24.77 21.98
CA GLU B 524 31.22 24.48 21.35
C GLU B 524 30.49 25.78 21.01
N GLU B 525 29.74 25.75 19.92
CA GLU B 525 28.74 26.79 19.68
C GLU B 525 27.54 26.60 20.58
N VAL B 526 26.86 25.46 20.45
CA VAL B 526 25.69 25.11 21.24
C VAL B 526 25.57 23.61 21.27
N THR B 527 24.89 23.09 22.29
CA THR B 527 24.69 21.65 22.41
C THR B 527 23.51 21.20 21.55
N GLY B 528 23.65 19.99 20.99
CA GLY B 528 22.57 19.41 20.20
C GLY B 528 21.29 19.21 20.99
N SER B 529 21.40 18.95 22.28
CA SER B 529 20.23 18.89 23.16
C SER B 529 19.53 20.23 23.26
N MET B 530 20.28 21.33 23.31
CA MET B 530 19.64 22.64 23.37
C MET B 530 19.01 23.01 22.03
N ILE B 531 19.68 22.69 20.92
CA ILE B 531 19.07 22.89 19.60
C ILE B 531 17.78 22.11 19.48
N ARG B 532 17.80 20.85 19.90
CA ARG B 532 16.57 20.06 19.95
C ARG B 532 15.53 20.70 20.86
N ALA B 533 15.96 21.24 22.00
CA ALA B 533 15.02 21.88 22.91
C ALA B 533 14.30 23.05 22.26
N ILE B 534 15.06 23.92 21.59
CA ILE B 534 14.48 25.11 20.97
C ILE B 534 13.66 24.74 19.74
N LEU B 535 14.12 23.75 18.98
CA LEU B 535 13.33 23.20 17.86
C LEU B 535 11.97 22.67 18.32
N GLU B 536 11.97 21.84 19.37
CA GLU B 536 10.73 21.20 19.82
C GLU B 536 9.67 22.21 20.26
N ILE B 537 10.07 23.30 20.91
CA ILE B 537 9.09 24.30 21.28
C ILE B 537 8.61 25.10 20.07
N ILE B 538 9.54 25.67 19.29
CA ILE B 538 9.14 26.54 18.18
C ILE B 538 8.26 25.79 17.18
N VAL B 539 8.69 24.62 16.74
CA VAL B 539 7.91 23.88 15.76
C VAL B 539 6.64 23.31 16.41
N GLY B 540 6.71 22.96 17.69
CA GLY B 540 5.52 22.56 18.41
C GLY B 540 4.46 23.63 18.44
N GLY B 541 4.88 24.89 18.40
CA GLY B 541 3.96 26.00 18.54
C GLY B 541 3.76 26.45 19.98
N VAL B 542 4.78 26.31 20.81
CA VAL B 542 4.87 26.96 22.11
C VAL B 542 6.17 27.74 22.14
N ALA B 543 6.16 28.89 22.80
CA ALA B 543 7.32 29.79 22.87
C ALA B 543 7.79 30.18 21.47
N SER B 544 6.86 30.68 20.65
CA SER B 544 7.19 31.22 19.34
C SER B 544 8.02 32.49 19.41
N THR B 545 8.30 33.02 20.62
CA THR B 545 8.93 34.32 20.77
C THR B 545 9.98 34.24 21.86
N SER B 546 10.94 35.17 21.78
CA SER B 546 12.14 35.10 22.61
C SER B 546 11.83 35.18 24.10
N GLN B 547 10.85 36.00 24.48
CA GLN B 547 10.45 36.08 25.88
C GLN B 547 9.87 34.75 26.40
N ASP B 548 9.07 34.07 25.58
CA ASP B 548 8.57 32.77 25.98
C ASP B 548 9.65 31.68 25.95
N MET B 549 10.60 31.77 25.02
CA MET B 549 11.75 30.85 25.06
C MET B 549 12.59 31.05 26.31
N HIS B 550 12.72 32.29 26.77
CA HIS B 550 13.38 32.54 28.05
C HIS B 550 12.54 32.06 29.23
N THR B 551 11.21 32.09 29.11
CA THR B 551 10.36 31.55 30.17
C THR B 551 10.42 30.03 30.26
N TYR B 552 10.40 29.35 29.10
CA TYR B 552 10.68 27.92 29.07
C TYR B 552 12.09 27.61 29.57
N ALA B 553 13.05 28.49 29.29
CA ALA B 553 14.39 28.34 29.85
C ALA B 553 14.39 28.28 31.37
N ALA B 554 13.60 29.14 32.01
CA ALA B 554 13.51 29.10 33.47
C ALA B 554 12.95 27.79 34.00
N CYS B 555 12.03 27.15 33.26
CA CYS B 555 11.61 25.80 33.64
C CYS B 555 12.71 24.76 33.48
N THR B 556 13.69 25.00 32.61
CA THR B 556 14.67 23.98 32.30
C THR B 556 15.51 23.64 33.54
N PHE B 557 15.83 22.35 33.70
CA PHE B 557 16.60 21.92 34.85
C PHE B 557 18.01 22.48 34.87
N LEU B 558 18.54 22.83 33.70
CA LEU B 558 19.79 23.61 33.65
C LEU B 558 19.69 24.89 34.46
N ALA B 559 18.54 25.56 34.43
CA ALA B 559 18.37 26.76 35.22
C ALA B 559 18.36 26.47 36.72
N ALA B 560 17.63 25.44 37.15
CA ALA B 560 17.62 25.04 38.55
C ALA B 560 18.97 24.54 39.03
N SER B 561 19.75 23.89 38.15
CA SER B 561 21.11 23.50 38.52
C SER B 561 22.05 24.69 38.61
N MET B 562 21.97 25.62 37.66
CA MET B 562 22.78 26.83 37.76
C MET B 562 22.30 27.76 38.86
N LYS B 563 21.00 27.77 39.16
CA LYS B 563 20.48 28.60 40.24
C LYS B 563 21.11 28.24 41.58
N VAL B 576 24.51 32.32 31.11
CA VAL B 576 25.06 31.82 29.85
C VAL B 576 23.96 31.10 29.07
N GLN B 577 23.01 30.51 29.81
CA GLN B 577 21.95 29.73 29.19
C GLN B 577 21.17 30.53 28.15
N LEU B 578 20.85 31.79 28.47
CA LEU B 578 20.10 32.62 27.54
C LEU B 578 20.93 33.02 26.33
N GLY B 579 22.25 33.19 26.50
CA GLY B 579 23.12 33.38 25.34
C GLY B 579 23.24 32.17 24.45
N ALA B 580 23.26 30.97 25.05
CA ALA B 580 23.25 29.73 24.28
C ALA B 580 21.92 29.50 23.56
N ILE B 581 20.81 29.96 24.14
CA ILE B 581 19.52 29.87 23.46
C ILE B 581 19.47 30.74 22.22
N GLU B 582 19.91 32.00 22.34
CA GLU B 582 19.95 32.88 21.17
C GLU B 582 20.89 32.38 20.08
N ALA B 583 21.97 31.70 20.46
CA ALA B 583 22.80 31.03 19.46
C ALA B 583 22.10 29.83 18.82
N CYS B 584 21.32 29.08 19.59
CA CYS B 584 20.52 27.99 19.01
C CYS B 584 19.48 28.51 18.02
N VAL B 585 18.77 29.57 18.38
CA VAL B 585 17.81 30.17 17.46
C VAL B 585 18.51 30.62 16.18
N MET B 586 19.68 31.23 16.30
CA MET B 586 20.45 31.61 15.11
C MET B 586 20.87 30.40 14.28
N TRP B 587 21.29 29.31 14.94
CA TRP B 587 21.67 28.12 14.18
C TRP B 587 20.48 27.51 13.45
N LEU B 588 19.34 27.40 14.12
CA LEU B 588 18.14 26.89 13.45
C LEU B 588 17.73 27.77 12.29
N LEU B 589 17.77 29.09 12.50
CA LEU B 589 17.36 30.05 11.48
C LEU B 589 18.32 30.05 10.28
N GLU B 590 19.62 29.96 10.54
CA GLU B 590 20.60 29.86 9.47
C GLU B 590 20.57 28.50 8.77
N ASN B 591 20.07 27.45 9.41
CA ASN B 591 19.90 26.17 8.75
C ASN B 591 18.46 25.90 8.33
N GLU B 592 17.64 26.95 8.24
CA GLU B 592 16.34 26.90 7.56
C GLU B 592 15.35 25.94 8.22
N PHE B 593 15.61 25.55 9.47
CA PHE B 593 14.61 24.81 10.21
C PHE B 593 13.46 25.69 10.68
N ILE B 594 13.69 27.00 10.80
CA ILE B 594 12.66 27.95 11.22
C ILE B 594 12.79 29.21 10.38
N GLN B 595 11.67 29.91 10.22
CA GLN B 595 11.65 31.21 9.57
C GLN B 595 11.44 32.32 10.58
N SER B 596 12.17 33.41 10.40
CA SER B 596 12.08 34.59 11.26
C SER B 596 11.23 35.64 10.56
N THR B 597 10.33 36.26 11.32
CA THR B 597 9.46 37.30 10.78
C THR B 597 9.32 38.41 11.82
N GLU B 598 9.06 39.62 11.33
CA GLU B 598 8.75 40.73 12.20
C GLU B 598 7.36 40.57 12.81
N ALA B 599 7.19 41.10 14.01
CA ALA B 599 5.94 40.95 14.75
C ALA B 599 4.81 41.69 14.05
N GLY B 605 10.02 42.97 19.01
CA GLY B 605 10.24 41.53 19.12
C GLY B 605 10.22 40.82 17.79
N LYS B 606 10.27 39.48 17.84
CA LYS B 606 10.19 38.65 16.65
C LYS B 606 9.36 37.41 16.97
N VAL B 607 8.82 36.81 15.90
CA VAL B 607 8.06 35.58 15.98
C VAL B 607 8.66 34.59 14.99
N TYR B 608 8.90 33.37 15.44
CA TYR B 608 9.55 32.34 14.64
C TYR B 608 8.55 31.28 14.23
N HIS B 609 8.62 30.88 12.95
CA HIS B 609 7.69 29.93 12.37
C HIS B 609 8.43 28.70 11.88
N PRO B 610 7.81 27.52 11.97
CA PRO B 610 8.43 26.33 11.38
C PRO B 610 8.36 26.35 9.86
N THR B 611 9.34 25.69 9.24
CA THR B 611 9.24 25.28 7.85
C THR B 611 8.66 23.87 7.75
N HIS B 612 8.50 23.39 6.51
CA HIS B 612 8.25 21.97 6.29
C HIS B 612 9.38 21.12 6.83
N LEU B 613 10.63 21.55 6.60
CA LEU B 613 11.78 20.85 7.16
C LEU B 613 11.74 20.84 8.68
N GLY B 614 11.37 21.97 9.30
CA GLY B 614 11.21 22.00 10.74
C GLY B 614 10.13 21.04 11.23
N SER B 615 8.96 21.10 10.62
CA SER B 615 7.85 20.23 11.02
C SER B 615 8.17 18.76 10.76
N ALA B 616 8.88 18.46 9.67
CA ALA B 616 9.29 17.09 9.39
C ALA B 616 10.31 16.57 10.40
N THR B 617 11.31 17.39 10.74
CA THR B 617 12.32 16.92 11.69
C THR B 617 11.77 16.78 13.11
N LEU B 618 10.82 17.64 13.52
CA LEU B 618 10.15 17.42 14.79
C LEU B 618 9.27 16.17 14.77
N SER B 619 8.45 16.01 13.73
CA SER B 619 7.51 14.90 13.68
C SER B 619 8.23 13.56 13.57
N SER B 620 9.36 13.53 12.87
CA SER B 620 10.16 12.31 12.82
C SER B 620 10.89 12.05 14.14
N SER B 621 11.19 13.10 14.91
CA SER B 621 12.01 13.03 16.10
C SER B 621 13.48 12.77 15.79
N LEU B 622 13.90 13.02 14.55
CA LEU B 622 15.30 13.00 14.21
C LEU B 622 16.05 14.12 14.94
N SER B 623 17.37 13.97 15.04
CA SER B 623 18.22 15.10 15.38
C SER B 623 18.28 16.08 14.21
N PRO B 624 18.32 17.39 14.48
CA PRO B 624 18.40 18.35 13.37
C PRO B 624 19.74 18.39 12.66
N ALA B 625 20.85 18.18 13.37
CA ALA B 625 22.15 18.12 12.71
C ALA B 625 22.25 16.92 11.76
N ASP B 626 21.77 15.77 12.23
CA ASP B 626 21.62 14.59 11.37
C ASP B 626 20.65 14.85 10.22
N THR B 627 19.56 15.58 10.49
CA THR B 627 18.55 15.87 9.47
C THR B 627 19.11 16.59 8.25
N LEU B 628 20.14 17.42 8.41
CA LEU B 628 20.79 18.01 7.24
C LEU B 628 21.35 16.95 6.30
N ASP B 629 22.12 15.99 6.82
CA ASP B 629 22.70 14.97 5.95
C ASP B 629 21.66 13.95 5.49
N ILE B 630 20.66 13.66 6.31
CA ILE B 630 19.55 12.81 5.86
C ILE B 630 18.83 13.47 4.68
N PHE B 631 18.52 14.75 4.80
CA PHE B 631 17.80 15.45 3.74
C PHE B 631 18.63 15.59 2.47
N ALA B 632 19.94 15.82 2.61
CA ALA B 632 20.83 15.87 1.45
C ALA B 632 20.97 14.52 0.76
N ASP B 633 21.06 13.43 1.52
CA ASP B 633 21.14 12.09 0.95
C ASP B 633 19.84 11.66 0.27
N LEU B 634 18.70 12.02 0.84
CA LEU B 634 17.42 11.69 0.20
C LEU B 634 17.22 12.41 -1.13
N GLN B 635 17.59 13.68 -1.22
CA GLN B 635 17.53 14.35 -2.51
C GLN B 635 18.53 13.78 -3.51
N ARG B 636 19.72 13.40 -3.05
CA ARG B 636 20.70 12.81 -3.96
C ARG B 636 20.28 11.41 -4.43
N ALA B 637 19.59 10.65 -3.59
CA ALA B 637 19.08 9.34 -4.01
C ALA B 637 17.85 9.45 -4.92
N MET B 638 16.89 10.29 -4.56
CA MET B 638 15.68 10.41 -5.37
C MET B 638 15.93 10.89 -6.80
N LYS B 639 17.11 11.40 -7.09
CA LYS B 639 17.49 11.82 -8.44
C LYS B 639 18.21 10.73 -9.23
N GLY B 640 18.31 9.52 -8.68
CA GLY B 640 18.98 8.44 -9.36
C GLY B 640 18.92 7.15 -8.55
N PHE B 641 17.70 6.65 -8.36
CA PHE B 641 17.42 5.53 -7.49
C PHE B 641 17.51 4.20 -8.24
N VAL B 642 17.85 3.14 -7.52
CA VAL B 642 17.89 1.78 -8.05
C VAL B 642 16.74 0.98 -7.43
N LEU B 643 15.81 0.56 -8.28
CA LEU B 643 14.61 -0.13 -7.81
C LEU B 643 14.70 -1.64 -7.94
N GLU B 644 15.72 -2.18 -8.62
CA GLU B 644 15.76 -3.60 -8.93
C GLU B 644 16.08 -4.47 -7.72
N ASN B 645 16.46 -3.88 -6.59
CA ASN B 645 16.72 -4.67 -5.39
C ASN B 645 16.39 -3.81 -4.17
N ASP B 646 16.53 -4.40 -2.99
CA ASP B 646 16.26 -3.73 -1.73
C ASP B 646 17.44 -2.91 -1.21
N LEU B 647 18.59 -2.90 -1.89
CA LEU B 647 19.80 -2.40 -1.25
C LEU B 647 19.78 -0.88 -1.11
N HIS B 648 19.34 -0.16 -2.13
CA HIS B 648 19.43 1.29 -2.07
C HIS B 648 18.46 1.85 -1.04
N ILE B 649 17.28 1.23 -0.91
CA ILE B 649 16.35 1.60 0.14
C ILE B 649 16.96 1.36 1.52
N LEU B 650 17.61 0.21 1.68
CA LEU B 650 18.34 -0.08 2.93
C LEU B 650 19.52 0.86 3.17
N TYR B 651 20.17 1.35 2.12
CA TYR B 651 21.25 2.30 2.32
C TYR B 651 20.77 3.61 2.94
N LEU B 652 19.58 4.06 2.55
CA LEU B 652 19.00 5.24 3.19
C LEU B 652 18.49 4.91 4.59
N VAL B 653 17.94 3.71 4.78
CA VAL B 653 17.40 3.29 6.07
C VAL B 653 18.47 2.91 7.09
N THR B 654 19.62 2.39 6.66
CA THR B 654 20.60 1.94 7.64
C THR B 654 21.13 3.09 8.51
N PRO B 655 21.12 2.96 9.82
CA PRO B 655 21.76 3.94 10.70
C PRO B 655 23.21 4.21 10.33
N MET B 656 23.63 5.46 10.51
CA MET B 656 25.02 5.82 10.32
C MET B 656 25.91 5.04 11.28
N PHE B 657 27.10 4.68 10.81
CA PHE B 657 27.94 3.71 11.52
C PHE B 657 28.27 4.19 12.92
N GLU B 658 28.07 3.30 13.90
CA GLU B 658 28.11 3.66 15.32
C GLU B 658 28.92 2.64 16.10
N ASP B 659 30.05 2.20 15.50
CA ASP B 659 30.99 1.27 16.13
C ASP B 659 30.34 -0.05 16.53
N TRP B 660 29.17 -0.38 15.97
CA TRP B 660 28.45 -1.58 16.36
C TRP B 660 29.25 -2.85 16.07
N THR B 661 30.23 -2.78 15.17
CA THR B 661 31.14 -3.89 14.89
C THR B 661 32.52 -3.35 14.59
N THR B 662 33.52 -4.22 14.76
CA THR B 662 34.75 -4.09 13.99
C THR B 662 34.51 -4.64 12.58
N ILE B 663 34.61 -3.75 11.59
CA ILE B 663 34.42 -4.13 10.19
C ILE B 663 35.69 -4.81 9.68
N ASP B 664 35.58 -6.10 9.40
CA ASP B 664 36.68 -6.87 8.82
C ASP B 664 36.83 -6.44 7.36
N TRP B 665 37.80 -5.56 7.09
CA TRP B 665 37.99 -5.04 5.74
C TRP B 665 38.35 -6.14 4.75
N TYR B 666 39.08 -7.17 5.18
CA TYR B 666 39.43 -8.27 4.28
C TYR B 666 38.19 -9.02 3.82
N ARG B 667 37.25 -9.27 4.73
CA ARG B 667 35.94 -9.78 4.33
C ARG B 667 35.26 -8.83 3.35
N PHE B 668 35.27 -7.52 3.66
CA PHE B 668 34.58 -6.55 2.83
C PHE B 668 35.12 -6.53 1.40
N PHE B 669 36.45 -6.56 1.24
CA PHE B 669 37.02 -6.65 -0.10
C PHE B 669 36.74 -7.98 -0.78
N CYS B 670 36.74 -9.08 -0.02
CA CYS B 670 36.39 -10.39 -0.59
C CYS B 670 34.94 -10.40 -1.07
N LEU B 671 34.04 -9.89 -0.25
CA LEU B 671 32.64 -9.70 -0.63
C LEU B 671 32.50 -8.79 -1.84
N TRP B 672 33.26 -7.69 -1.88
CA TRP B 672 33.15 -6.72 -2.96
C TRP B 672 33.41 -7.32 -4.35
N GLU B 673 34.43 -8.16 -4.50
CA GLU B 673 34.64 -8.81 -5.79
C GLU B 673 33.48 -9.72 -6.17
N LYS B 674 32.92 -10.44 -5.20
CA LYS B 674 31.76 -11.29 -5.48
C LYS B 674 30.48 -10.49 -5.70
N LEU B 675 30.37 -9.33 -5.05
CA LEU B 675 29.12 -8.57 -5.03
C LEU B 675 28.54 -8.39 -6.42
N PRO B 676 27.26 -8.70 -6.63
CA PRO B 676 26.64 -8.56 -7.96
C PRO B 676 26.79 -7.15 -8.54
N THR B 677 26.93 -7.10 -9.86
CA THR B 677 27.09 -5.83 -10.56
C THR B 677 25.91 -4.88 -10.34
N SER B 678 24.71 -5.42 -10.16
CA SER B 678 23.57 -4.60 -9.75
C SER B 678 23.82 -3.89 -8.43
N MET B 679 24.29 -4.63 -7.42
CA MET B 679 24.63 -4.02 -6.14
C MET B 679 25.84 -3.11 -6.24
N LYS B 680 26.80 -3.42 -7.12
CA LYS B 680 27.90 -2.49 -7.38
C LYS B 680 27.44 -1.18 -8.01
N ARG B 681 26.37 -1.21 -8.80
CA ARG B 681 25.77 0.04 -9.28
C ARG B 681 25.24 0.90 -8.15
N VAL B 682 24.56 0.28 -7.17
CA VAL B 682 24.17 1.00 -5.95
C VAL B 682 25.40 1.58 -5.26
N ALA B 683 26.50 0.83 -5.23
CA ALA B 683 27.72 1.31 -4.59
C ALA B 683 28.30 2.54 -5.29
N GLU B 684 28.40 2.50 -6.61
CA GLU B 684 28.90 3.66 -7.36
C GLU B 684 27.99 4.87 -7.28
N LEU B 685 26.67 4.67 -7.18
CA LEU B 685 25.77 5.81 -6.99
C LEU B 685 25.97 6.46 -5.62
N VAL B 686 26.05 5.66 -4.57
CA VAL B 686 26.19 6.25 -3.24
C VAL B 686 27.60 6.78 -2.98
N GLY B 687 28.61 6.25 -3.67
CA GLY B 687 29.94 6.84 -3.62
C GLY B 687 31.03 5.92 -3.08
N VAL B 688 30.75 4.62 -3.00
CA VAL B 688 31.77 3.67 -2.59
C VAL B 688 32.85 3.59 -3.66
N GLU B 689 34.11 3.45 -3.23
CA GLU B 689 35.23 3.39 -4.15
C GLU B 689 36.09 2.19 -3.81
N GLU B 690 36.26 1.27 -4.76
CA GLU B 690 37.02 0.05 -4.52
C GLU B 690 38.50 0.33 -4.25
N GLY B 691 39.06 1.38 -4.84
CA GLY B 691 40.44 1.75 -4.55
C GLY B 691 40.69 2.03 -3.08
N PHE B 692 39.74 2.69 -2.42
CA PHE B 692 39.83 2.93 -0.98
C PHE B 692 39.56 1.65 -0.18
N LEU B 693 38.69 0.79 -0.68
CA LEU B 693 38.43 -0.49 -0.03
C LEU B 693 39.64 -1.42 -0.06
N ALA B 694 40.34 -1.48 -1.20
CA ALA B 694 41.62 -2.20 -1.25
C ALA B 694 42.66 -1.60 -0.32
N ARG B 695 42.66 -0.27 -0.18
CA ARG B 695 43.51 0.40 0.80
C ARG B 695 43.26 -0.09 2.23
N CYS B 696 42.00 -0.23 2.63
CA CYS B 696 41.71 -0.71 3.98
C CYS B 696 42.16 -2.16 4.22
N VAL B 697 42.13 -3.00 3.18
CA VAL B 697 42.76 -4.31 3.28
C VAL B 697 44.29 -4.19 3.25
N LYS B 698 44.80 -3.32 2.39
CA LYS B 698 46.24 -3.09 2.31
C LYS B 698 46.84 -2.67 3.65
N GLY B 699 46.09 -1.92 4.45
CA GLY B 699 46.51 -1.66 5.81
C GLY B 699 45.47 -0.85 6.54
N LYS B 700 45.75 -0.62 7.82
CA LYS B 700 44.89 0.24 8.62
C LYS B 700 44.82 1.63 7.98
N VAL B 701 43.61 2.10 7.75
CA VAL B 701 43.35 3.46 7.29
C VAL B 701 42.79 4.25 8.45
N VAL B 702 43.44 5.35 8.78
CA VAL B 702 42.93 6.33 9.73
C VAL B 702 42.48 7.55 8.95
N ALA B 703 41.23 7.96 9.15
CA ALA B 703 40.71 9.13 8.46
C ALA B 703 41.16 10.39 9.19
N ARG B 704 41.93 11.22 8.48
CA ARG B 704 42.57 12.39 9.06
C ARG B 704 41.82 13.68 8.77
N THR B 705 40.91 13.66 7.79
CA THR B 705 40.23 14.86 7.31
C THR B 705 38.78 14.52 7.04
N GLU B 706 37.95 15.58 6.99
CA GLU B 706 36.52 15.39 6.79
C GLU B 706 36.21 14.65 5.50
N ARG B 707 37.04 14.85 4.47
CA ARG B 707 36.94 14.06 3.24
C ARG B 707 37.05 12.56 3.54
N GLN B 708 38.07 12.17 4.29
CA GLN B 708 38.26 10.77 4.66
C GLN B 708 37.25 10.28 5.68
N HIS B 709 36.77 11.15 6.58
CA HIS B 709 35.74 10.73 7.54
C HIS B 709 34.44 10.31 6.86
N ARG B 710 33.89 11.15 5.97
CA ARG B 710 32.69 10.75 5.27
C ARG B 710 32.94 9.67 4.23
N GLN B 711 34.10 9.67 3.57
CA GLN B 711 34.44 8.57 2.68
C GLN B 711 34.43 7.24 3.43
N MET B 712 35.13 7.18 4.56
CA MET B 712 35.11 5.98 5.39
C MET B 712 33.71 5.66 5.89
N ALA B 713 32.96 6.69 6.31
CA ALA B 713 31.58 6.47 6.76
C ALA B 713 30.69 5.94 5.65
N ILE B 714 30.94 6.35 4.40
CA ILE B 714 30.21 5.76 3.27
C ILE B 714 30.49 4.27 3.16
N HIS B 715 31.78 3.90 3.21
CA HIS B 715 32.15 2.49 3.19
C HIS B 715 31.51 1.73 4.34
N LYS B 716 31.64 2.25 5.57
CA LYS B 716 31.11 1.57 6.73
C LYS B 716 29.58 1.50 6.73
N ARG B 717 28.92 2.53 6.21
CA ARG B 717 27.47 2.50 6.08
C ARG B 717 27.04 1.51 4.99
N PHE B 718 27.79 1.42 3.90
CA PHE B 718 27.52 0.42 2.87
C PHE B 718 27.64 -1.00 3.40
N PHE B 719 28.77 -1.30 4.06
CA PHE B 719 28.98 -2.63 4.65
C PHE B 719 27.84 -3.01 5.59
N THR B 720 27.40 -2.08 6.44
CA THR B 720 26.27 -2.33 7.33
C THR B 720 24.98 -2.59 6.57
N SER B 721 24.78 -1.91 5.44
CA SER B 721 23.59 -2.10 4.62
C SER B 721 23.53 -3.47 3.96
N LEU B 722 24.68 -4.06 3.61
CA LEU B 722 24.70 -5.44 3.13
C LEU B 722 24.22 -6.43 4.20
N VAL B 723 24.65 -6.23 5.45
CA VAL B 723 24.16 -7.07 6.56
C VAL B 723 22.65 -7.01 6.67
N LEU B 724 22.06 -5.81 6.59
CA LEU B 724 20.61 -5.71 6.64
C LEU B 724 19.92 -6.35 5.44
N LEU B 725 20.55 -6.34 4.26
CA LEU B 725 19.94 -6.98 3.10
C LEU B 725 19.88 -8.49 3.27
N ASP B 726 20.94 -9.12 3.79
CA ASP B 726 20.89 -10.54 4.06
C ASP B 726 19.92 -10.88 5.20
N LEU B 727 19.86 -10.02 6.21
CA LEU B 727 18.90 -10.21 7.30
C LEU B 727 17.46 -10.11 6.81
N ILE B 728 17.21 -9.20 5.87
CA ILE B 728 15.87 -9.04 5.29
C ILE B 728 15.52 -10.18 4.34
N SER B 729 16.50 -10.78 3.67
CA SER B 729 16.27 -12.01 2.94
C SER B 729 15.91 -13.22 3.81
N GLU B 730 15.89 -13.06 5.14
CA GLU B 730 15.77 -14.17 6.10
C GLU B 730 16.96 -15.12 6.03
N VAL B 731 18.12 -14.65 5.58
CA VAL B 731 19.34 -15.43 5.75
C VAL B 731 19.53 -15.64 7.25
N PRO B 732 19.63 -16.89 7.72
CA PRO B 732 19.74 -17.12 9.17
C PRO B 732 20.92 -16.39 9.80
N LEU B 733 20.75 -16.00 11.06
CA LEU B 733 21.75 -15.23 11.79
C LEU B 733 23.10 -15.94 11.81
N ARG B 734 23.08 -17.27 11.84
CA ARG B 734 24.32 -18.06 11.77
C ARG B 734 25.08 -17.83 10.47
N GLU B 735 24.38 -17.76 9.34
CA GLU B 735 25.06 -17.58 8.06
C GLU B 735 25.57 -16.15 7.90
N ILE B 736 24.83 -15.15 8.38
CA ILE B 736 25.35 -13.79 8.42
C ILE B 736 26.64 -13.73 9.23
N ASN B 737 26.62 -14.34 10.42
CA ASN B 737 27.82 -14.41 11.26
C ASN B 737 28.99 -15.05 10.51
N GLN B 738 28.74 -16.10 9.74
CA GLN B 738 29.82 -16.69 8.96
C GLN B 738 30.38 -15.71 7.94
N LYS B 739 29.49 -15.09 7.16
CA LYS B 739 29.94 -14.28 6.02
C LYS B 739 30.52 -12.94 6.45
N TYR B 740 29.84 -12.24 7.36
CA TYR B 740 30.31 -10.93 7.81
C TYR B 740 31.11 -10.92 9.10
N GLY B 741 30.96 -11.93 9.97
CA GLY B 741 31.81 -12.07 11.14
C GLY B 741 31.13 -11.73 12.47
N CYS B 742 30.11 -10.87 12.45
CA CYS B 742 29.59 -10.31 13.69
C CYS B 742 28.67 -11.29 14.42
N ASN B 743 28.51 -11.06 15.72
CA ASN B 743 27.72 -11.89 16.62
C ASN B 743 26.22 -11.65 16.47
N ARG B 744 25.45 -12.65 16.93
CA ARG B 744 23.99 -12.60 16.91
C ARG B 744 23.43 -11.33 17.53
N GLY B 745 23.94 -10.97 18.72
CA GLY B 745 23.44 -9.80 19.43
C GLY B 745 23.76 -8.49 18.76
N GLN B 746 24.86 -8.42 18.02
CA GLN B 746 25.16 -7.24 17.23
C GLN B 746 24.18 -7.05 16.09
N ILE B 747 23.85 -8.13 15.38
CA ILE B 747 22.85 -8.07 14.31
C ILE B 747 21.48 -7.67 14.85
N GLN B 748 21.06 -8.30 15.95
CA GLN B 748 19.74 -7.98 16.51
C GLN B 748 19.66 -6.56 17.06
N SER B 749 20.72 -6.07 17.71
CA SER B 749 20.67 -4.69 18.16
C SER B 749 20.78 -3.70 17.01
N LEU B 750 21.52 -4.06 15.96
CA LEU B 750 21.45 -3.31 14.70
C LEU B 750 20.06 -3.38 14.08
N GLN B 751 19.43 -4.54 14.12
CA GLN B 751 18.12 -4.73 13.54
C GLN B 751 17.03 -3.92 14.24
N GLN B 752 17.05 -3.87 15.56
CA GLN B 752 16.07 -3.07 16.30
C GLN B 752 16.26 -1.58 16.06
N SER B 753 17.50 -1.10 16.10
CA SER B 753 17.77 0.32 15.89
C SER B 753 17.49 0.75 14.45
N ALA B 754 17.81 -0.10 13.47
CA ALA B 754 17.44 0.19 12.08
C ALA B 754 15.94 0.22 11.87
N ALA B 755 15.18 -0.62 12.56
CA ALA B 755 13.73 -0.56 12.47
C ALA B 755 13.15 0.72 13.06
N VAL B 756 13.78 1.28 14.10
CA VAL B 756 13.39 2.59 14.59
C VAL B 756 13.71 3.68 13.55
N TYR B 757 14.91 3.63 12.99
CA TYR B 757 15.33 4.62 12.00
C TYR B 757 14.51 4.54 10.72
N ALA B 758 14.10 3.34 10.31
CA ALA B 758 13.16 3.21 9.20
C ALA B 758 11.84 3.93 9.45
N GLY B 759 11.37 3.92 10.70
CA GLY B 759 10.19 4.71 11.05
C GLY B 759 10.42 6.21 10.97
N MET B 760 11.57 6.69 11.45
CA MET B 760 11.91 8.10 11.36
C MET B 760 11.94 8.60 9.93
N ILE B 761 12.63 7.89 9.04
CA ILE B 761 12.71 8.32 7.64
C ILE B 761 11.37 8.23 6.93
N THR B 762 10.52 7.26 7.27
CA THR B 762 9.18 7.21 6.67
C THR B 762 8.37 8.45 7.02
N VAL B 763 8.29 8.80 8.30
CA VAL B 763 7.52 9.97 8.73
C VAL B 763 8.17 11.27 8.25
N PHE B 764 9.50 11.30 8.20
CA PHE B 764 10.21 12.43 7.62
C PHE B 764 9.83 12.67 6.15
N SER B 765 9.78 11.60 5.36
CA SER B 765 9.43 11.73 3.95
C SER B 765 7.96 12.11 3.76
N ASN B 766 7.07 11.61 4.61
CA ASN B 766 5.67 12.04 4.57
C ASN B 766 5.52 13.54 4.76
N ARG B 767 6.14 14.10 5.79
CA ARG B 767 5.96 15.51 6.08
C ARG B 767 6.59 16.41 5.03
N LEU B 768 7.70 15.98 4.42
CA LEU B 768 8.24 16.70 3.28
C LEU B 768 7.35 16.57 2.04
N GLY B 769 6.65 15.46 1.90
CA GLY B 769 5.82 15.23 0.75
C GLY B 769 6.45 14.42 -0.36
N TRP B 770 7.56 13.72 -0.09
CA TRP B 770 8.12 12.76 -1.04
C TRP B 770 7.30 11.47 -1.00
N HIS B 771 6.11 11.56 -1.61
CA HIS B 771 5.13 10.48 -1.50
C HIS B 771 5.58 9.16 -2.13
N ASN B 772 6.50 9.21 -3.10
CA ASN B 772 7.07 7.96 -3.62
C ASN B 772 7.93 7.26 -2.58
N MET B 773 8.74 8.01 -1.84
CA MET B 773 9.58 7.41 -0.80
C MET B 773 8.79 6.82 0.35
N GLU B 774 7.62 7.39 0.66
CA GLU B 774 6.73 6.74 1.62
C GLU B 774 6.40 5.31 1.22
N LEU B 775 6.11 5.08 -0.05
CA LEU B 775 5.67 3.75 -0.48
C LEU B 775 6.76 2.72 -0.25
N LEU B 776 7.97 3.01 -0.69
CA LEU B 776 9.09 2.07 -0.54
C LEU B 776 9.45 1.83 0.92
N LEU B 777 9.74 2.91 1.65
CA LEU B 777 10.31 2.82 3.00
C LEU B 777 9.34 2.28 4.05
N SER B 778 8.05 2.53 3.92
CA SER B 778 7.10 2.19 4.98
C SER B 778 7.02 0.69 5.26
N GLN B 779 7.09 -0.14 4.22
CA GLN B 779 7.16 -1.59 4.39
C GLN B 779 8.37 -2.04 5.19
N PHE B 780 9.51 -1.36 5.04
CA PHE B 780 10.76 -1.76 5.70
C PHE B 780 10.73 -1.68 7.23
N GLN B 781 9.95 -0.80 7.86
CA GLN B 781 9.96 -0.81 9.31
C GLN B 781 9.49 -2.15 9.87
N LYS B 782 8.39 -2.70 9.35
CA LYS B 782 7.94 -3.99 9.84
C LYS B 782 8.89 -5.11 9.41
N ARG B 783 9.34 -5.08 8.16
CA ARG B 783 10.26 -6.11 7.67
C ARG B 783 11.55 -6.15 8.46
N LEU B 784 12.09 -5.00 8.83
CA LEU B 784 13.28 -4.98 9.67
C LEU B 784 13.00 -5.46 11.08
N THR B 785 11.86 -5.05 11.65
CA THR B 785 11.56 -5.42 13.04
C THR B 785 11.53 -6.93 13.24
N PHE B 786 10.76 -7.63 12.41
CA PHE B 786 10.68 -9.09 12.52
C PHE B 786 11.71 -9.83 11.68
N GLY B 787 12.24 -9.20 10.63
CA GLY B 787 13.17 -9.90 9.77
C GLY B 787 12.52 -10.87 8.82
N ILE B 788 11.77 -10.36 7.84
CA ILE B 788 10.87 -11.18 7.04
C ILE B 788 10.84 -10.66 5.61
N GLN B 789 10.59 -11.56 4.67
CA GLN B 789 10.21 -11.20 3.32
C GLN B 789 8.85 -10.50 3.29
N ARG B 790 8.55 -9.89 2.14
CA ARG B 790 7.38 -9.02 2.03
C ARG B 790 6.08 -9.75 2.35
N GLU B 791 5.91 -10.96 1.81
CA GLU B 791 4.65 -11.68 1.93
C GLU B 791 4.24 -11.99 3.37
N LEU B 792 5.20 -12.05 4.28
CA LEU B 792 4.91 -12.37 5.68
C LEU B 792 4.40 -11.18 6.48
N CYS B 793 4.50 -9.97 5.94
CA CYS B 793 4.18 -8.75 6.68
C CYS B 793 2.72 -8.70 7.15
N ASP B 794 1.80 -9.34 6.43
CA ASP B 794 0.43 -9.39 6.94
C ASP B 794 0.28 -10.34 8.13
N LEU B 795 1.05 -11.41 8.17
CA LEU B 795 0.78 -12.51 9.09
C LEU B 795 1.38 -12.30 10.48
N VAL B 796 2.59 -11.72 10.54
CA VAL B 796 3.30 -11.54 11.80
C VAL B 796 2.66 -10.56 12.77
N ARG B 797 1.61 -9.83 12.37
CA ARG B 797 1.00 -8.91 13.32
C ARG B 797 0.22 -9.61 14.44
N VAL B 798 -0.04 -10.90 14.32
CA VAL B 798 -0.49 -11.69 15.46
C VAL B 798 0.70 -11.90 16.40
N SER B 799 0.67 -11.22 17.55
CA SER B 799 1.86 -11.03 18.37
C SER B 799 2.46 -12.33 18.86
N LEU B 800 1.69 -13.42 18.91
CA LEU B 800 2.23 -14.71 19.32
C LEU B 800 3.09 -15.34 18.24
N LEU B 801 3.14 -14.75 17.06
CA LEU B 801 3.74 -15.36 15.87
C LEU B 801 5.04 -14.63 15.55
N ASN B 802 6.15 -15.35 15.57
CA ASN B 802 7.42 -14.79 15.13
C ASN B 802 7.67 -15.13 13.66
N ALA B 803 8.81 -14.66 13.15
CA ALA B 803 9.16 -14.87 11.75
C ALA B 803 9.16 -16.35 11.37
N GLN B 804 9.74 -17.21 12.21
CA GLN B 804 9.80 -18.63 11.88
C GLN B 804 8.43 -19.30 11.97
N ARG B 805 7.65 -18.96 13.00
CA ARG B 805 6.28 -19.48 13.09
C ARG B 805 5.40 -18.93 11.98
N ALA B 806 5.59 -17.67 11.59
CA ALA B 806 4.89 -17.14 10.43
C ALA B 806 5.32 -17.85 9.15
N ARG B 807 6.60 -18.16 9.03
CA ARG B 807 7.11 -18.92 7.89
C ARG B 807 6.41 -20.26 7.71
N VAL B 808 6.28 -21.03 8.79
CA VAL B 808 5.65 -22.35 8.65
C VAL B 808 4.16 -22.25 8.44
N LEU B 809 3.47 -21.30 9.10
CA LEU B 809 2.06 -21.11 8.80
C LEU B 809 1.85 -20.62 7.37
N TYR B 810 2.66 -19.66 6.91
CA TYR B 810 2.60 -19.23 5.52
C TYR B 810 2.87 -20.38 4.57
N ALA B 811 3.96 -21.12 4.79
CA ALA B 811 4.31 -22.24 3.92
C ALA B 811 3.20 -23.27 3.85
N SER B 812 2.44 -23.45 4.93
CA SER B 812 1.29 -24.35 4.88
C SER B 812 0.16 -23.78 4.04
N GLY B 813 0.01 -22.46 4.00
CA GLY B 813 -1.07 -21.88 3.22
C GLY B 813 -1.91 -20.85 3.92
N PHE B 814 -1.73 -20.68 5.23
CA PHE B 814 -2.42 -19.64 5.99
C PHE B 814 -1.78 -18.28 5.71
N HIS B 815 -1.98 -17.83 4.47
CA HIS B 815 -1.35 -16.60 3.98
C HIS B 815 -1.92 -15.33 4.60
N THR B 816 -3.06 -15.40 5.29
CA THR B 816 -3.69 -14.21 5.84
C THR B 816 -4.25 -14.51 7.23
N VAL B 817 -4.37 -13.45 8.03
CA VAL B 817 -4.93 -13.56 9.37
C VAL B 817 -6.38 -14.04 9.34
N ALA B 818 -7.12 -13.74 8.28
CA ALA B 818 -8.46 -14.30 8.13
C ALA B 818 -8.41 -15.82 8.04
N ASP B 819 -7.49 -16.35 7.24
CA ASP B 819 -7.34 -17.80 7.15
C ASP B 819 -6.82 -18.41 8.45
N LEU B 820 -5.96 -17.70 9.16
CA LEU B 820 -5.52 -18.17 10.48
C LEU B 820 -6.65 -18.13 11.50
N ALA B 821 -7.61 -17.22 11.35
CA ALA B 821 -8.81 -17.27 12.19
C ALA B 821 -9.74 -18.40 11.76
N ARG B 822 -9.76 -18.71 10.46
CA ARG B 822 -10.50 -19.85 9.97
C ARG B 822 -9.86 -21.17 10.38
N ALA B 823 -8.53 -21.20 10.52
CA ALA B 823 -7.78 -22.43 10.75
C ALA B 823 -8.38 -23.28 11.87
N ASN B 824 -8.35 -24.59 11.67
CA ASN B 824 -8.53 -25.54 12.75
C ASN B 824 -7.28 -25.61 13.63
N ILE B 825 -7.49 -25.51 14.94
CA ILE B 825 -6.37 -25.44 15.88
C ILE B 825 -5.47 -26.66 15.75
N VAL B 826 -6.06 -27.83 15.51
CA VAL B 826 -5.28 -29.05 15.33
C VAL B 826 -4.33 -28.96 14.15
N GLU B 827 -4.68 -28.19 13.12
CA GLU B 827 -3.77 -28.01 11.99
C GLU B 827 -2.58 -27.14 12.36
N VAL B 828 -2.82 -26.05 13.10
CA VAL B 828 -1.73 -25.24 13.62
C VAL B 828 -0.84 -26.05 14.55
N GLU B 829 -1.44 -26.87 15.42
CA GLU B 829 -0.66 -27.77 16.25
C GLU B 829 0.26 -28.67 15.42
N VAL B 830 -0.29 -29.29 14.38
CA VAL B 830 0.51 -30.19 13.55
C VAL B 830 1.61 -29.42 12.82
N ILE B 831 1.29 -28.22 12.34
CA ILE B 831 2.31 -27.40 11.68
C ILE B 831 3.40 -26.97 12.64
N LEU B 832 3.03 -26.49 13.82
CA LEU B 832 4.04 -26.06 14.78
C LEU B 832 4.86 -27.23 15.32
N LYS B 833 4.22 -28.38 15.53
CA LYS B 833 4.98 -29.58 15.83
C LYS B 833 5.87 -29.99 14.66
N ASN B 834 5.37 -29.82 13.43
CA ASN B 834 6.19 -30.08 12.25
C ASN B 834 7.35 -29.11 12.14
N ALA B 835 7.15 -27.86 12.57
CA ALA B 835 8.22 -26.87 12.57
C ALA B 835 9.36 -27.28 13.48
N ASN B 857 3.42 -32.00 23.04
CA ASN B 857 4.21 -32.96 23.82
C ASN B 857 4.77 -32.32 25.08
N MET B 858 5.26 -31.10 24.96
CA MET B 858 5.93 -30.43 26.08
C MET B 858 5.95 -28.93 25.80
N ARG B 859 6.24 -28.16 26.85
CA ARG B 859 6.38 -26.71 26.78
C ARG B 859 7.71 -26.32 26.14
N THR B 860 7.67 -26.07 24.83
CA THR B 860 8.90 -25.79 24.10
C THR B 860 8.77 -24.62 23.11
N ILE B 861 7.59 -24.01 22.97
CA ILE B 861 7.48 -22.72 22.30
C ILE B 861 7.83 -21.63 23.29
N TRP B 862 8.52 -20.59 22.82
CA TRP B 862 8.77 -19.39 23.60
C TRP B 862 7.96 -18.20 23.09
N VAL B 863 7.30 -17.51 24.02
CA VAL B 863 6.54 -16.29 23.73
C VAL B 863 6.95 -15.26 24.77
N THR B 864 7.35 -14.08 24.30
CA THR B 864 8.03 -13.12 25.18
C THR B 864 7.15 -12.66 26.33
N GLY B 865 5.84 -12.59 26.12
CA GLY B 865 4.96 -12.17 27.19
C GLY B 865 4.50 -13.23 28.15
N ARG B 866 5.00 -14.47 27.99
CA ARG B 866 4.48 -15.61 28.72
C ARG B 866 5.62 -16.51 29.13
N LYS B 867 5.32 -17.47 30.00
CA LYS B 867 6.12 -18.68 30.07
C LYS B 867 6.05 -19.42 28.74
N GLY B 868 6.89 -20.45 28.60
CA GLY B 868 6.78 -21.31 27.44
C GLY B 868 5.42 -21.96 27.34
N LEU B 869 4.98 -22.18 26.10
CA LEU B 869 3.65 -22.70 25.81
C LEU B 869 3.75 -24.11 25.25
N THR B 870 2.74 -24.92 25.55
CA THR B 870 2.56 -26.16 24.81
C THR B 870 2.11 -25.85 23.38
N GLU B 871 2.38 -26.80 22.48
CA GLU B 871 1.96 -26.66 21.09
C GLU B 871 0.44 -26.47 20.97
N ARG B 872 -0.32 -27.15 21.82
CA ARG B 872 -1.78 -27.01 21.81
C ARG B 872 -2.23 -25.66 22.35
N GLU B 873 -1.63 -25.20 23.45
CA GLU B 873 -2.03 -23.92 24.04
C GLU B 873 -1.68 -22.73 23.13
N ALA B 874 -0.48 -22.73 22.54
CA ALA B 874 -0.12 -21.71 21.58
C ALA B 874 -1.06 -21.71 20.37
N ALA B 875 -1.31 -22.88 19.79
CA ALA B 875 -2.17 -22.96 18.62
C ALA B 875 -3.57 -22.41 18.89
N ALA B 876 -4.16 -22.74 20.03
CA ALA B 876 -5.47 -22.21 20.37
C ALA B 876 -5.45 -20.69 20.50
N LEU B 877 -4.48 -20.16 21.23
CA LEU B 877 -4.39 -18.72 21.40
C LEU B 877 -4.04 -18.00 20.11
N ILE B 878 -3.26 -18.62 19.24
CA ILE B 878 -2.99 -18.04 17.92
C ILE B 878 -4.29 -17.86 17.14
N VAL B 879 -5.12 -18.89 17.10
CA VAL B 879 -6.40 -18.80 16.40
C VAL B 879 -7.33 -17.78 17.08
N GLU B 880 -7.37 -17.80 18.41
CA GLU B 880 -8.21 -16.85 19.14
C GLU B 880 -7.73 -15.41 18.99
N GLU B 881 -6.42 -15.19 18.96
CA GLU B 881 -5.91 -13.85 18.64
C GLU B 881 -6.28 -13.43 17.22
N ALA B 882 -6.21 -14.34 16.26
CA ALA B 882 -6.60 -14.01 14.90
C ALA B 882 -8.08 -13.61 14.82
N ARG B 883 -8.94 -14.32 15.55
CA ARG B 883 -10.34 -13.91 15.64
C ARG B 883 -10.48 -12.56 16.33
N MET B 884 -9.73 -12.35 17.42
CA MET B 884 -9.72 -11.06 18.11
C MET B 884 -9.22 -9.93 17.22
N ILE B 885 -8.16 -10.19 16.45
CA ILE B 885 -7.68 -9.20 15.48
C ILE B 885 -8.75 -8.82 14.47
N LEU B 886 -9.43 -9.82 13.91
CA LEU B 886 -10.53 -9.54 12.99
C LEU B 886 -11.63 -8.70 13.64
N GLN B 887 -12.04 -9.05 14.87
CA GLN B 887 -13.09 -8.28 15.53
C GLN B 887 -12.69 -6.82 15.69
N GLN B 888 -11.47 -6.57 16.16
CA GLN B 888 -11.01 -5.21 16.37
C GLN B 888 -10.76 -4.48 15.05
N ASP B 889 -10.22 -5.18 14.06
CA ASP B 889 -9.96 -4.59 12.76
C ASP B 889 -11.25 -4.21 12.04
N LEU B 890 -12.23 -5.11 12.02
CA LEU B 890 -13.52 -4.78 11.42
C LEU B 890 -14.22 -3.66 12.17
N VAL B 891 -14.25 -3.73 13.50
CA VAL B 891 -14.66 -2.59 14.30
C VAL B 891 -13.56 -1.52 14.30
#